data_9DW5
#
_entry.id   9DW5
#
_cell.length_a   1.00
_cell.length_b   1.00
_cell.length_c   1.00
_cell.angle_alpha   90.00
_cell.angle_beta   90.00
_cell.angle_gamma   90.00
#
_symmetry.space_group_name_H-M   'P 1'
#
loop_
_entity.id
_entity.type
_entity.pdbx_description
1 polymer 'Cystic fibrosis transmembrane conductance regulator'
2 polymer 'cAMP-dependent protein kinase catalytic subunit alpha'
3 non-polymer 'MAGNESIUM ION'
4 non-polymer 'PHOSPHOAMINOPHOSPHONIC ACID-ADENYLATE ESTER'
#
loop_
_entity_poly.entity_id
_entity_poly.type
_entity_poly.pdbx_seq_one_letter_code
_entity_poly.pdbx_strand_id
1 'polypeptide(L)'
;MQRSPLEKASVVSKLFFSWTRPILRKGYRQRLELSDIYQIPSVDSADNLSEKLEREWDRELASKKNPKLINALRRCFFWR
FMFYGIFLYLGEVTKAVQPLLLGRIIASYDPDNKEERSIAIYLGIGLCLLFIVRTLLLHPAIFGLHHIGMQMRIAMFSLI
YKKTLKLSSRVLDKISIGQLVSLLSNNLNKFDEGLALAHFVWIAPLQVALLMGLIWELLQASAFCGLGFLIVLALFQAGL
GRMMMKYRDQRAGKISERLVITSEMIENIQSVKAYCWEEAMEKMIENLRQTELKLTRKAAYVRYFNSSAFFFSGFFVVFL
SVLPYALIKGIILRKIFTTISFCIVLRMAVTRQFPWAVQTWYDSLGAINKIQDFLQKQEYKTLEYNLTTTEVVMENVTAF
WEEGFGELFEKAKQNNNNRKTSNGDDSLFFSNFSLLGTPVLKDINFKIERGQLLAVAGSTGAGKTSLLMVIMGELEPSEG
KIKHSGRISFCSQFSWIMPGTIKENIIFGVSYDEYRYRSVIKACQLEEDISKFAEKDNIVLGEGGITLSGGQRARISLAR
AVYKDADLYLLDSPFGYLDVLTEKEIFESCVCKLMANKTRILVTSKMEHLKKADKILILHEGSSYFYGTFSELQNLQPDF
SSKLMGCDSFDQFSAERRNSILTETLHRFSLEGDAPVSWTETKKQSFKQTGEFGEKRKNSILNPINSIRKFSIVQKTPLQ
MNGIEEDSDEPLERRLSLVPDSEQGEAILPRISVISTGPTLQARRRQSVLNLMTHSVNQGQNIHRKTTASTRKVSLAPQA
NLTELDIYSRRLSQETGLEISEEINEEDLKECFFDDMESIPAVTTWNTYLRYITVHKSLIFVLIWCLVIFLAEVAASLVV
LWLLGNTPLQDKGNSTHSRNNSYAVIITSTSSYYVFYIYVGVADTLLAMGFFRGLPLVHTLITVSKILHHKMLHSVLQAP
MSTLNTLKAGGILNRFSKDIAILDDLLPLTIFDFIQLLLIVIGAIAVVAVLQPYIFVATVPVIVAFIMLRAYFLQTSQQL
KQLESEGRSPIFTHLVTSLKGLWTLRAFGRQPYFETLFHKALNLHTANWFLYLSTLRWFQMRIEMIFVIFFIAVTFISIL
TTGEGEGRVGIILTLAMNIMSTLQWAVNSSIDVDSLMRSVSRVFKFIDMPTEGKPTKSTKPYKNGQLSKVMIIENSHVKK
DDIWPSGGQMTVKDLTAKYTEGGNAILENISFSISPGQRVGLLGRTGSGKSTLLSAFLRLLNTEGEIQIDGVSWDSITLQ
QWRKAFGVIPQKVFIFSGTFRKNLDPYEQWSDQEIWKVADEVGLRSVIEQFPGKLDFVLVDGGCVLSHGHKQLMCLARSV
LSKAKILLLDEPSAHLDPVTYQIIRRTLKQAFADCTVILCEHRIEAMLECQQFLVIEENKVRQYDSIQKLLNERSLFRQA
ISPSDRVKLFPHRNSSKCKSKPQIAALKEETEEEVQDTRL
;
A
2 'polypeptide(L)'
;MGNAAAAKKGSEQESVKEFLAKAKEDFLKKWENPAQNTAHLDQFERIKTLGTGSFGRVMLVKHMETGNHYAMKILDKQKV
VKLKQIEHTLNEKRILQAVNFPFLVKLEFSFKDNSNLYMVMEYVPGGEMFSHLRRIGRFSEPHARFYAAQIVLTFEYLHS
LDLIYRDLKPENLLIDQQGYIQVTDFGFAKRVKGRTW(TPO)LCGTPEYLAPEIILSKGYNKAVDWWALGVLIYEMAAGY
PPFFADQPIQIYEKIVSGKVRFPSHFSSDLKDLLRNLLQVDLTKRFGNLKNGVNDIKNHKWFATTDWIAIYQRKVEAPFI
PKFKGPGDTSNFDDYEEEEIRVSINEKCGKEFSEF
;
G
#
# COMPACT_ATOMS: atom_id res chain seq x y z
N ARG A 3 13.75 -21.78 9.57
CA ARG A 3 14.57 -21.12 8.56
C ARG A 3 15.34 -19.94 9.17
N SER A 4 14.62 -19.08 9.88
CA SER A 4 15.25 -17.96 10.54
C SER A 4 16.16 -18.43 11.67
N PRO A 5 17.33 -17.80 11.84
CA PRO A 5 18.22 -18.19 12.94
C PRO A 5 17.64 -17.95 14.32
N LEU A 6 16.60 -17.11 14.44
CA LEU A 6 15.96 -16.91 15.74
C LEU A 6 15.37 -18.21 16.26
N GLU A 7 14.75 -19.01 15.37
CA GLU A 7 14.19 -20.29 15.78
C GLU A 7 15.26 -21.25 16.28
N LYS A 8 16.49 -21.14 15.80
CA LYS A 8 17.61 -21.97 16.24
C LYS A 8 18.63 -21.08 16.94
N ALA A 9 18.40 -20.84 18.23
CA ALA A 9 19.24 -19.93 18.99
C ALA A 9 19.12 -20.24 20.48
N SER A 10 20.23 -20.08 21.18
CA SER A 10 20.24 -20.29 22.62
C SER A 10 19.48 -19.18 23.33
N VAL A 11 19.05 -19.47 24.56
CA VAL A 11 18.37 -18.47 25.37
C VAL A 11 19.31 -17.30 25.65
N VAL A 12 20.58 -17.61 25.94
CA VAL A 12 21.57 -16.56 26.16
C VAL A 12 21.73 -15.69 24.92
N SER A 13 21.81 -16.33 23.74
CA SER A 13 21.93 -15.58 22.50
C SER A 13 20.71 -14.70 22.26
N LYS A 14 19.51 -15.24 22.53
CA LYS A 14 18.31 -14.44 22.39
C LYS A 14 18.28 -13.29 23.39
N LEU A 15 18.93 -13.45 24.53
CA LEU A 15 18.97 -12.37 25.52
C LEU A 15 20.05 -11.37 25.17
N PHE A 16 21.18 -11.83 24.64
CA PHE A 16 22.30 -10.97 24.30
C PHE A 16 22.36 -10.58 22.83
N PHE A 17 21.35 -10.96 22.04
CA PHE A 17 21.33 -10.67 20.60
C PHE A 17 22.61 -11.13 19.92
N SER A 18 23.05 -12.35 20.25
CA SER A 18 24.27 -12.89 19.65
C SER A 18 24.05 -13.40 18.24
N TRP A 19 22.79 -13.62 17.83
CA TRP A 19 22.52 -14.16 16.51
C TRP A 19 22.68 -13.14 15.40
N THR A 20 22.88 -11.87 15.73
CA THR A 20 23.10 -10.83 14.73
C THR A 20 24.58 -10.65 14.39
N ARG A 21 25.46 -11.44 14.97
CA ARG A 21 26.88 -11.32 14.65
C ARG A 21 27.23 -11.62 13.20
N PRO A 22 26.79 -12.75 12.59
CA PRO A 22 27.31 -13.09 11.26
C PRO A 22 27.01 -12.06 10.18
N ILE A 23 25.85 -11.40 10.22
CA ILE A 23 25.57 -10.38 9.22
C ILE A 23 26.55 -9.22 9.34
N LEU A 24 26.82 -8.79 10.57
CA LEU A 24 27.82 -7.74 10.77
C LEU A 24 29.20 -8.20 10.31
N ARG A 25 29.52 -9.48 10.55
CA ARG A 25 30.82 -10.01 10.14
C ARG A 25 30.97 -9.98 8.63
N LYS A 26 29.91 -10.33 7.90
CA LYS A 26 29.97 -10.40 6.45
C LYS A 26 29.90 -9.02 5.82
N GLY A 27 28.93 -8.20 6.24
CA GLY A 27 28.67 -6.93 5.57
C GLY A 27 29.79 -5.92 5.72
N TYR A 28 30.46 -5.90 6.87
CA TYR A 28 31.54 -4.93 7.08
C TYR A 28 32.67 -5.16 6.08
N ARG A 29 32.85 -6.40 5.64
CA ARG A 29 33.94 -6.74 4.73
C ARG A 29 33.52 -6.76 3.27
N GLN A 30 32.27 -7.13 2.97
CA GLN A 30 31.80 -7.20 1.60
C GLN A 30 30.40 -6.61 1.50
N ARG A 31 30.05 -6.20 0.28
CA ARG A 31 28.72 -5.64 0.02
C ARG A 31 27.65 -6.71 0.23
N LEU A 32 26.54 -6.31 0.84
CA LEU A 32 25.43 -7.23 1.05
C LEU A 32 24.72 -7.54 -0.26
N GLU A 33 24.28 -8.79 -0.39
CA GLU A 33 23.32 -9.16 -1.42
C GLU A 33 21.95 -9.33 -0.78
N LEU A 34 20.91 -8.90 -1.51
CA LEU A 34 19.55 -8.96 -0.97
C LEU A 34 19.16 -10.38 -0.59
N SER A 35 19.75 -11.38 -1.25
CA SER A 35 19.47 -12.76 -0.89
C SER A 35 20.09 -13.16 0.45
N ASP A 36 21.02 -12.36 0.97
CA ASP A 36 21.65 -12.68 2.25
C ASP A 36 20.77 -12.34 3.44
N ILE A 37 19.66 -11.63 3.21
CA ILE A 37 18.75 -11.30 4.30
C ILE A 37 18.10 -12.57 4.82
N TYR A 38 18.03 -12.69 6.15
CA TYR A 38 17.52 -13.89 6.77
C TYR A 38 16.04 -14.07 6.48
N GLN A 39 15.61 -15.33 6.42
CA GLN A 39 14.21 -15.63 6.22
C GLN A 39 13.37 -15.09 7.38
N ILE A 40 12.17 -14.60 7.05
CA ILE A 40 11.31 -14.03 8.08
C ILE A 40 10.91 -15.11 9.08
N PRO A 41 10.76 -14.79 10.36
CA PRO A 41 10.18 -15.77 11.29
C PRO A 41 8.75 -16.12 10.88
N SER A 42 8.38 -17.38 11.10
CA SER A 42 7.08 -17.85 10.63
C SER A 42 5.93 -17.13 11.32
N VAL A 43 6.18 -16.54 12.48
CA VAL A 43 5.12 -15.82 13.18
C VAL A 43 4.87 -14.46 12.53
N ASP A 44 5.88 -13.92 11.84
CA ASP A 44 5.79 -12.58 11.25
C ASP A 44 5.31 -12.59 9.81
N SER A 45 4.91 -13.75 9.28
CA SER A 45 4.36 -13.79 7.94
C SER A 45 3.08 -12.96 7.86
N ALA A 46 2.86 -12.34 6.70
CA ALA A 46 1.70 -11.48 6.54
C ALA A 46 0.39 -12.25 6.70
N ASP A 47 0.33 -13.45 6.14
CA ASP A 47 -0.90 -14.24 6.21
C ASP A 47 -1.25 -14.60 7.64
N ASN A 48 -0.26 -14.98 8.45
CA ASN A 48 -0.52 -15.39 9.83
C ASN A 48 -1.13 -14.29 10.68
N LEU A 49 -0.63 -13.06 10.58
CA LEU A 49 -1.19 -11.93 11.31
C LEU A 49 -2.49 -11.43 10.72
N SER A 50 -2.59 -11.45 9.39
CA SER A 50 -3.79 -10.96 8.72
C SER A 50 -5.00 -11.79 9.11
N GLU A 51 -4.88 -13.12 9.11
CA GLU A 51 -6.01 -13.96 9.45
C GLU A 51 -6.43 -13.77 10.91
N LYS A 52 -5.46 -13.62 11.81
CA LYS A 52 -5.78 -13.41 13.22
C LYS A 52 -6.54 -12.11 13.43
N LEU A 53 -5.99 -11.00 12.92
CA LEU A 53 -6.66 -9.72 13.14
C LEU A 53 -8.01 -9.70 12.42
N GLU A 54 -8.09 -10.32 11.24
CA GLU A 54 -9.37 -10.35 10.52
C GLU A 54 -10.42 -11.15 11.29
N ARG A 55 -10.01 -12.27 11.90
CA ARG A 55 -10.96 -13.05 12.68
C ARG A 55 -11.44 -12.26 13.89
N GLU A 56 -10.54 -11.55 14.58
CA GLU A 56 -10.99 -10.74 15.70
C GLU A 56 -11.89 -9.60 15.23
N TRP A 57 -11.56 -8.98 14.10
CA TRP A 57 -12.33 -7.84 13.63
C TRP A 57 -13.73 -8.26 13.17
N ASP A 58 -13.84 -9.40 12.49
CA ASP A 58 -15.17 -9.82 12.05
C ASP A 58 -15.97 -10.39 13.22
N ARG A 59 -15.31 -10.96 14.24
CA ARG A 59 -16.02 -11.26 15.47
C ARG A 59 -16.58 -10.01 16.12
N GLU A 60 -15.80 -8.92 16.14
CA GLU A 60 -16.30 -7.65 16.63
C GLU A 60 -17.48 -7.15 15.80
N LEU A 61 -17.38 -7.29 14.48
CA LEU A 61 -18.44 -6.82 13.59
C LEU A 61 -19.73 -7.58 13.83
N ALA A 62 -19.64 -8.91 13.98
CA ALA A 62 -20.83 -9.73 14.13
C ALA A 62 -21.32 -9.82 15.57
N SER A 63 -20.54 -9.32 16.53
CA SER A 63 -20.93 -9.46 17.93
C SER A 63 -21.74 -8.25 18.41
N LYS A 64 -21.21 -7.04 18.19
CA LYS A 64 -21.83 -5.84 18.74
C LYS A 64 -22.11 -4.85 17.62
N LYS A 65 -22.90 -3.83 17.95
CA LYS A 65 -23.23 -2.74 17.04
C LYS A 65 -22.33 -1.53 17.23
N ASN A 66 -21.21 -1.70 17.94
CA ASN A 66 -20.24 -0.63 18.17
C ASN A 66 -18.88 -1.11 17.70
N PRO A 67 -18.61 -1.04 16.40
CA PRO A 67 -17.39 -1.63 15.86
C PRO A 67 -16.14 -0.84 16.19
N LYS A 68 -15.59 -1.04 17.39
CA LYS A 68 -14.35 -0.40 17.81
C LYS A 68 -13.19 -1.32 17.43
N LEU A 69 -12.34 -0.86 16.51
CA LEU A 69 -11.21 -1.67 16.05
C LEU A 69 -10.17 -1.85 17.16
N ILE A 70 -9.99 -0.83 18.01
CA ILE A 70 -9.06 -0.97 19.12
C ILE A 70 -9.52 -2.06 20.08
N ASN A 71 -10.84 -2.28 20.18
CA ASN A 71 -11.35 -3.35 21.00
C ASN A 71 -11.03 -4.72 20.39
N ALA A 72 -10.63 -4.75 19.12
CA ALA A 72 -10.17 -5.99 18.52
C ALA A 72 -8.66 -6.13 18.61
N LEU A 73 -7.94 -5.00 18.55
CA LEU A 73 -6.49 -5.04 18.75
C LEU A 73 -6.14 -5.43 20.19
N ARG A 74 -6.98 -5.05 21.15
CA ARG A 74 -6.71 -5.36 22.55
C ARG A 74 -6.60 -6.85 22.78
N ARG A 75 -7.69 -7.59 22.54
CA ARG A 75 -7.70 -9.02 22.78
C ARG A 75 -6.70 -9.78 21.93
N CYS A 76 -5.98 -9.09 21.05
CA CYS A 76 -4.86 -9.68 20.30
C CYS A 76 -3.53 -9.45 20.99
N PHE A 77 -3.22 -8.20 21.36
CA PHE A 77 -1.86 -7.84 21.73
C PHE A 77 -1.68 -7.36 23.16
N PHE A 78 -2.77 -7.26 23.94
CA PHE A 78 -2.71 -6.58 25.23
C PHE A 78 -1.81 -7.29 26.22
N TRP A 79 -1.84 -8.62 26.24
CA TRP A 79 -1.10 -9.34 27.27
C TRP A 79 0.40 -9.25 27.05
N ARG A 80 0.87 -9.39 25.82
CA ARG A 80 2.28 -9.18 25.55
C ARG A 80 2.68 -7.73 25.78
N PHE A 81 1.81 -6.78 25.42
CA PHE A 81 2.08 -5.37 25.71
C PHE A 81 2.33 -5.15 27.20
N MET A 82 1.44 -5.68 28.05
CA MET A 82 1.58 -5.51 29.49
C MET A 82 2.79 -6.26 30.03
N PHE A 83 3.07 -7.44 29.48
CA PHE A 83 4.22 -8.22 29.93
C PHE A 83 5.52 -7.44 29.71
N TYR A 84 5.65 -6.79 28.55
CA TYR A 84 6.82 -5.96 28.33
C TYR A 84 6.80 -4.68 29.16
N GLY A 85 5.61 -4.10 29.36
CA GLY A 85 5.52 -2.89 30.17
C GLY A 85 5.94 -3.09 31.61
N ILE A 86 5.66 -4.26 32.17
CA ILE A 86 6.05 -4.53 33.56
C ILE A 86 7.56 -4.45 33.72
N PHE A 87 8.29 -5.11 32.82
CA PHE A 87 9.75 -5.06 32.89
C PHE A 87 10.29 -3.67 32.56
N LEU A 88 9.63 -2.93 31.68
CA LEU A 88 10.01 -1.54 31.48
C LEU A 88 9.87 -0.74 32.77
N TYR A 89 8.77 -0.96 33.49
CA TYR A 89 8.55 -0.27 34.76
C TYR A 89 9.64 -0.61 35.77
N LEU A 90 10.00 -1.89 35.86
CA LEU A 90 11.03 -2.28 36.81
C LEU A 90 12.39 -1.68 36.43
N GLY A 91 12.71 -1.66 35.13
CA GLY A 91 13.96 -1.08 34.69
C GLY A 91 14.02 0.42 34.88
N GLU A 92 12.87 1.07 34.94
CA GLU A 92 12.85 2.49 35.30
C GLU A 92 12.95 2.70 36.80
N VAL A 93 12.31 1.83 37.58
CA VAL A 93 12.31 1.96 39.03
C VAL A 93 13.70 1.75 39.60
N THR A 94 14.46 0.79 39.04
CA THR A 94 15.82 0.58 39.53
C THR A 94 16.69 1.83 39.31
N LYS A 95 16.55 2.47 38.15
CA LYS A 95 17.29 3.71 37.89
C LYS A 95 16.85 4.81 38.85
N ALA A 96 15.55 4.89 39.13
CA ALA A 96 15.06 5.94 40.03
C ALA A 96 15.54 5.74 41.46
N VAL A 97 15.67 4.48 41.90
CA VAL A 97 16.02 4.19 43.29
C VAL A 97 17.51 4.00 43.50
N GLN A 98 18.31 3.94 42.43
CA GLN A 98 19.76 3.83 42.59
C GLN A 98 20.40 4.92 43.44
N PRO A 99 20.06 6.21 43.33
CA PRO A 99 20.78 7.25 44.10
C PRO A 99 20.65 7.09 45.62
N LEU A 100 19.66 6.35 46.11
CA LEU A 100 19.59 6.10 47.54
C LEU A 100 20.81 5.32 48.02
N LEU A 101 21.39 4.48 47.16
CA LEU A 101 22.61 3.79 47.51
C LEU A 101 23.80 4.73 47.53
N LEU A 102 23.87 5.65 46.57
CA LEU A 102 24.95 6.63 46.54
C LEU A 102 24.92 7.50 47.79
N GLY A 103 23.74 7.97 48.18
CA GLY A 103 23.62 8.80 49.36
C GLY A 103 24.12 8.13 50.62
N ARG A 104 24.14 6.80 50.65
CA ARG A 104 24.68 6.04 51.76
C ARG A 104 26.15 5.70 51.56
N ILE A 105 26.62 5.68 50.31
CA ILE A 105 28.03 5.40 50.04
C ILE A 105 28.92 6.51 50.58
N ILE A 106 28.44 7.75 50.60
CA ILE A 106 29.26 8.91 50.95
C ILE A 106 29.61 8.88 52.43
N ALA A 107 29.16 7.85 53.14
CA ALA A 107 29.43 7.71 54.57
C ALA A 107 30.93 7.81 54.87
N SER A 108 31.76 7.25 54.00
CA SER A 108 33.21 7.34 54.18
C SER A 108 33.75 8.59 53.48
N SER A 118 36.05 -0.74 53.95
CA SER A 118 35.24 -1.51 54.88
C SER A 118 33.89 -1.86 54.26
N ILE A 119 32.81 -1.36 54.86
CA ILE A 119 31.47 -1.63 54.36
C ILE A 119 31.24 -1.01 52.99
N ALA A 120 32.00 0.03 52.64
CA ALA A 120 31.72 0.77 51.41
C ALA A 120 31.97 -0.07 50.17
N ILE A 121 32.86 -1.06 50.24
CA ILE A 121 33.13 -1.91 49.09
C ILE A 121 31.88 -2.71 48.71
N TYR A 122 31.17 -3.23 49.71
CA TYR A 122 29.93 -3.95 49.44
C TYR A 122 28.88 -3.04 48.82
N LEU A 123 28.79 -1.80 49.30
CA LEU A 123 27.87 -0.84 48.69
C LEU A 123 28.24 -0.54 47.25
N GLY A 124 29.53 -0.44 46.95
CA GLY A 124 29.94 -0.24 45.57
C GLY A 124 29.60 -1.42 44.68
N ILE A 125 29.78 -2.63 45.20
CA ILE A 125 29.39 -3.82 44.45
C ILE A 125 27.88 -3.80 44.19
N GLY A 126 27.09 -3.43 45.20
CA GLY A 126 25.66 -3.30 45.01
C GLY A 126 25.30 -2.24 43.99
N LEU A 127 26.06 -1.13 43.95
CA LEU A 127 25.82 -0.10 42.96
C LEU A 127 26.09 -0.62 41.55
N CYS A 128 27.15 -1.42 41.40
CA CYS A 128 27.42 -2.06 40.11
C CYS A 128 26.31 -3.03 39.72
N LEU A 129 25.78 -3.77 40.69
CA LEU A 129 24.74 -4.76 40.39
C LEU A 129 23.50 -4.12 39.80
N LEU A 130 23.12 -2.94 40.31
CA LEU A 130 21.93 -2.26 39.78
C LEU A 130 22.11 -1.91 38.31
N PHE A 131 23.27 -1.36 37.94
CA PHE A 131 23.53 -1.04 36.54
C PHE A 131 23.54 -2.30 35.68
N ILE A 132 24.14 -3.38 36.18
CA ILE A 132 24.18 -4.63 35.44
C ILE A 132 22.76 -5.14 35.18
N VAL A 133 21.89 -5.03 36.18
CA VAL A 133 20.51 -5.51 36.02
C VAL A 133 19.74 -4.62 35.07
N ARG A 134 19.93 -3.29 35.17
CA ARG A 134 19.23 -2.38 34.29
C ARG A 134 19.63 -2.58 32.83
N THR A 135 20.90 -2.90 32.58
CA THR A 135 21.33 -3.18 31.22
C THR A 135 20.53 -4.31 30.58
N LEU A 136 20.13 -5.32 31.37
CA LEU A 136 19.41 -6.47 30.83
C LEU A 136 17.91 -6.35 30.96
N LEU A 137 17.40 -5.44 31.78
CA LEU A 137 15.95 -5.35 31.99
C LEU A 137 15.25 -4.34 31.09
N LEU A 138 16.00 -3.51 30.35
CA LEU A 138 15.37 -2.47 29.54
C LEU A 138 15.29 -2.84 28.06
N HIS A 139 16.43 -3.12 27.44
CA HIS A 139 16.51 -3.34 26.00
C HIS A 139 15.74 -4.56 25.53
N PRO A 140 15.82 -5.71 26.21
CA PRO A 140 15.02 -6.87 25.75
C PRO A 140 13.52 -6.64 25.77
N ALA A 141 13.04 -5.67 26.55
CA ALA A 141 11.62 -5.36 26.54
C ALA A 141 11.29 -4.33 25.46
N ILE A 142 12.20 -3.38 25.23
CA ILE A 142 12.01 -2.41 24.17
C ILE A 142 11.97 -3.11 22.80
N PHE A 143 12.86 -4.09 22.60
CA PHE A 143 12.85 -4.83 21.35
C PHE A 143 11.53 -5.57 21.16
N GLY A 144 11.01 -6.17 22.23
CA GLY A 144 9.72 -6.84 22.13
C GLY A 144 8.59 -5.89 21.81
N LEU A 145 8.61 -4.69 22.40
CA LEU A 145 7.60 -3.70 22.07
C LEU A 145 7.68 -3.30 20.61
N HIS A 146 8.89 -3.11 20.09
CA HIS A 146 9.06 -2.79 18.67
C HIS A 146 8.55 -3.94 17.79
N HIS A 147 8.80 -5.18 18.21
CA HIS A 147 8.30 -6.33 17.48
C HIS A 147 6.77 -6.33 17.43
N ILE A 148 6.14 -6.02 18.56
CA ILE A 148 4.68 -5.96 18.61
C ILE A 148 4.16 -4.86 17.68
N GLY A 149 4.82 -3.70 17.69
CA GLY A 149 4.45 -2.64 16.76
C GLY A 149 4.56 -3.07 15.31
N MET A 150 5.63 -3.78 14.96
CA MET A 150 5.78 -4.29 13.60
C MET A 150 4.64 -5.24 13.25
N GLN A 151 4.26 -6.11 14.19
CA GLN A 151 3.14 -6.99 13.93
C GLN A 151 1.84 -6.23 13.65
N MET A 152 1.53 -5.21 14.47
CA MET A 152 0.31 -4.46 14.23
C MET A 152 0.36 -3.75 12.88
N ARG A 153 1.51 -3.17 12.54
CA ARG A 153 1.61 -2.45 11.27
C ARG A 153 1.38 -3.40 10.09
N ILE A 154 2.00 -4.58 10.14
CA ILE A 154 1.84 -5.55 9.05
C ILE A 154 0.39 -5.97 8.92
N ALA A 155 -0.24 -6.30 10.05
CA ALA A 155 -1.62 -6.78 9.99
C ALA A 155 -2.56 -5.70 9.48
N MET A 156 -2.37 -4.46 9.93
CA MET A 156 -3.22 -3.36 9.47
C MET A 156 -3.04 -3.11 7.97
N PHE A 157 -1.80 -3.14 7.49
CA PHE A 157 -1.57 -2.95 6.05
C PHE A 157 -2.25 -4.05 5.25
N SER A 158 -2.11 -5.30 5.70
CA SER A 158 -2.74 -6.40 4.99
C SER A 158 -4.27 -6.27 4.98
N LEU A 159 -4.86 -5.87 6.11
CA LEU A 159 -6.31 -5.68 6.15
C LEU A 159 -6.75 -4.56 5.22
N ILE A 160 -6.01 -3.45 5.19
CA ILE A 160 -6.41 -2.33 4.33
C ILE A 160 -6.32 -2.74 2.86
N TYR A 161 -5.31 -3.54 2.50
CA TYR A 161 -5.25 -3.99 1.12
C TYR A 161 -6.36 -4.97 0.80
N LYS A 162 -6.65 -5.90 1.71
CA LYS A 162 -7.73 -6.84 1.48
C LYS A 162 -9.08 -6.16 1.38
N LYS A 163 -9.25 -5.00 2.00
CA LYS A 163 -10.46 -4.22 1.83
C LYS A 163 -10.41 -3.28 0.63
N THR A 164 -9.23 -3.03 0.07
CA THR A 164 -9.14 -2.17 -1.11
C THR A 164 -9.71 -2.82 -2.36
N LEU A 165 -9.95 -4.13 -2.34
CA LEU A 165 -10.56 -4.84 -3.47
C LEU A 165 -12.01 -5.21 -3.23
N LYS A 166 -12.74 -4.39 -2.48
CA LYS A 166 -14.15 -4.64 -2.21
C LYS A 166 -15.04 -3.43 -2.36
N LEU A 167 -14.49 -2.23 -2.51
CA LEU A 167 -15.30 -1.03 -2.62
C LEU A 167 -16.05 -1.01 -3.95
N SER A 168 -17.26 -0.44 -3.92
CA SER A 168 -18.03 -0.26 -5.14
C SER A 168 -17.57 0.98 -5.90
N SER A 169 -17.81 0.97 -7.21
CA SER A 169 -17.43 2.11 -8.04
C SER A 169 -18.20 3.37 -7.66
N ARG A 170 -19.30 3.22 -6.94
CA ARG A 170 -20.05 4.39 -6.47
C ARG A 170 -19.22 5.23 -5.51
N VAL A 171 -18.45 4.59 -4.64
CA VAL A 171 -17.56 5.31 -3.72
C VAL A 171 -16.10 5.25 -4.15
N LEU A 172 -15.76 4.41 -5.13
CA LEU A 172 -14.37 4.31 -5.56
C LEU A 172 -13.90 5.57 -6.26
N ASP A 173 -14.70 6.08 -7.21
CA ASP A 173 -14.32 7.26 -7.97
C ASP A 173 -14.40 8.54 -7.16
N LYS A 174 -15.18 8.57 -6.09
CA LYS A 174 -15.30 9.76 -5.26
C LYS A 174 -14.01 10.08 -4.51
N ILE A 175 -13.33 9.05 -3.99
CA ILE A 175 -12.12 9.27 -3.21
C ILE A 175 -10.99 9.73 -4.13
N SER A 176 -10.05 10.46 -3.56
CA SER A 176 -8.87 10.87 -4.31
C SER A 176 -7.86 9.73 -4.37
N ILE A 177 -7.06 9.73 -5.45
CA ILE A 177 -6.02 8.72 -5.58
C ILE A 177 -5.00 8.85 -4.46
N GLY A 178 -4.60 10.07 -4.14
CA GLY A 178 -3.59 10.31 -3.13
C GLY A 178 -4.00 10.04 -1.70
N GLN A 179 -5.31 9.93 -1.44
CA GLN A 179 -5.77 9.70 -0.07
C GLN A 179 -5.21 8.40 0.49
N LEU A 180 -5.33 7.31 -0.28
CA LEU A 180 -4.89 6.01 0.20
C LEU A 180 -3.39 5.98 0.44
N VAL A 181 -2.60 6.52 -0.50
CA VAL A 181 -1.16 6.48 -0.35
C VAL A 181 -0.71 7.37 0.80
N SER A 182 -1.35 8.52 0.98
CA SER A 182 -1.02 9.39 2.10
C SER A 182 -1.32 8.69 3.42
N LEU A 183 -2.49 8.06 3.54
CA LEU A 183 -2.83 7.36 4.78
C LEU A 183 -1.87 6.21 5.04
N LEU A 184 -1.50 5.46 3.99
CA LEU A 184 -0.63 4.30 4.18
C LEU A 184 0.78 4.72 4.57
N SER A 185 1.33 5.73 3.88
CA SER A 185 2.71 6.13 4.14
C SER A 185 2.81 7.04 5.36
N ASN A 186 1.69 7.53 5.88
CA ASN A 186 1.72 8.43 7.03
C ASN A 186 2.28 7.71 8.26
N ASN A 187 1.92 6.45 8.46
CA ASN A 187 2.35 5.68 9.61
C ASN A 187 3.27 4.53 9.23
N LEU A 188 4.02 4.65 8.14
CA LEU A 188 4.87 3.54 7.69
C LEU A 188 5.99 3.25 8.68
N ASN A 189 6.49 4.27 9.38
CA ASN A 189 7.57 4.07 10.33
C ASN A 189 7.19 4.58 11.71
N LYS A 190 6.17 5.44 11.77
CA LYS A 190 5.74 6.00 13.05
C LYS A 190 5.19 4.92 13.98
N PHE A 191 4.39 4.01 13.44
CA PHE A 191 3.72 3.02 14.28
C PHE A 191 4.74 2.04 14.88
N ASP A 192 5.78 1.70 14.12
CA ASP A 192 6.72 0.67 14.58
C ASP A 192 7.55 1.16 15.75
N GLU A 193 8.05 2.39 15.68
CA GLU A 193 8.84 2.96 16.76
C GLU A 193 8.00 3.76 17.75
N GLY A 194 6.69 3.82 17.56
CA GLY A 194 5.83 4.56 18.45
C GLY A 194 5.24 3.69 19.54
N LEU A 195 6.04 2.77 20.08
CA LEU A 195 5.62 1.94 21.21
C LEU A 195 6.58 1.98 22.38
N ALA A 196 7.86 2.27 22.15
CA ALA A 196 8.80 2.41 23.26
C ALA A 196 8.40 3.52 24.21
N LEU A 197 7.68 4.53 23.73
CA LEU A 197 7.17 5.61 24.57
C LEU A 197 5.71 5.44 24.92
N ALA A 198 5.11 4.29 24.63
CA ALA A 198 3.69 4.10 24.90
C ALA A 198 3.40 3.92 26.37
N HIS A 199 4.22 3.17 27.09
CA HIS A 199 3.93 2.85 28.48
C HIS A 199 4.15 4.03 29.40
N PHE A 200 4.89 5.06 28.97
CA PHE A 200 5.16 6.19 29.83
C PHE A 200 3.92 7.03 30.12
N VAL A 201 2.75 6.64 29.61
CA VAL A 201 1.51 7.31 30.00
C VAL A 201 1.11 6.93 31.42
N TRP A 202 1.68 5.86 31.96
CA TRP A 202 1.42 5.45 33.34
C TRP A 202 2.67 5.06 34.12
N ILE A 203 3.85 5.09 33.51
CA ILE A 203 5.08 4.86 34.26
C ILE A 203 5.60 6.18 34.82
N ALA A 204 5.41 7.28 34.09
CA ALA A 204 5.85 8.59 34.53
C ALA A 204 5.10 9.05 35.79
N PRO A 205 3.77 8.95 35.86
CA PRO A 205 3.09 9.40 37.09
C PRO A 205 3.50 8.63 38.33
N LEU A 206 3.59 7.30 38.24
CA LEU A 206 4.06 6.53 39.39
C LEU A 206 5.52 6.84 39.73
N GLN A 207 6.35 7.08 38.71
CA GLN A 207 7.73 7.45 38.95
C GLN A 207 7.82 8.76 39.72
N VAL A 208 7.07 9.78 39.30
CA VAL A 208 7.14 11.06 39.99
C VAL A 208 6.51 10.96 41.37
N ALA A 209 5.49 10.11 41.55
CA ALA A 209 4.93 9.92 42.88
C ALA A 209 5.96 9.30 43.82
N LEU A 210 6.63 8.24 43.39
CA LEU A 210 7.67 7.61 44.20
C LEU A 210 8.79 8.59 44.51
N LEU A 211 9.21 9.36 43.50
CA LEU A 211 10.34 10.28 43.69
C LEU A 211 9.96 11.42 44.63
N MET A 212 8.74 11.95 44.50
CA MET A 212 8.29 13.00 45.40
C MET A 212 8.18 12.49 46.83
N GLY A 213 7.66 11.28 47.01
CA GLY A 213 7.64 10.70 48.34
C GLY A 213 9.02 10.53 48.93
N LEU A 214 9.96 10.04 48.11
CA LEU A 214 11.31 9.79 48.62
C LEU A 214 12.01 11.10 48.96
N ILE A 215 11.83 12.14 48.15
CA ILE A 215 12.44 13.42 48.45
C ILE A 215 11.75 14.10 49.64
N TRP A 216 10.47 13.82 49.87
CA TRP A 216 9.84 14.24 51.11
C TRP A 216 10.47 13.53 52.31
N GLU A 217 10.80 12.25 52.16
CA GLU A 217 11.51 11.51 53.21
C GLU A 217 12.91 12.06 53.46
N LEU A 218 13.33 13.10 52.75
CA LEU A 218 14.64 13.72 52.95
C LEU A 218 14.57 15.21 53.19
N LEU A 219 13.45 15.86 52.86
CA LEU A 219 13.27 17.29 53.06
C LEU A 219 12.14 17.61 54.03
N GLN A 220 11.00 16.94 53.89
CA GLN A 220 9.82 17.05 54.76
C GLN A 220 9.15 18.42 54.70
N ALA A 221 9.73 19.38 53.99
CA ALA A 221 9.13 20.71 53.95
C ALA A 221 9.03 21.28 52.55
N SER A 222 9.94 20.88 51.66
CA SER A 222 10.06 21.50 50.33
C SER A 222 10.04 20.40 49.27
N ALA A 223 8.84 20.05 48.82
CA ALA A 223 8.67 19.13 47.69
C ALA A 223 7.87 19.76 46.55
N PHE A 224 6.75 20.40 46.86
CA PHE A 224 5.92 21.02 45.83
C PHE A 224 6.66 22.16 45.13
N CYS A 225 7.65 22.75 45.79
CA CYS A 225 8.33 23.92 45.23
C CYS A 225 9.01 23.62 43.90
N GLY A 226 9.69 22.47 43.81
CA GLY A 226 10.35 22.10 42.58
C GLY A 226 9.39 21.49 41.56
N LEU A 227 8.41 20.74 42.05
CA LEU A 227 7.45 20.11 41.15
C LEU A 227 6.61 21.15 40.41
N GLY A 228 6.18 22.19 41.10
CA GLY A 228 5.43 23.25 40.43
C GLY A 228 6.26 23.97 39.38
N PHE A 229 7.54 24.20 39.68
CA PHE A 229 8.43 24.81 38.70
C PHE A 229 8.58 23.92 37.47
N LEU A 230 8.75 22.61 37.69
CA LEU A 230 8.82 21.68 36.57
C LEU A 230 7.54 21.71 35.75
N ILE A 231 6.39 21.78 36.43
CA ILE A 231 5.12 21.79 35.72
C ILE A 231 4.98 23.03 34.84
N VAL A 232 5.28 24.20 35.41
CA VAL A 232 5.11 25.43 34.63
C VAL A 232 6.12 25.46 33.48
N LEU A 233 7.33 24.94 33.71
CA LEU A 233 8.30 24.84 32.63
C LEU A 233 7.77 23.92 31.52
N ALA A 234 7.12 22.82 31.90
CA ALA A 234 6.56 21.90 30.91
C ALA A 234 5.48 22.57 30.08
N LEU A 235 4.58 23.32 30.72
CA LEU A 235 3.56 24.02 29.94
C LEU A 235 4.16 25.12 29.06
N PHE A 236 5.20 25.80 29.53
CA PHE A 236 5.90 26.77 28.68
C PHE A 236 6.44 26.08 27.43
N GLN A 237 7.12 24.94 27.62
CA GLN A 237 7.70 24.20 26.50
C GLN A 237 6.62 23.72 25.54
N ALA A 238 5.50 23.23 26.09
CA ALA A 238 4.40 22.78 25.23
C ALA A 238 3.76 23.93 24.47
N GLY A 239 3.60 25.09 25.13
CA GLY A 239 2.98 26.22 24.47
C GLY A 239 3.80 26.79 23.34
N LEU A 240 5.12 26.74 23.46
CA LEU A 240 5.96 27.24 22.36
C LEU A 240 5.76 26.43 21.06
N GLY A 241 5.25 25.21 21.16
CA GLY A 241 5.02 24.41 19.97
C GLY A 241 3.99 25.02 19.04
N ARG A 242 2.93 25.62 19.58
CA ARG A 242 1.94 26.28 18.74
C ARG A 242 2.56 27.47 18.00
N MET A 243 3.42 28.23 18.68
CA MET A 243 4.11 29.33 18.03
C MET A 243 4.98 28.83 16.88
N MET A 244 5.68 27.71 17.10
CA MET A 244 6.46 27.12 16.01
C MET A 244 5.57 26.68 14.85
N MET A 245 4.44 26.04 15.18
CA MET A 245 3.56 25.48 14.16
C MET A 245 2.94 26.57 13.29
N LYS A 246 2.60 27.72 13.89
CA LYS A 246 2.04 28.80 13.09
C LYS A 246 3.03 29.27 12.03
N TYR A 247 4.29 29.45 12.40
CA TYR A 247 5.30 29.87 11.44
C TYR A 247 5.53 28.80 10.37
N ARG A 248 5.56 27.53 10.76
CA ARG A 248 5.71 26.47 9.76
C ARG A 248 4.56 26.47 8.76
N ASP A 249 3.33 26.64 9.26
CA ASP A 249 2.17 26.68 8.38
C ASP A 249 2.24 27.87 7.44
N GLN A 250 2.69 29.02 7.95
CA GLN A 250 2.85 30.19 7.09
C GLN A 250 3.90 29.93 6.01
N ARG A 251 4.97 29.22 6.35
CA ARG A 251 6.06 28.99 5.40
C ARG A 251 5.68 27.95 4.33
N ALA A 252 4.75 27.05 4.66
CA ALA A 252 4.40 25.97 3.73
C ALA A 252 3.88 26.50 2.39
N GLY A 253 2.97 27.46 2.43
CA GLY A 253 2.42 28.00 1.20
C GLY A 253 3.46 28.68 0.34
N LYS A 254 4.39 29.40 0.97
CA LYS A 254 5.45 30.05 0.22
C LYS A 254 6.39 29.03 -0.41
N ILE A 255 6.67 27.93 0.30
CA ILE A 255 7.47 26.86 -0.32
C ILE A 255 6.74 26.28 -1.52
N SER A 256 5.41 26.18 -1.42
CA SER A 256 4.63 25.67 -2.54
C SER A 256 4.75 26.60 -3.76
N GLU A 257 4.58 27.91 -3.53
CA GLU A 257 4.54 28.83 -4.67
C GLU A 257 5.93 29.03 -5.26
N ARG A 258 6.99 28.81 -4.46
CA ARG A 258 8.33 28.83 -5.05
C ARG A 258 8.60 27.55 -5.83
N LEU A 259 8.20 26.40 -5.28
CA LEU A 259 8.47 25.12 -5.92
C LEU A 259 7.74 24.97 -7.24
N VAL A 260 6.53 25.53 -7.36
CA VAL A 260 5.83 25.42 -8.63
C VAL A 260 6.60 26.14 -9.74
N ILE A 261 7.15 27.32 -9.43
CA ILE A 261 7.95 28.05 -10.42
C ILE A 261 9.23 27.29 -10.75
N THR A 262 9.88 26.72 -9.72
CA THR A 262 11.08 25.94 -9.98
C THR A 262 10.79 24.76 -10.89
N SER A 263 9.68 24.06 -10.66
CA SER A 263 9.30 22.96 -11.54
C SER A 263 8.98 23.45 -12.95
N GLU A 264 8.32 24.60 -13.05
CA GLU A 264 8.01 25.18 -14.36
C GLU A 264 9.28 25.40 -15.17
N MET A 265 10.30 26.00 -14.55
CA MET A 265 11.54 26.24 -15.28
C MET A 265 12.35 24.97 -15.49
N ILE A 266 12.22 23.99 -14.59
CA ILE A 266 12.86 22.71 -14.82
C ILE A 266 12.30 22.05 -16.07
N GLU A 267 10.98 22.08 -16.24
CA GLU A 267 10.35 21.53 -17.44
C GLU A 267 10.75 22.30 -18.69
N ASN A 268 10.89 23.62 -18.59
CA ASN A 268 11.18 24.49 -19.72
C ASN A 268 12.64 24.93 -19.74
N ILE A 269 13.57 24.04 -19.43
CA ILE A 269 14.98 24.40 -19.36
C ILE A 269 15.49 24.85 -20.73
N GLN A 270 15.13 24.11 -21.79
CA GLN A 270 15.66 24.43 -23.11
C GLN A 270 15.16 25.79 -23.61
N SER A 271 13.93 26.16 -23.26
CA SER A 271 13.41 27.45 -23.65
C SER A 271 14.20 28.58 -23.00
N VAL A 272 14.52 28.44 -21.71
CA VAL A 272 15.33 29.44 -21.02
C VAL A 272 16.74 29.48 -21.62
N LYS A 273 17.30 28.31 -21.93
CA LYS A 273 18.63 28.27 -22.54
C LYS A 273 18.65 29.02 -23.87
N ALA A 274 17.62 28.81 -24.71
CA ALA A 274 17.53 29.54 -25.97
C ALA A 274 17.35 31.04 -25.71
N TYR A 275 16.52 31.40 -24.73
CA TYR A 275 16.24 32.81 -24.46
C TYR A 275 17.32 33.46 -23.59
N CYS A 276 18.19 32.66 -22.96
CA CYS A 276 19.23 33.17 -22.07
C CYS A 276 18.63 33.99 -20.93
N TRP A 277 17.83 33.32 -20.11
CA TRP A 277 17.12 33.93 -18.99
C TRP A 277 17.61 33.42 -17.64
N GLU A 278 18.87 33.00 -17.55
CA GLU A 278 19.38 32.40 -16.32
C GLU A 278 19.41 33.41 -15.17
N GLU A 279 20.00 34.58 -15.40
CA GLU A 279 20.14 35.56 -14.32
C GLU A 279 18.78 36.10 -13.88
N ALA A 280 17.84 36.21 -14.81
CA ALA A 280 16.50 36.66 -14.45
C ALA A 280 15.89 35.73 -13.41
N MET A 281 15.86 34.42 -13.69
CA MET A 281 15.28 33.51 -12.72
C MET A 281 16.13 33.39 -11.47
N GLU A 282 17.45 33.59 -11.58
CA GLU A 282 18.25 33.68 -10.36
C GLU A 282 17.70 34.76 -9.44
N LYS A 283 17.46 35.95 -10.00
CA LYS A 283 16.93 37.05 -9.19
C LYS A 283 15.54 36.74 -8.66
N MET A 284 14.65 36.19 -9.48
CA MET A 284 13.31 35.88 -9.01
C MET A 284 13.33 34.83 -7.89
N ILE A 285 14.17 33.80 -8.04
CA ILE A 285 14.24 32.75 -7.04
C ILE A 285 14.78 33.31 -5.72
N GLU A 286 15.81 34.15 -5.78
CA GLU A 286 16.34 34.74 -4.56
C GLU A 286 15.29 35.63 -3.89
N ASN A 287 14.55 36.39 -4.69
CA ASN A 287 13.50 37.24 -4.13
C ASN A 287 12.42 36.41 -3.46
N LEU A 288 12.05 35.28 -4.07
CA LEU A 288 11.07 34.40 -3.46
C LEU A 288 11.61 33.79 -2.17
N ARG A 289 12.90 33.45 -2.14
CA ARG A 289 13.49 32.73 -1.03
C ARG A 289 13.82 33.62 0.16
N GLN A 290 13.89 34.94 -0.03
CA GLN A 290 14.25 35.83 1.08
C GLN A 290 13.27 35.73 2.25
N THR A 291 11.97 35.86 1.97
CA THR A 291 10.99 35.77 3.05
C THR A 291 10.94 34.38 3.64
N GLU A 292 11.18 33.36 2.81
CA GLU A 292 11.30 32.00 3.30
C GLU A 292 12.39 31.90 4.34
N LEU A 293 13.54 32.50 4.04
CA LEU A 293 14.64 32.51 5.01
C LEU A 293 14.25 33.26 6.27
N LYS A 294 13.54 34.38 6.14
CA LYS A 294 13.10 35.12 7.32
C LYS A 294 12.25 34.23 8.24
N LEU A 295 11.24 33.58 7.67
CA LEU A 295 10.37 32.72 8.46
C LEU A 295 11.13 31.53 9.05
N THR A 296 12.02 30.92 8.26
CA THR A 296 12.79 29.79 8.76
C THR A 296 13.69 30.21 9.91
N ARG A 297 14.29 31.39 9.81
CA ARG A 297 15.15 31.89 10.88
C ARG A 297 14.36 32.13 12.15
N LYS A 298 13.15 32.71 12.03
CA LYS A 298 12.32 32.92 13.21
C LYS A 298 11.95 31.58 13.86
N ALA A 299 11.55 30.60 13.04
CA ALA A 299 11.19 29.29 13.58
C ALA A 299 12.38 28.62 14.24
N ALA A 300 13.56 28.73 13.63
CA ALA A 300 14.77 28.15 14.21
C ALA A 300 15.15 28.82 15.52
N TYR A 301 14.98 30.15 15.61
CA TYR A 301 15.24 30.82 16.88
C TYR A 301 14.29 30.34 17.97
N VAL A 302 13.02 30.18 17.63
CA VAL A 302 12.07 29.65 18.61
C VAL A 302 12.46 28.25 19.04
N ARG A 303 12.87 27.40 18.09
CA ARG A 303 13.29 26.05 18.41
C ARG A 303 14.52 26.05 19.31
N TYR A 304 15.47 26.94 19.04
CA TYR A 304 16.67 27.03 19.87
C TYR A 304 16.32 27.44 21.30
N PHE A 305 15.41 28.42 21.44
CA PHE A 305 14.98 28.80 22.78
C PHE A 305 14.34 27.63 23.50
N ASN A 306 13.46 26.90 22.82
CA ASN A 306 12.79 25.76 23.44
C ASN A 306 13.80 24.69 23.86
N SER A 307 14.78 24.40 23.00
CA SER A 307 15.78 23.40 23.33
C SER A 307 16.65 23.84 24.49
N SER A 308 17.08 25.11 24.51
CA SER A 308 17.97 25.58 25.55
C SER A 308 17.26 25.72 26.89
N ALA A 309 15.93 25.85 26.89
CA ALA A 309 15.20 25.93 28.15
C ALA A 309 15.42 24.69 29.00
N PHE A 310 15.35 23.50 28.40
CA PHE A 310 15.54 22.27 29.15
C PHE A 310 16.95 22.18 29.71
N PHE A 311 17.95 22.56 28.90
CA PHE A 311 19.33 22.49 29.37
C PHE A 311 19.58 23.48 30.50
N PHE A 312 18.94 24.65 30.45
CA PHE A 312 19.13 25.65 31.50
C PHE A 312 18.39 25.30 32.78
N SER A 313 17.21 24.68 32.68
CA SER A 313 16.38 24.48 33.87
C SER A 313 16.98 23.51 34.87
N GLY A 314 18.04 22.79 34.46
CA GLY A 314 18.60 21.76 35.34
C GLY A 314 19.15 22.30 36.64
N PHE A 315 19.62 23.55 36.64
CA PHE A 315 20.13 24.18 37.85
C PHE A 315 19.02 24.82 38.66
N PHE A 316 18.06 25.47 38.00
CA PHE A 316 16.95 26.10 38.71
C PHE A 316 16.10 25.08 39.44
N VAL A 317 15.86 23.92 38.81
CA VAL A 317 14.94 22.95 39.39
C VAL A 317 15.48 22.40 40.71
N VAL A 318 16.79 22.42 40.92
CA VAL A 318 17.34 22.00 42.20
C VAL A 318 17.60 23.18 43.13
N PHE A 319 17.97 24.34 42.59
CA PHE A 319 18.19 25.51 43.41
C PHE A 319 16.92 25.90 44.14
N LEU A 320 15.79 25.94 43.42
CA LEU A 320 14.52 26.31 44.05
C LEU A 320 14.11 25.28 45.09
N SER A 321 14.37 24.00 44.85
CA SER A 321 14.01 22.98 45.83
C SER A 321 14.87 23.09 47.08
N VAL A 322 16.14 23.45 46.93
CA VAL A 322 17.05 23.45 48.08
C VAL A 322 16.92 24.74 48.89
N LEU A 323 16.62 25.86 48.23
CA LEU A 323 16.72 27.17 48.88
C LEU A 323 15.92 27.33 50.16
N PRO A 324 14.61 27.02 50.21
CA PRO A 324 13.86 27.32 51.44
C PRO A 324 14.34 26.54 52.66
N TYR A 325 14.61 25.24 52.49
CA TYR A 325 15.14 24.45 53.59
C TYR A 325 16.56 24.91 53.96
N ALA A 326 17.32 25.38 52.97
CA ALA A 326 18.69 25.81 53.24
C ALA A 326 18.72 27.04 54.14
N LEU A 327 17.81 27.99 53.93
CA LEU A 327 17.79 29.20 54.73
C LEU A 327 17.47 28.90 56.19
N ILE A 328 16.51 28.00 56.43
CA ILE A 328 16.05 27.76 57.80
C ILE A 328 17.03 26.89 58.58
N LYS A 329 17.48 25.78 57.98
CA LYS A 329 18.42 24.89 58.64
C LYS A 329 19.66 24.71 57.78
N GLY A 330 20.78 24.43 58.44
CA GLY A 330 21.97 24.04 57.72
C GLY A 330 21.82 22.65 57.13
N ILE A 331 22.48 22.42 56.01
CA ILE A 331 22.33 21.17 55.26
C ILE A 331 23.68 20.47 55.16
N ILE A 332 23.68 19.18 55.48
CA ILE A 332 24.86 18.36 55.26
C ILE A 332 25.06 18.15 53.76
N LEU A 333 26.31 17.89 53.37
CA LEU A 333 26.63 17.72 51.96
C LEU A 333 25.93 16.51 51.34
N ARG A 334 25.52 15.53 52.15
CA ARG A 334 24.81 14.37 51.63
C ARG A 334 23.52 14.77 50.96
N LYS A 335 22.77 15.67 51.61
CA LYS A 335 21.46 16.12 51.17
C LYS A 335 21.53 17.10 50.04
N ILE A 336 22.71 17.27 49.45
CA ILE A 336 22.88 18.01 48.19
C ILE A 336 23.25 17.06 47.06
N PHE A 337 24.24 16.19 47.28
CA PHE A 337 24.61 15.21 46.29
C PHE A 337 23.55 14.14 46.07
N THR A 338 22.59 14.02 46.98
CA THR A 338 21.47 13.12 46.74
C THR A 338 20.31 13.82 46.05
N THR A 339 19.99 15.05 46.47
CA THR A 339 18.89 15.78 45.85
C THR A 339 19.22 16.15 44.42
N ILE A 340 20.49 16.35 44.08
CA ILE A 340 20.84 16.65 42.70
C ILE A 340 20.47 15.49 41.79
N SER A 341 20.78 14.26 42.21
CA SER A 341 20.47 13.09 41.40
C SER A 341 18.97 12.86 41.31
N PHE A 342 18.28 12.96 42.45
CA PHE A 342 16.82 12.82 42.42
C PHE A 342 16.21 13.88 41.51
N CYS A 343 16.77 15.08 41.52
CA CYS A 343 16.19 16.19 40.76
C CYS A 343 16.41 16.01 39.27
N ILE A 344 17.61 15.56 38.86
CA ILE A 344 17.82 15.34 37.43
C ILE A 344 16.96 14.17 36.96
N VAL A 345 16.79 13.14 37.79
CA VAL A 345 15.92 12.04 37.41
C VAL A 345 14.48 12.54 37.23
N LEU A 346 14.01 13.38 38.15
CA LEU A 346 12.65 13.91 38.03
C LEU A 346 12.50 14.78 36.78
N ARG A 347 13.51 15.60 36.48
CA ARG A 347 13.46 16.43 35.28
C ARG A 347 13.39 15.58 34.03
N MET A 348 14.19 14.51 33.99
CA MET A 348 14.12 13.58 32.86
C MET A 348 12.74 12.93 32.78
N ALA A 349 12.12 12.67 33.93
CA ALA A 349 10.88 11.91 33.94
C ALA A 349 9.63 12.73 33.65
N VAL A 350 9.66 14.04 33.90
CA VAL A 350 8.45 14.86 33.80
C VAL A 350 8.51 15.91 32.70
N THR A 351 9.66 16.15 32.09
CA THR A 351 9.78 17.20 31.07
C THR A 351 9.69 16.66 29.65
N ARG A 352 10.20 15.47 29.40
CA ARG A 352 10.28 14.97 28.03
C ARG A 352 9.51 13.69 27.79
N GLN A 353 9.55 12.74 28.74
CA GLN A 353 8.94 11.44 28.51
C GLN A 353 7.41 11.52 28.46
N PHE A 354 6.82 12.19 29.45
CA PHE A 354 5.35 12.20 29.55
C PHE A 354 4.69 12.90 28.36
N PRO A 355 5.12 14.10 27.93
CA PRO A 355 4.52 14.67 26.71
C PRO A 355 4.73 13.81 25.48
N TRP A 356 5.88 13.14 25.37
CA TRP A 356 6.09 12.21 24.26
C TRP A 356 5.06 11.09 24.28
N ALA A 357 4.81 10.52 25.46
CA ALA A 357 3.82 9.46 25.58
C ALA A 357 2.44 9.95 25.21
N VAL A 358 2.08 11.16 25.66
CA VAL A 358 0.77 11.71 25.35
C VAL A 358 0.61 11.92 23.84
N GLN A 359 1.65 12.47 23.20
CA GLN A 359 1.61 12.68 21.76
C GLN A 359 1.47 11.36 21.02
N THR A 360 2.22 10.34 21.45
CA THR A 360 2.15 9.03 20.80
C THR A 360 0.76 8.42 20.93
N TRP A 361 0.18 8.50 22.12
CA TRP A 361 -1.17 7.97 22.30
C TRP A 361 -2.18 8.70 21.43
N TYR A 362 -2.09 10.04 21.38
CA TYR A 362 -3.03 10.80 20.56
C TYR A 362 -2.91 10.43 19.09
N ASP A 363 -1.68 10.37 18.58
CA ASP A 363 -1.48 10.05 17.17
C ASP A 363 -1.94 8.63 16.85
N SER A 364 -1.64 7.67 17.73
CA SER A 364 -2.05 6.29 17.50
C SER A 364 -3.57 6.17 17.49
N LEU A 365 -4.24 6.83 18.43
CA LEU A 365 -5.70 6.79 18.45
C LEU A 365 -6.28 7.43 17.20
N GLY A 366 -5.71 8.55 16.75
CA GLY A 366 -6.19 9.17 15.52
C GLY A 366 -6.05 8.26 14.32
N ALA A 367 -4.88 7.63 14.17
CA ALA A 367 -4.67 6.72 13.04
C ALA A 367 -5.60 5.52 13.11
N ILE A 368 -5.79 4.96 14.30
CA ILE A 368 -6.67 3.81 14.44
C ILE A 368 -8.10 4.19 14.09
N ASN A 369 -8.56 5.36 14.53
CA ASN A 369 -9.91 5.80 14.19
C ASN A 369 -10.05 6.05 12.69
N LYS A 370 -9.01 6.60 12.05
CA LYS A 370 -9.05 6.76 10.59
C LYS A 370 -9.20 5.41 9.90
N ILE A 371 -8.41 4.42 10.32
CA ILE A 371 -8.52 3.09 9.72
C ILE A 371 -9.90 2.50 9.96
N GLN A 372 -10.44 2.69 11.17
CA GLN A 372 -11.78 2.18 11.49
C GLN A 372 -12.83 2.81 10.58
N ASP A 373 -12.72 4.11 10.35
CA ASP A 373 -13.65 4.79 9.44
C ASP A 373 -13.51 4.25 8.02
N PHE A 374 -12.28 4.00 7.58
CA PHE A 374 -12.07 3.52 6.22
C PHE A 374 -12.69 2.15 6.00
N LEU A 375 -12.59 1.26 6.98
CA LEU A 375 -13.04 -0.11 6.82
C LEU A 375 -14.55 -0.26 6.81
N GLN A 376 -15.31 0.84 6.79
CA GLN A 376 -16.76 0.78 6.79
C GLN A 376 -17.38 1.47 5.56
N LYS A 377 -16.61 1.65 4.49
CA LYS A 377 -17.14 2.28 3.30
C LYS A 377 -18.11 1.33 2.58
N GLN A 378 -18.78 1.88 1.57
CA GLN A 378 -19.71 1.08 0.78
C GLN A 378 -18.97 -0.05 0.08
N GLU A 379 -19.57 -1.23 0.09
CA GLU A 379 -18.92 -2.45 -0.40
C GLU A 379 -19.60 -2.91 -1.69
N TYR A 380 -18.79 -3.35 -2.65
CA TYR A 380 -19.32 -3.92 -3.89
C TYR A 380 -19.82 -5.34 -3.63
N LYS A 381 -20.99 -5.66 -4.20
CA LYS A 381 -21.62 -6.96 -4.00
C LYS A 381 -21.58 -7.74 -5.31
N THR A 382 -21.05 -8.97 -5.24
CA THR A 382 -20.99 -9.82 -6.40
C THR A 382 -22.39 -10.30 -6.78
N LEU A 383 -22.62 -10.49 -8.08
CA LEU A 383 -23.91 -10.95 -8.54
C LEU A 383 -24.11 -12.42 -8.19
N GLU A 384 -25.37 -12.81 -8.02
CA GLU A 384 -25.70 -14.22 -7.79
C GLU A 384 -25.49 -14.97 -9.09
N TYR A 385 -24.27 -15.46 -9.30
CA TYR A 385 -23.81 -15.83 -10.62
C TYR A 385 -23.18 -17.21 -10.61
N ASN A 386 -22.57 -17.57 -11.74
CA ASN A 386 -21.85 -18.81 -11.99
C ASN A 386 -22.75 -20.04 -12.01
N LEU A 387 -24.07 -19.88 -11.86
CA LEU A 387 -24.93 -21.05 -11.77
C LEU A 387 -25.28 -21.65 -13.12
N THR A 388 -26.09 -20.93 -13.89
CA THR A 388 -26.54 -21.35 -15.21
C THR A 388 -27.41 -20.23 -15.78
N THR A 389 -27.40 -20.09 -17.10
CA THR A 389 -28.28 -19.09 -17.70
C THR A 389 -28.47 -19.39 -19.18
N THR A 390 -29.67 -19.06 -19.66
CA THR A 390 -29.96 -18.99 -21.09
C THR A 390 -29.48 -17.66 -21.63
N GLU A 391 -29.93 -17.29 -22.82
CA GLU A 391 -29.62 -16.01 -23.43
C GLU A 391 -29.67 -14.87 -22.41
N VAL A 392 -28.61 -14.06 -22.36
CA VAL A 392 -28.54 -12.96 -21.42
C VAL A 392 -29.64 -11.96 -21.76
N VAL A 393 -30.50 -11.68 -20.79
CA VAL A 393 -31.70 -10.86 -20.99
C VAL A 393 -31.68 -9.70 -20.02
N MET A 394 -31.94 -8.50 -20.54
CA MET A 394 -32.12 -7.30 -19.73
C MET A 394 -33.47 -6.69 -20.07
N GLU A 395 -34.25 -6.34 -19.05
CA GLU A 395 -35.61 -5.87 -19.24
C GLU A 395 -35.78 -4.53 -18.54
N ASN A 396 -35.90 -3.45 -19.32
CA ASN A 396 -36.18 -2.12 -18.81
C ASN A 396 -35.18 -1.68 -17.75
N VAL A 397 -33.89 -1.85 -18.06
CA VAL A 397 -32.83 -1.45 -17.13
C VAL A 397 -32.73 0.07 -17.15
N THR A 398 -32.85 0.69 -15.98
CA THR A 398 -32.78 2.13 -15.84
C THR A 398 -31.97 2.49 -14.61
N ALA A 399 -30.93 3.30 -14.80
CA ALA A 399 -30.08 3.73 -13.70
C ALA A 399 -29.34 4.99 -14.12
N PHE A 400 -28.80 5.69 -13.12
CA PHE A 400 -28.07 6.93 -13.34
C PHE A 400 -26.56 6.65 -13.31
N TRP A 401 -25.83 7.33 -14.20
CA TRP A 401 -24.38 7.15 -14.26
C TRP A 401 -23.68 7.73 -13.05
N GLU A 402 -24.34 8.58 -12.27
CA GLU A 402 -23.74 9.17 -11.08
C GLU A 402 -24.26 8.50 -9.82
N GLY A 437 -29.29 11.04 -10.97
CA GLY A 437 -30.61 11.40 -11.46
C GLY A 437 -30.76 11.23 -12.96
N THR A 438 -29.74 11.67 -13.70
CA THR A 438 -29.76 11.56 -15.16
C THR A 438 -29.67 10.09 -15.57
N PRO A 439 -30.75 9.53 -16.10
CA PRO A 439 -30.72 8.09 -16.44
C PRO A 439 -29.86 7.81 -17.68
N VAL A 440 -28.70 7.18 -17.47
CA VAL A 440 -27.85 6.81 -18.59
C VAL A 440 -28.49 5.74 -19.45
N LEU A 441 -29.42 4.97 -18.90
CA LEU A 441 -30.13 3.93 -19.65
C LEU A 441 -31.60 4.31 -19.72
N LYS A 442 -32.12 4.39 -20.95
CA LYS A 442 -33.53 4.76 -21.17
C LYS A 442 -34.39 3.50 -21.33
N ASP A 443 -34.46 2.72 -20.26
CA ASP A 443 -35.24 1.48 -20.23
C ASP A 443 -34.83 0.54 -21.35
N ILE A 444 -33.51 0.33 -21.48
CA ILE A 444 -33.00 -0.53 -22.55
C ILE A 444 -33.46 -1.97 -22.33
N ASN A 445 -33.50 -2.74 -23.41
CA ASN A 445 -33.89 -4.13 -23.36
C ASN A 445 -33.22 -4.88 -24.50
N PHE A 446 -32.77 -6.10 -24.22
CA PHE A 446 -32.09 -6.92 -25.21
C PHE A 446 -32.12 -8.37 -24.77
N LYS A 447 -31.87 -9.26 -25.73
CA LYS A 447 -31.78 -10.69 -25.46
C LYS A 447 -30.94 -11.33 -26.56
N ILE A 448 -29.71 -11.73 -26.23
CA ILE A 448 -28.77 -12.29 -27.19
C ILE A 448 -28.66 -13.79 -26.92
N GLU A 449 -29.07 -14.59 -27.91
CA GLU A 449 -29.06 -16.04 -27.77
C GLU A 449 -27.64 -16.57 -27.58
N ARG A 450 -27.55 -17.85 -27.23
CA ARG A 450 -26.26 -18.46 -26.94
C ARG A 450 -25.45 -18.65 -28.22
N GLY A 451 -24.58 -17.69 -28.53
CA GLY A 451 -23.77 -17.76 -29.73
C GLY A 451 -23.85 -16.51 -30.58
N GLN A 452 -24.93 -15.75 -30.42
CA GLN A 452 -25.11 -14.53 -31.18
C GLN A 452 -24.13 -13.46 -30.72
N LEU A 453 -23.80 -12.55 -31.64
CA LEU A 453 -22.82 -11.50 -31.38
C LEU A 453 -23.47 -10.15 -31.67
N LEU A 454 -24.02 -9.52 -30.64
CA LEU A 454 -24.58 -8.19 -30.77
C LEU A 454 -23.47 -7.16 -30.95
N ALA A 455 -23.85 -5.95 -31.31
CA ALA A 455 -22.90 -4.86 -31.53
C ALA A 455 -23.56 -3.54 -31.18
N VAL A 456 -23.30 -3.03 -29.98
CA VAL A 456 -23.79 -1.72 -29.59
C VAL A 456 -23.00 -0.65 -30.32
N ALA A 457 -23.66 0.46 -30.64
CA ALA A 457 -23.01 1.55 -31.36
C ALA A 457 -23.53 2.87 -30.84
N GLY A 458 -22.70 3.90 -30.96
CA GLY A 458 -23.04 5.23 -30.51
C GLY A 458 -21.81 5.96 -30.04
N SER A 459 -22.04 7.04 -29.29
CA SER A 459 -20.95 7.81 -28.74
C SER A 459 -20.17 7.01 -27.70
N THR A 460 -18.85 7.19 -27.69
CA THR A 460 -17.99 6.45 -26.78
C THR A 460 -18.17 6.96 -25.35
N GLY A 461 -18.35 6.03 -24.40
CA GLY A 461 -18.53 6.38 -23.01
C GLY A 461 -19.80 7.11 -22.68
N ALA A 462 -20.62 7.44 -23.67
CA ALA A 462 -21.89 8.14 -23.45
C ALA A 462 -23.08 7.20 -23.46
N GLY A 463 -22.89 5.97 -23.00
CA GLY A 463 -23.92 4.96 -22.97
C GLY A 463 -23.45 3.57 -23.30
N LYS A 464 -22.43 3.43 -24.16
CA LYS A 464 -21.88 2.10 -24.44
C LYS A 464 -21.08 1.58 -23.26
N THR A 465 -20.13 2.37 -22.76
CA THR A 465 -19.35 1.95 -21.60
C THR A 465 -20.22 1.78 -20.37
N SER A 466 -21.19 2.68 -20.16
CA SER A 466 -22.09 2.55 -19.02
C SER A 466 -22.92 1.27 -19.10
N LEU A 467 -23.43 0.96 -20.30
CA LEU A 467 -24.19 -0.27 -20.46
C LEU A 467 -23.32 -1.50 -20.24
N LEU A 468 -22.08 -1.47 -20.74
CA LEU A 468 -21.18 -2.59 -20.53
C LEU A 468 -20.88 -2.78 -19.05
N MET A 469 -20.65 -1.69 -18.32
CA MET A 469 -20.41 -1.79 -16.88
C MET A 469 -21.62 -2.31 -16.14
N VAL A 470 -22.82 -1.87 -16.55
CA VAL A 470 -24.05 -2.34 -15.91
C VAL A 470 -24.21 -3.84 -16.15
N ILE A 471 -23.94 -4.30 -17.37
CA ILE A 471 -24.01 -5.73 -17.67
C ILE A 471 -22.98 -6.49 -16.83
N MET A 472 -21.78 -5.94 -16.70
CA MET A 472 -20.75 -6.57 -15.88
C MET A 472 -21.07 -6.52 -14.39
N GLY A 473 -22.07 -5.75 -13.98
CA GLY A 473 -22.43 -5.65 -12.58
C GLY A 473 -21.68 -4.61 -11.79
N GLU A 474 -20.74 -3.88 -12.41
CA GLU A 474 -20.02 -2.84 -11.69
C GLU A 474 -20.94 -1.70 -11.26
N LEU A 475 -22.03 -1.47 -11.98
CA LEU A 475 -23.02 -0.45 -11.63
C LEU A 475 -24.35 -1.12 -11.36
N GLU A 476 -24.92 -0.86 -10.19
CA GLU A 476 -26.17 -1.49 -9.80
C GLU A 476 -27.34 -0.79 -10.47
N PRO A 477 -28.16 -1.49 -11.25
CA PRO A 477 -29.32 -0.83 -11.86
C PRO A 477 -30.53 -0.85 -10.95
N SER A 478 -31.08 0.33 -10.66
CA SER A 478 -32.24 0.43 -9.79
C SER A 478 -33.47 -0.24 -10.38
N GLU A 479 -33.72 -0.06 -11.67
CA GLU A 479 -34.87 -0.65 -12.35
C GLU A 479 -34.40 -1.74 -13.30
N GLY A 480 -35.19 -2.80 -13.40
CA GLY A 480 -34.85 -3.91 -14.27
C GLY A 480 -34.04 -4.98 -13.57
N LYS A 481 -33.86 -6.10 -14.27
CA LYS A 481 -33.12 -7.24 -13.75
C LYS A 481 -32.30 -7.84 -14.87
N ILE A 482 -31.01 -7.52 -14.91
CA ILE A 482 -30.10 -8.02 -15.92
C ILE A 482 -29.59 -9.38 -15.47
N LYS A 483 -29.97 -10.43 -16.21
CA LYS A 483 -29.59 -11.80 -15.88
C LYS A 483 -28.49 -12.26 -16.83
N HIS A 484 -27.46 -12.89 -16.26
CA HIS A 484 -26.33 -13.37 -17.05
C HIS A 484 -25.83 -14.67 -16.44
N SER A 485 -25.02 -15.39 -17.22
CA SER A 485 -24.44 -16.65 -16.73
C SER A 485 -23.48 -16.42 -15.58
N GLY A 486 -22.85 -15.25 -15.52
CA GLY A 486 -21.95 -14.89 -14.46
C GLY A 486 -20.48 -15.02 -14.78
N ARG A 487 -20.13 -15.76 -15.83
CA ARG A 487 -18.75 -15.84 -16.29
C ARG A 487 -18.55 -14.78 -17.37
N ILE A 488 -17.97 -13.65 -16.97
CA ILE A 488 -17.79 -12.51 -17.87
C ILE A 488 -16.32 -12.13 -17.88
N SER A 489 -15.74 -12.04 -19.07
CA SER A 489 -14.37 -11.59 -19.25
C SER A 489 -14.38 -10.28 -20.03
N PHE A 490 -13.99 -9.19 -19.37
CA PHE A 490 -14.05 -7.87 -19.95
C PHE A 490 -12.73 -7.49 -20.60
N CYS A 491 -12.77 -6.42 -21.38
CA CYS A 491 -11.57 -5.87 -22.02
C CYS A 491 -11.80 -4.38 -22.20
N SER A 492 -11.22 -3.59 -21.30
CA SER A 492 -11.47 -2.14 -21.29
C SER A 492 -10.84 -1.48 -22.50
N GLN A 493 -11.37 -0.31 -22.86
CA GLN A 493 -10.81 0.46 -23.96
C GLN A 493 -9.39 0.90 -23.67
N PHE A 494 -9.13 1.33 -22.43
CA PHE A 494 -7.80 1.71 -21.99
C PHE A 494 -7.21 0.51 -21.26
N SER A 495 -6.54 -0.37 -22.01
CA SER A 495 -6.03 -1.61 -21.45
C SER A 495 -4.93 -1.32 -20.43
N TRP A 496 -4.90 -2.13 -19.38
CA TRP A 496 -3.88 -2.05 -18.35
C TRP A 496 -3.01 -3.29 -18.38
N ILE A 497 -1.69 -3.08 -18.30
CA ILE A 497 -0.72 -4.16 -18.35
C ILE A 497 -0.06 -4.25 -16.97
N MET A 498 -0.27 -5.38 -16.29
CA MET A 498 0.36 -5.60 -15.01
C MET A 498 1.86 -5.82 -15.18
N PRO A 499 2.66 -5.42 -14.19
CA PRO A 499 4.11 -5.63 -14.30
C PRO A 499 4.44 -7.11 -14.40
N GLY A 500 5.44 -7.42 -15.22
CA GLY A 500 5.87 -8.79 -15.46
C GLY A 500 6.02 -9.09 -16.93
N THR A 501 6.27 -10.36 -17.21
CA THR A 501 6.47 -10.79 -18.58
C THR A 501 5.16 -10.77 -19.36
N ILE A 502 5.28 -10.77 -20.69
CA ILE A 502 4.10 -10.84 -21.54
C ILE A 502 3.34 -12.15 -21.29
N LYS A 503 4.07 -13.24 -21.09
CA LYS A 503 3.41 -14.50 -20.71
C LYS A 503 2.69 -14.35 -19.37
N GLU A 504 3.26 -13.58 -18.46
CA GLU A 504 2.60 -13.34 -17.18
C GLU A 504 1.41 -12.41 -17.33
N ASN A 505 1.47 -11.47 -18.28
CA ASN A 505 0.35 -10.55 -18.47
C ASN A 505 -0.76 -11.18 -19.30
N ILE A 506 -0.48 -12.31 -19.96
CA ILE A 506 -1.49 -12.96 -20.78
C ILE A 506 -1.95 -14.30 -20.19
N ILE A 507 -1.27 -14.82 -19.17
CA ILE A 507 -1.68 -16.07 -18.55
C ILE A 507 -2.67 -15.82 -17.42
N PHE A 508 -2.44 -14.76 -16.64
CA PHE A 508 -3.33 -14.37 -15.53
C PHE A 508 -3.50 -15.50 -14.53
N GLY A 509 -2.42 -16.21 -14.21
CA GLY A 509 -2.49 -17.27 -13.24
C GLY A 509 -3.21 -18.50 -13.74
N VAL A 510 -3.01 -18.85 -15.00
CA VAL A 510 -3.63 -20.00 -15.64
C VAL A 510 -2.56 -20.79 -16.38
N SER A 511 -2.89 -22.04 -16.69
CA SER A 511 -1.95 -22.91 -17.39
C SER A 511 -1.70 -22.42 -18.81
N TYR A 512 -0.54 -22.80 -19.34
CA TYR A 512 -0.12 -22.41 -20.68
C TYR A 512 -0.44 -23.56 -21.63
N ASP A 513 -1.68 -23.63 -22.07
CA ASP A 513 -2.09 -24.64 -23.04
C ASP A 513 -1.43 -24.35 -24.38
N GLU A 514 -0.68 -25.34 -24.88
CA GLU A 514 0.10 -25.12 -26.09
C GLU A 514 -0.78 -24.74 -27.27
N TYR A 515 -1.82 -25.53 -27.54
CA TYR A 515 -2.70 -25.24 -28.67
C TYR A 515 -3.44 -23.92 -28.46
N ARG A 516 -3.97 -23.69 -27.26
CA ARG A 516 -4.73 -22.47 -27.01
C ARG A 516 -3.85 -21.24 -27.10
N TYR A 517 -2.68 -21.27 -26.45
CA TYR A 517 -1.78 -20.13 -26.50
C TYR A 517 -1.27 -19.87 -27.91
N ARG A 518 -0.94 -20.94 -28.66
CA ARG A 518 -0.49 -20.77 -30.03
C ARG A 518 -1.58 -20.16 -30.91
N SER A 519 -2.82 -20.63 -30.76
CA SER A 519 -3.92 -20.08 -31.55
C SER A 519 -4.18 -18.62 -31.18
N VAL A 520 -4.10 -18.30 -29.88
CA VAL A 520 -4.30 -16.92 -29.45
C VAL A 520 -3.22 -16.01 -30.03
N ILE A 521 -1.97 -16.47 -30.01
CA ILE A 521 -0.87 -15.67 -30.56
C ILE A 521 -1.04 -15.48 -32.05
N LYS A 522 -1.39 -16.55 -32.76
CA LYS A 522 -1.50 -16.47 -34.22
C LYS A 522 -2.68 -15.61 -34.66
N ALA A 523 -3.84 -15.79 -34.04
CA ALA A 523 -5.05 -15.11 -34.47
C ALA A 523 -5.07 -13.63 -34.11
N CYS A 524 -4.61 -13.27 -32.91
CA CYS A 524 -4.66 -11.90 -32.42
C CYS A 524 -3.45 -11.08 -32.84
N GLN A 525 -2.76 -11.48 -33.91
CA GLN A 525 -1.57 -10.81 -34.42
C GLN A 525 -0.45 -10.76 -33.38
N LEU A 526 -0.51 -11.62 -32.37
CA LEU A 526 0.52 -11.68 -31.34
C LEU A 526 1.66 -12.63 -31.72
N GLU A 527 1.48 -13.47 -32.74
CA GLU A 527 2.56 -14.35 -33.16
C GLU A 527 3.72 -13.57 -33.74
N GLU A 528 3.44 -12.57 -34.58
CA GLU A 528 4.51 -11.74 -35.13
C GLU A 528 5.18 -10.92 -34.05
N ASP A 529 4.40 -10.40 -33.10
CA ASP A 529 4.98 -9.66 -31.99
C ASP A 529 5.89 -10.54 -31.14
N ILE A 530 5.47 -11.79 -30.90
CA ILE A 530 6.30 -12.73 -30.16
C ILE A 530 7.58 -13.01 -30.93
N SER A 531 7.47 -13.23 -32.24
CA SER A 531 8.66 -13.45 -33.05
C SER A 531 9.58 -12.23 -33.01
N LYS A 532 9.01 -11.03 -32.81
CA LYS A 532 9.81 -9.83 -32.68
C LYS A 532 10.19 -9.53 -31.23
N PHE A 533 9.68 -10.30 -30.27
CA PHE A 533 9.97 -10.05 -28.87
C PHE A 533 11.41 -10.41 -28.53
N ALA A 534 11.89 -9.87 -27.42
CA ALA A 534 13.27 -10.10 -26.98
C ALA A 534 13.53 -11.57 -26.70
N GLU A 535 12.84 -12.13 -25.70
CA GLU A 535 12.95 -13.55 -25.42
C GLU A 535 12.09 -14.40 -26.35
N LYS A 536 11.12 -13.76 -27.03
CA LYS A 536 10.28 -14.36 -28.07
C LYS A 536 9.25 -15.33 -27.51
N ASP A 537 9.38 -15.70 -26.25
CA ASP A 537 8.32 -16.48 -25.60
C ASP A 537 8.05 -15.99 -24.19
N ASN A 538 9.05 -15.38 -23.56
CA ASN A 538 8.96 -14.98 -22.16
C ASN A 538 9.64 -13.64 -21.95
N ILE A 539 9.36 -12.68 -22.84
CA ILE A 539 9.99 -11.35 -22.74
C ILE A 539 9.48 -10.68 -21.47
N VAL A 540 10.36 -10.53 -20.49
CA VAL A 540 10.00 -9.97 -19.20
C VAL A 540 9.90 -8.45 -19.29
N LEU A 541 8.69 -7.94 -19.48
CA LEU A 541 8.47 -6.51 -19.55
C LEU A 541 8.48 -5.90 -18.16
N GLY A 542 8.84 -4.62 -18.10
CA GLY A 542 8.83 -3.88 -16.86
C GLY A 542 7.43 -3.38 -16.52
N GLU A 543 7.36 -2.60 -15.45
CA GLU A 543 6.09 -2.05 -15.00
C GLU A 543 5.66 -0.89 -15.90
N GLY A 544 4.35 -0.76 -16.08
CA GLY A 544 3.76 0.32 -16.84
C GLY A 544 3.53 0.02 -18.31
N GLY A 545 4.18 -1.00 -18.86
CA GLY A 545 4.00 -1.34 -20.25
C GLY A 545 4.46 -0.30 -21.24
N ILE A 546 5.37 0.59 -20.84
CA ILE A 546 5.85 1.63 -21.74
C ILE A 546 6.63 1.06 -22.91
N THR A 547 7.32 -0.07 -22.72
CA THR A 547 8.09 -0.68 -23.80
C THR A 547 7.20 -1.21 -24.91
N LEU A 548 5.90 -1.36 -24.67
CA LEU A 548 4.97 -1.84 -25.67
C LEU A 548 4.22 -0.66 -26.30
N SER A 549 3.82 -0.84 -27.56
CA SER A 549 3.10 0.19 -28.28
C SER A 549 1.60 0.09 -27.99
N GLY A 550 0.84 1.07 -28.49
CA GLY A 550 -0.60 1.04 -28.32
C GLY A 550 -1.24 -0.16 -28.97
N GLY A 551 -0.82 -0.51 -30.19
CA GLY A 551 -1.27 -1.74 -30.80
C GLY A 551 -0.86 -2.97 -30.03
N GLN A 552 0.33 -2.94 -29.44
CA GLN A 552 0.74 -4.03 -28.55
C GLN A 552 -0.16 -4.13 -27.33
N ARG A 553 -0.55 -2.99 -26.75
CA ARG A 553 -1.47 -3.01 -25.62
C ARG A 553 -2.83 -3.57 -26.04
N ALA A 554 -3.30 -3.19 -27.23
CA ALA A 554 -4.57 -3.73 -27.72
C ALA A 554 -4.49 -5.23 -27.93
N ARG A 555 -3.37 -5.71 -28.49
CA ARG A 555 -3.19 -7.15 -28.67
C ARG A 555 -3.14 -7.87 -27.33
N ILE A 556 -2.47 -7.28 -26.33
CA ILE A 556 -2.42 -7.88 -25.00
C ILE A 556 -3.81 -7.96 -24.39
N SER A 557 -4.59 -6.90 -24.53
CA SER A 557 -5.95 -6.91 -24.00
C SER A 557 -6.80 -7.96 -24.71
N LEU A 558 -6.66 -8.08 -26.02
CA LEU A 558 -7.41 -9.10 -26.76
C LEU A 558 -7.02 -10.50 -26.32
N ALA A 559 -5.72 -10.75 -26.12
CA ALA A 559 -5.28 -12.05 -25.67
C ALA A 559 -5.82 -12.36 -24.27
N ARG A 560 -5.77 -11.37 -23.37
CA ARG A 560 -6.30 -11.58 -22.03
C ARG A 560 -7.79 -11.88 -22.06
N ALA A 561 -8.54 -11.16 -22.88
CA ALA A 561 -9.97 -11.42 -22.99
C ALA A 561 -10.25 -12.80 -23.56
N VAL A 562 -9.48 -13.22 -24.58
CA VAL A 562 -9.72 -14.51 -25.21
C VAL A 562 -9.19 -15.68 -24.41
N TYR A 563 -8.32 -15.44 -23.44
CA TYR A 563 -7.75 -16.54 -22.66
C TYR A 563 -8.80 -17.24 -21.81
N LYS A 564 -9.61 -16.46 -21.09
CA LYS A 564 -10.59 -17.00 -20.16
C LYS A 564 -11.75 -17.60 -20.93
N ASP A 565 -12.15 -18.81 -20.54
CA ASP A 565 -13.33 -19.45 -21.11
C ASP A 565 -14.55 -19.06 -20.29
N ALA A 566 -15.47 -18.34 -20.93
CA ALA A 566 -16.63 -17.80 -20.22
C ALA A 566 -17.83 -17.80 -21.16
N ASP A 567 -19.02 -17.71 -20.56
CA ASP A 567 -20.25 -17.71 -21.35
C ASP A 567 -20.57 -16.34 -21.94
N LEU A 568 -19.79 -15.31 -21.60
CA LEU A 568 -19.97 -13.99 -22.17
C LEU A 568 -18.63 -13.27 -22.15
N TYR A 569 -18.20 -12.80 -23.31
CA TYR A 569 -16.93 -12.08 -23.45
C TYR A 569 -17.25 -10.65 -23.90
N LEU A 570 -17.47 -9.77 -22.92
CA LEU A 570 -17.88 -8.40 -23.20
C LEU A 570 -16.64 -7.59 -23.63
N LEU A 571 -16.14 -7.90 -24.81
CA LEU A 571 -14.99 -7.19 -25.38
C LEU A 571 -15.46 -5.81 -25.82
N ASP A 572 -15.20 -4.81 -24.98
CA ASP A 572 -15.68 -3.44 -25.22
C ASP A 572 -14.59 -2.65 -25.94
N SER A 573 -14.88 -2.24 -27.17
CA SER A 573 -14.02 -1.39 -27.98
C SER A 573 -12.62 -1.99 -28.12
N PRO A 574 -12.50 -3.28 -28.42
CA PRO A 574 -11.16 -3.87 -28.53
C PRO A 574 -10.41 -3.41 -29.77
N PHE A 575 -11.10 -3.21 -30.89
CA PHE A 575 -10.47 -2.87 -32.16
C PHE A 575 -10.24 -1.38 -32.34
N GLY A 576 -10.23 -0.60 -31.26
CA GLY A 576 -10.07 0.83 -31.36
C GLY A 576 -8.65 1.34 -31.44
N TYR A 577 -7.65 0.46 -31.49
CA TYR A 577 -6.26 0.87 -31.54
C TYR A 577 -5.44 0.05 -32.53
N LEU A 578 -6.07 -0.64 -33.47
CA LEU A 578 -5.38 -1.45 -34.45
C LEU A 578 -5.60 -0.90 -35.86
N ASP A 579 -4.76 -1.35 -36.78
CA ASP A 579 -4.86 -0.91 -38.17
C ASP A 579 -6.10 -1.52 -38.83
N VAL A 580 -6.53 -0.90 -39.93
CA VAL A 580 -7.72 -1.36 -40.63
C VAL A 580 -7.51 -2.77 -41.16
N LEU A 581 -6.37 -3.03 -41.81
CA LEU A 581 -6.04 -4.39 -42.22
C LEU A 581 -5.87 -5.30 -41.01
N THR A 582 -5.23 -4.79 -39.96
CA THR A 582 -5.11 -5.55 -38.72
C THR A 582 -6.49 -5.83 -38.11
N GLU A 583 -7.39 -4.85 -38.15
CA GLU A 583 -8.73 -5.06 -37.64
C GLU A 583 -9.47 -6.13 -38.43
N LYS A 584 -9.35 -6.09 -39.76
CA LYS A 584 -10.00 -7.12 -40.58
C LYS A 584 -9.41 -8.50 -40.30
N GLU A 585 -8.09 -8.59 -40.16
CA GLU A 585 -7.47 -9.87 -39.85
C GLU A 585 -7.92 -10.39 -38.49
N ILE A 586 -8.00 -9.52 -37.49
CA ILE A 586 -8.45 -9.92 -36.16
C ILE A 586 -9.90 -10.39 -36.22
N PHE A 587 -10.75 -9.66 -36.94
CA PHE A 587 -12.15 -10.06 -37.06
C PHE A 587 -12.28 -11.42 -37.74
N GLU A 588 -11.52 -11.64 -38.82
CA GLU A 588 -11.59 -12.91 -39.52
C GLU A 588 -10.85 -14.03 -38.78
N SER A 589 -10.10 -13.68 -37.73
CA SER A 589 -9.31 -14.66 -36.99
C SER A 589 -9.89 -15.01 -35.63
N CYS A 590 -10.23 -14.02 -34.81
CA CYS A 590 -10.70 -14.27 -33.44
C CYS A 590 -12.14 -13.79 -33.24
N VAL A 591 -12.45 -12.54 -33.57
CA VAL A 591 -13.74 -11.97 -33.18
C VAL A 591 -14.88 -12.66 -33.90
N CYS A 592 -14.80 -12.80 -35.22
CA CYS A 592 -15.86 -13.40 -36.01
C CYS A 592 -15.54 -14.83 -36.45
N LYS A 593 -14.45 -15.40 -35.94
CA LYS A 593 -14.06 -16.77 -36.28
C LYS A 593 -14.08 -17.68 -35.07
N LEU A 594 -13.44 -17.30 -33.97
CA LEU A 594 -13.38 -18.09 -32.75
C LEU A 594 -14.28 -17.55 -31.66
N MET A 595 -14.22 -16.24 -31.38
CA MET A 595 -15.04 -15.66 -30.33
C MET A 595 -16.51 -15.60 -30.71
N ALA A 596 -16.84 -15.82 -31.98
CA ALA A 596 -18.24 -15.86 -32.39
C ALA A 596 -18.90 -17.19 -32.09
N ASN A 597 -18.11 -18.23 -31.80
CA ASN A 597 -18.69 -19.51 -31.39
C ASN A 597 -19.43 -19.38 -30.07
N LYS A 598 -18.87 -18.66 -29.11
CA LYS A 598 -19.53 -18.39 -27.85
C LYS A 598 -20.15 -17.00 -27.87
N THR A 599 -21.00 -16.73 -26.88
CA THR A 599 -21.66 -15.43 -26.80
C THR A 599 -20.63 -14.33 -26.59
N ARG A 600 -20.81 -13.22 -27.32
CA ARG A 600 -19.87 -12.10 -27.25
C ARG A 600 -20.61 -10.84 -27.64
N ILE A 601 -20.36 -9.75 -26.90
CA ILE A 601 -21.01 -8.47 -27.15
C ILE A 601 -19.90 -7.45 -27.37
N LEU A 602 -19.55 -7.23 -28.63
CA LEU A 602 -18.55 -6.22 -28.98
C LEU A 602 -19.21 -4.85 -29.12
N VAL A 603 -18.38 -3.81 -29.06
CA VAL A 603 -18.82 -2.43 -29.18
C VAL A 603 -17.89 -1.74 -30.17
N THR A 604 -18.33 -1.62 -31.42
CA THR A 604 -17.54 -0.98 -32.46
C THR A 604 -18.42 -0.04 -33.26
N SER A 605 -17.79 0.99 -33.83
CA SER A 605 -18.49 1.97 -34.65
C SER A 605 -18.27 1.74 -36.15
N LYS A 606 -17.55 0.68 -36.51
CA LYS A 606 -17.29 0.40 -37.91
C LYS A 606 -18.55 -0.12 -38.60
N MET A 607 -18.83 0.41 -39.78
CA MET A 607 -20.01 -0.02 -40.53
C MET A 607 -19.90 -1.49 -40.94
N GLU A 608 -18.70 -1.92 -41.36
CA GLU A 608 -18.51 -3.30 -41.77
C GLU A 608 -18.63 -4.27 -40.61
N HIS A 609 -18.23 -3.85 -39.41
CA HIS A 609 -18.32 -4.73 -38.25
C HIS A 609 -19.76 -5.09 -37.92
N LEU A 610 -20.67 -4.11 -38.01
CA LEU A 610 -22.07 -4.38 -37.68
C LEU A 610 -22.75 -5.29 -38.70
N LYS A 611 -22.13 -5.47 -39.88
CA LYS A 611 -22.74 -6.28 -40.92
C LYS A 611 -22.89 -7.73 -40.47
N LYS A 612 -21.89 -8.27 -39.79
CA LYS A 612 -21.92 -9.66 -39.35
C LYS A 612 -22.64 -9.86 -38.03
N ALA A 613 -23.15 -8.79 -37.41
CA ALA A 613 -23.83 -8.90 -36.13
C ALA A 613 -25.16 -9.62 -36.27
N ASP A 614 -25.45 -10.50 -35.31
CA ASP A 614 -26.76 -11.17 -35.28
C ASP A 614 -27.85 -10.25 -34.75
N LYS A 615 -27.48 -9.17 -34.07
CA LYS A 615 -28.43 -8.18 -33.59
C LYS A 615 -27.72 -6.85 -33.47
N ILE A 616 -28.47 -5.77 -33.66
CA ILE A 616 -27.94 -4.42 -33.62
C ILE A 616 -28.76 -3.58 -32.66
N LEU A 617 -28.07 -2.78 -31.84
CA LEU A 617 -28.74 -1.90 -30.88
C LEU A 617 -27.98 -0.57 -30.87
N ILE A 618 -28.46 0.37 -31.67
CA ILE A 618 -27.83 1.67 -31.79
C ILE A 618 -28.43 2.61 -30.75
N LEU A 619 -27.58 3.20 -29.92
CA LEU A 619 -28.00 4.11 -28.87
C LEU A 619 -27.25 5.43 -29.00
N HIS A 620 -27.96 6.53 -28.79
CA HIS A 620 -27.35 7.86 -28.88
C HIS A 620 -28.11 8.81 -27.97
N GLU A 621 -27.39 9.76 -27.39
CA GLU A 621 -27.96 10.76 -26.48
C GLU A 621 -28.71 10.11 -25.32
N GLY A 622 -28.19 9.00 -24.81
CA GLY A 622 -28.80 8.32 -23.70
C GLY A 622 -30.03 7.51 -24.02
N SER A 623 -30.38 7.36 -25.30
CA SER A 623 -31.56 6.62 -25.69
C SER A 623 -31.23 5.74 -26.89
N SER A 624 -31.94 4.62 -26.99
CA SER A 624 -31.75 3.69 -28.11
C SER A 624 -32.45 4.23 -29.34
N TYR A 625 -31.68 4.87 -30.23
CA TYR A 625 -32.25 5.45 -31.44
C TYR A 625 -32.83 4.36 -32.35
N PHE A 626 -32.12 3.24 -32.49
CA PHE A 626 -32.56 2.16 -33.36
C PHE A 626 -32.08 0.84 -32.78
N TYR A 627 -32.96 -0.18 -32.84
CA TYR A 627 -32.62 -1.49 -32.34
C TYR A 627 -33.41 -2.53 -33.13
N GLY A 628 -32.93 -3.76 -33.10
CA GLY A 628 -33.57 -4.86 -33.78
C GLY A 628 -32.54 -5.73 -34.49
N THR A 629 -33.02 -6.56 -35.40
CA THR A 629 -32.14 -7.44 -36.14
C THR A 629 -31.33 -6.66 -37.17
N PHE A 630 -30.46 -7.38 -37.88
CA PHE A 630 -29.61 -6.75 -38.88
C PHE A 630 -30.45 -6.14 -40.01
N SER A 631 -31.18 -6.99 -40.75
CA SER A 631 -31.96 -6.51 -41.88
C SER A 631 -33.11 -5.61 -41.43
N GLU A 632 -33.76 -5.95 -40.33
CA GLU A 632 -34.91 -5.16 -39.86
C GLU A 632 -34.49 -3.74 -39.51
N LEU A 633 -33.38 -3.59 -38.79
CA LEU A 633 -32.90 -2.25 -38.43
C LEU A 633 -32.28 -1.54 -39.63
N GLN A 634 -31.67 -2.30 -40.54
CA GLN A 634 -31.09 -1.69 -41.73
C GLN A 634 -32.16 -1.11 -42.64
N ASN A 635 -33.30 -1.80 -42.79
CA ASN A 635 -34.39 -1.33 -43.62
C ASN A 635 -35.44 -0.54 -42.85
N LEU A 636 -35.26 -0.37 -41.53
CA LEU A 636 -36.21 0.43 -40.77
C LEU A 636 -36.24 1.87 -41.22
N GLN A 637 -35.08 2.45 -41.51
CA GLN A 637 -34.98 3.81 -42.03
C GLN A 637 -33.75 3.90 -42.93
N PRO A 638 -33.90 3.65 -44.23
CA PRO A 638 -32.71 3.70 -45.11
C PRO A 638 -32.03 5.05 -45.12
N ASP A 639 -32.79 6.15 -45.02
CA ASP A 639 -32.18 7.46 -44.95
C ASP A 639 -31.36 7.62 -43.68
N PHE A 640 -31.90 7.17 -42.54
CA PHE A 640 -31.16 7.24 -41.29
C PHE A 640 -29.98 6.27 -41.29
N SER A 641 -30.15 5.11 -41.94
CA SER A 641 -29.05 4.15 -42.02
C SER A 641 -27.88 4.73 -42.80
N SER A 642 -28.14 5.43 -43.90
CA SER A 642 -27.08 6.08 -44.65
C SER A 642 -26.40 7.18 -43.84
N LYS A 643 -27.20 7.96 -43.09
CA LYS A 643 -26.63 9.03 -42.27
C LYS A 643 -25.74 8.48 -41.17
N LEU A 644 -26.17 7.39 -40.52
CA LEU A 644 -25.38 6.81 -39.44
C LEU A 644 -24.04 6.29 -39.93
N MET A 645 -24.02 5.64 -41.10
CA MET A 645 -22.77 5.11 -41.64
C MET A 645 -22.83 5.03 -43.16
N THR A 844 29.43 11.02 3.57
CA THR A 844 29.83 10.88 4.96
C THR A 844 31.35 10.88 5.09
N THR A 845 32.02 11.29 4.02
CA THR A 845 33.47 11.37 3.97
C THR A 845 33.96 12.67 4.60
N TRP A 846 35.21 12.65 5.06
CA TRP A 846 35.79 13.85 5.65
C TRP A 846 35.87 14.99 4.65
N ASN A 847 36.06 14.65 3.37
CA ASN A 847 36.08 15.69 2.33
C ASN A 847 34.75 16.41 2.27
N THR A 848 33.63 15.68 2.31
CA THR A 848 32.32 16.31 2.32
C THR A 848 32.18 17.23 3.52
N TYR A 849 32.63 16.78 4.69
CA TYR A 849 32.63 17.64 5.87
C TYR A 849 33.38 18.94 5.59
N LEU A 850 34.70 18.85 5.39
CA LEU A 850 35.51 20.06 5.34
C LEU A 850 35.03 20.99 4.23
N ARG A 851 34.52 20.42 3.13
CA ARG A 851 33.91 21.26 2.11
C ARG A 851 32.66 21.94 2.64
N TYR A 852 31.88 21.25 3.48
CA TYR A 852 30.65 21.85 4.01
C TYR A 852 30.96 23.02 4.94
N ILE A 853 31.95 22.86 5.83
CA ILE A 853 32.28 24.00 6.70
C ILE A 853 32.94 25.13 5.90
N THR A 854 33.83 24.81 4.97
CA THR A 854 34.63 25.84 4.31
C THR A 854 33.84 26.70 3.33
N VAL A 855 32.52 26.48 3.18
CA VAL A 855 31.75 27.33 2.28
C VAL A 855 31.57 28.73 2.84
N HIS A 856 31.71 28.91 4.15
CA HIS A 856 31.48 30.21 4.79
C HIS A 856 32.51 30.42 5.88
N LYS A 857 33.18 31.57 5.86
CA LYS A 857 34.21 31.87 6.84
C LYS A 857 33.65 32.19 8.21
N SER A 858 32.40 32.66 8.29
CA SER A 858 31.83 33.00 9.59
C SER A 858 31.60 31.74 10.44
N LEU A 859 31.38 30.59 9.81
CA LEU A 859 31.13 29.37 10.56
C LEU A 859 32.35 28.96 11.38
N ILE A 860 33.54 29.02 10.78
CA ILE A 860 34.75 28.68 11.53
C ILE A 860 34.96 29.67 12.67
N PHE A 861 34.60 30.94 12.43
CA PHE A 861 34.74 31.96 13.46
C PHE A 861 33.85 31.66 14.66
N VAL A 862 32.58 31.36 14.42
CA VAL A 862 31.67 31.13 15.54
C VAL A 862 32.03 29.84 16.27
N LEU A 863 32.46 28.81 15.53
CA LEU A 863 32.81 27.56 16.19
C LEU A 863 34.07 27.72 17.06
N ILE A 864 35.09 28.42 16.56
CA ILE A 864 36.26 28.63 17.41
C ILE A 864 35.90 29.53 18.58
N TRP A 865 35.01 30.49 18.40
CA TRP A 865 34.53 31.31 19.51
C TRP A 865 33.90 30.45 20.59
N CYS A 866 32.98 29.56 20.19
CA CYS A 866 32.29 28.71 21.16
C CYS A 866 33.28 27.79 21.88
N LEU A 867 34.23 27.23 21.14
CA LEU A 867 35.25 26.38 21.78
C LEU A 867 36.09 27.19 22.78
N VAL A 868 36.40 28.44 22.45
CA VAL A 868 37.19 29.27 23.35
C VAL A 868 36.44 29.53 24.64
N ILE A 869 35.16 29.91 24.54
CA ILE A 869 34.40 30.13 25.77
C ILE A 869 34.27 28.82 26.55
N PHE A 870 34.14 27.69 25.84
CA PHE A 870 34.05 26.41 26.53
C PHE A 870 35.30 26.13 27.35
N LEU A 871 36.47 26.26 26.73
CA LEU A 871 37.68 25.89 27.47
C LEU A 871 37.96 26.90 28.58
N ALA A 872 37.60 28.17 28.36
CA ALA A 872 37.74 29.16 29.42
C ALA A 872 36.84 28.81 30.61
N GLU A 873 35.58 28.46 30.36
CA GLU A 873 34.68 28.18 31.48
C GLU A 873 35.05 26.89 32.19
N VAL A 874 35.51 25.87 31.46
CA VAL A 874 35.89 24.63 32.14
C VAL A 874 37.16 24.87 32.96
N ALA A 875 38.08 25.69 32.45
CA ALA A 875 39.27 26.02 33.24
C ALA A 875 38.90 26.78 34.50
N ALA A 876 37.97 27.74 34.40
CA ALA A 876 37.54 28.49 35.57
C ALA A 876 36.87 27.57 36.59
N SER A 877 35.99 26.68 36.14
CA SER A 877 35.35 25.75 37.06
C SER A 877 36.36 24.83 37.72
N LEU A 878 37.34 24.32 36.96
CA LEU A 878 38.35 23.44 37.54
C LEU A 878 39.20 24.17 38.57
N VAL A 879 39.60 25.41 38.28
CA VAL A 879 40.44 26.13 39.23
C VAL A 879 39.66 26.50 40.49
N VAL A 880 38.38 26.87 40.35
CA VAL A 880 37.61 27.18 41.56
C VAL A 880 37.35 25.92 42.37
N LEU A 881 37.14 24.79 41.69
CA LEU A 881 36.97 23.53 42.41
C LEU A 881 38.24 23.16 43.18
N TRP A 882 39.41 23.31 42.55
CA TRP A 882 40.66 23.02 43.24
C TRP A 882 40.87 23.96 44.42
N LEU A 883 40.55 25.25 44.22
CA LEU A 883 40.74 26.22 45.29
C LEU A 883 39.85 25.93 46.49
N LEU A 884 38.57 25.61 46.23
CA LEU A 884 37.64 25.39 47.33
C LEU A 884 37.84 24.04 48.00
N GLY A 885 38.19 23.00 47.22
CA GLY A 885 38.41 21.69 47.78
C GLY A 885 39.78 21.44 48.38
N ASN A 886 40.71 22.38 48.19
CA ASN A 886 42.05 22.23 48.72
C ASN A 886 42.67 23.59 49.05
N THR A 910 28.82 32.12 54.59
CA THR A 910 29.65 30.94 54.42
C THR A 910 28.85 29.79 53.80
N SER A 911 27.52 29.88 53.89
CA SER A 911 26.67 28.87 53.28
C SER A 911 26.81 28.88 51.76
N SER A 912 27.05 30.06 51.18
CA SER A 912 27.21 30.14 49.73
C SER A 912 28.42 29.35 49.25
N TYR A 913 29.43 29.17 50.12
CA TYR A 913 30.59 28.37 49.75
C TYR A 913 30.17 26.95 49.41
N TYR A 914 29.31 26.35 50.24
CA TYR A 914 28.77 25.03 49.96
C TYR A 914 27.70 25.06 48.88
N VAL A 915 26.99 26.19 48.72
CA VAL A 915 26.00 26.33 47.67
C VAL A 915 26.61 26.31 46.27
N PHE A 916 27.82 26.87 46.11
CA PHE A 916 28.45 26.91 44.79
C PHE A 916 28.70 25.53 44.21
N TYR A 917 28.72 24.48 45.04
CA TYR A 917 28.83 23.12 44.52
C TYR A 917 27.66 22.76 43.61
N ILE A 918 26.50 23.38 43.79
CA ILE A 918 25.34 23.04 42.96
C ILE A 918 25.58 23.44 41.52
N TYR A 919 26.43 24.43 41.28
CA TYR A 919 26.74 24.85 39.91
C TYR A 919 27.56 23.79 39.20
N VAL A 920 28.61 23.28 39.85
CA VAL A 920 29.51 22.32 39.21
C VAL A 920 28.91 20.92 39.22
N GLY A 921 27.98 20.64 40.15
CA GLY A 921 27.43 19.31 40.25
C GLY A 921 26.65 18.87 39.03
N VAL A 922 25.80 19.74 38.51
CA VAL A 922 25.03 19.44 37.30
C VAL A 922 25.84 19.95 36.11
N ALA A 923 26.39 19.01 35.34
CA ALA A 923 27.22 19.37 34.19
C ALA A 923 26.42 20.07 33.10
N ASP A 924 25.11 19.84 33.04
CA ASP A 924 24.26 20.43 32.02
C ASP A 924 24.35 21.95 32.06
N THR A 925 23.94 22.55 33.18
CA THR A 925 23.99 24.00 33.29
C THR A 925 25.41 24.54 33.25
N LEU A 926 26.38 23.82 33.85
CA LEU A 926 27.73 24.33 33.93
C LEU A 926 28.36 24.41 32.54
N LEU A 927 28.00 23.49 31.64
CA LEU A 927 28.48 23.51 30.27
C LEU A 927 27.40 23.88 29.27
N ALA A 928 26.29 24.47 29.71
CA ALA A 928 25.20 24.79 28.80
C ALA A 928 25.62 25.85 27.80
N MET A 929 25.22 25.65 26.54
CA MET A 929 25.49 26.62 25.50
C MET A 929 24.69 27.90 25.77
N GLY A 930 25.38 29.00 26.02
CA GLY A 930 24.70 30.23 26.37
C GLY A 930 23.88 30.77 25.23
N PHE A 931 22.86 31.55 25.58
CA PHE A 931 22.01 32.18 24.57
C PHE A 931 22.81 33.14 23.69
N PHE A 932 23.95 33.63 24.16
CA PHE A 932 24.82 34.48 23.37
C PHE A 932 25.73 33.68 22.45
N ARG A 933 25.70 32.36 22.52
CA ARG A 933 26.55 31.51 21.67
C ARG A 933 25.77 30.61 20.72
N GLY A 934 24.61 30.09 21.10
CA GLY A 934 23.86 29.22 20.21
C GLY A 934 23.29 29.90 18.99
N LEU A 935 22.79 31.13 19.16
CA LEU A 935 22.14 31.82 18.05
C LEU A 935 23.06 32.03 16.84
N PRO A 936 24.31 32.48 16.98
CA PRO A 936 25.16 32.62 15.79
C PRO A 936 25.36 31.32 15.03
N LEU A 937 25.44 30.18 15.74
CA LEU A 937 25.58 28.90 15.05
C LEU A 937 24.40 28.65 14.12
N VAL A 938 23.17 28.77 14.64
CA VAL A 938 21.99 28.49 13.82
C VAL A 938 21.89 29.49 12.68
N HIS A 939 22.16 30.77 12.96
CA HIS A 939 22.08 31.78 11.91
C HIS A 939 23.07 31.50 10.80
N THR A 940 24.31 31.13 11.16
CA THR A 940 25.33 30.83 10.17
C THR A 940 24.96 29.58 9.37
N LEU A 941 24.38 28.57 10.02
CA LEU A 941 23.94 27.39 9.28
C LEU A 941 22.86 27.73 8.27
N ILE A 942 21.92 28.59 8.65
CA ILE A 942 20.87 29.00 7.72
C ILE A 942 21.48 29.75 6.53
N THR A 943 22.42 30.66 6.80
CA THR A 943 23.09 31.36 5.71
C THR A 943 23.86 30.40 4.82
N VAL A 944 24.50 29.38 5.40
CA VAL A 944 25.22 28.40 4.61
C VAL A 944 24.27 27.65 3.70
N SER A 945 23.11 27.25 4.23
CA SER A 945 22.11 26.58 3.41
C SER A 945 21.64 27.47 2.27
N LYS A 946 21.41 28.75 2.54
CA LYS A 946 21.00 29.68 1.48
C LYS A 946 22.07 29.78 0.39
N ILE A 947 23.32 29.95 0.81
CA ILE A 947 24.40 30.07 -0.16
C ILE A 947 24.51 28.81 -1.01
N LEU A 948 24.42 27.65 -0.37
CA LEU A 948 24.52 26.39 -1.10
C LEU A 948 23.38 26.23 -2.10
N HIS A 949 22.15 26.55 -1.69
CA HIS A 949 21.02 26.47 -2.60
C HIS A 949 21.20 27.41 -3.79
N HIS A 950 21.63 28.64 -3.53
CA HIS A 950 21.81 29.61 -4.61
C HIS A 950 22.88 29.13 -5.58
N LYS A 951 24.00 28.64 -5.06
CA LYS A 951 25.08 28.16 -5.93
C LYS A 951 24.65 26.94 -6.74
N MET A 952 23.93 26.01 -6.13
CA MET A 952 23.50 24.82 -6.86
C MET A 952 22.50 25.18 -7.96
N LEU A 953 21.61 26.13 -7.67
CA LEU A 953 20.70 26.61 -8.71
C LEU A 953 21.47 27.27 -9.84
N HIS A 954 22.49 28.08 -9.52
CA HIS A 954 23.30 28.71 -10.55
C HIS A 954 23.99 27.66 -11.42
N SER A 955 24.54 26.62 -10.78
CA SER A 955 25.27 25.59 -11.52
C SER A 955 24.34 24.78 -12.42
N VAL A 956 23.19 24.36 -11.89
CA VAL A 956 22.30 23.49 -12.65
C VAL A 956 21.75 24.20 -13.88
N LEU A 957 21.74 25.54 -13.87
CA LEU A 957 21.23 26.30 -15.00
C LEU A 957 22.26 26.47 -16.11
N GLN A 958 23.49 26.02 -15.91
CA GLN A 958 24.53 26.12 -16.92
C GLN A 958 25.08 24.78 -17.36
N ALA A 959 24.44 23.67 -16.98
CA ALA A 959 24.95 22.36 -17.35
C ALA A 959 24.75 22.11 -18.85
N PRO A 960 25.61 21.33 -19.49
CA PRO A 960 25.36 20.96 -20.89
C PRO A 960 24.11 20.11 -21.01
N MET A 961 23.42 20.26 -22.14
CA MET A 961 22.17 19.55 -22.35
C MET A 961 22.39 18.04 -22.40
N SER A 962 23.51 17.61 -22.99
CA SER A 962 23.80 16.18 -23.08
C SER A 962 23.91 15.55 -21.70
N THR A 963 24.59 16.21 -20.77
CA THR A 963 24.64 15.76 -19.39
C THR A 963 23.26 15.80 -18.74
N LEU A 964 22.50 16.86 -19.00
CA LEU A 964 21.15 16.96 -18.44
C LEU A 964 20.24 15.86 -18.96
N ASN A 965 20.45 15.41 -20.19
CA ASN A 965 19.64 14.32 -20.74
C ASN A 965 19.84 13.03 -19.96
N THR A 966 21.06 12.79 -19.47
CA THR A 966 21.29 11.61 -18.65
C THR A 966 20.51 11.65 -17.35
N LEU A 967 20.19 12.85 -16.86
CA LEU A 967 19.39 13.00 -15.65
C LEU A 967 17.92 13.00 -16.00
N LYS A 968 17.15 12.10 -15.39
CA LYS A 968 15.71 12.08 -15.59
C LYS A 968 15.07 13.33 -15.03
N ALA A 969 13.94 13.73 -15.61
CA ALA A 969 13.29 14.98 -15.23
C ALA A 969 12.89 14.97 -13.75
N GLY A 970 12.36 13.85 -13.27
CA GLY A 970 12.00 13.74 -11.86
C GLY A 970 13.17 13.66 -10.91
N GLY A 971 14.36 13.35 -11.41
CA GLY A 971 15.54 13.21 -10.59
C GLY A 971 16.22 14.50 -10.18
N ILE A 972 15.80 15.64 -10.73
CA ILE A 972 16.36 16.93 -10.39
C ILE A 972 15.44 17.70 -9.45
N LEU A 973 14.13 17.58 -9.64
CA LEU A 973 13.18 18.31 -8.80
C LEU A 973 13.25 17.84 -7.35
N ASN A 974 13.59 16.57 -7.13
CA ASN A 974 13.73 16.07 -5.76
C ASN A 974 14.89 16.72 -5.02
N ARG A 975 15.98 17.03 -5.71
CA ARG A 975 17.09 17.75 -5.09
C ARG A 975 16.71 19.18 -4.71
N PHE A 976 15.59 19.68 -5.22
CA PHE A 976 15.07 21.00 -4.86
C PHE A 976 13.99 20.94 -3.81
N SER A 977 13.15 19.91 -3.84
CA SER A 977 11.97 19.85 -2.97
C SER A 977 12.25 19.17 -1.64
N LYS A 978 13.22 18.26 -1.57
CA LYS A 978 13.48 17.49 -0.37
C LYS A 978 14.83 17.80 0.25
N ASP A 979 15.88 17.88 -0.57
CA ASP A 979 17.23 18.11 -0.02
C ASP A 979 17.33 19.48 0.62
N ILE A 980 16.74 20.50 -0.01
CA ILE A 980 16.81 21.86 0.55
C ILE A 980 16.06 21.93 1.87
N ALA A 981 14.89 21.30 1.95
CA ALA A 981 14.13 21.30 3.20
C ALA A 981 14.91 20.60 4.32
N ILE A 982 15.57 19.48 4.00
CA ILE A 982 16.40 18.81 4.99
C ILE A 982 17.55 19.71 5.42
N LEU A 983 18.18 20.39 4.46
CA LEU A 983 19.31 21.26 4.77
C LEU A 983 18.89 22.44 5.63
N ASP A 984 17.64 22.87 5.53
CA ASP A 984 17.21 24.04 6.27
C ASP A 984 16.67 23.67 7.66
N ASP A 985 15.84 22.63 7.74
CA ASP A 985 15.11 22.32 8.97
C ASP A 985 15.84 21.32 9.86
N LEU A 986 16.08 20.11 9.35
CA LEU A 986 16.57 19.03 10.21
C LEU A 986 18.05 19.18 10.56
N LEU A 987 18.88 19.54 9.58
CA LEU A 987 20.32 19.51 9.80
C LEU A 987 20.79 20.50 10.85
N PRO A 988 20.41 21.78 10.84
CA PRO A 988 20.98 22.73 11.83
C PRO A 988 20.73 22.31 13.27
N LEU A 989 19.50 21.97 13.62
CA LEU A 989 19.20 21.57 14.99
C LEU A 989 19.95 20.30 15.36
N THR A 990 20.05 19.35 14.42
CA THR A 990 20.75 18.11 14.70
C THR A 990 22.21 18.35 15.02
N ILE A 991 22.90 19.13 14.18
CA ILE A 991 24.32 19.36 14.43
C ILE A 991 24.51 20.20 15.68
N PHE A 992 23.62 21.16 15.95
CA PHE A 992 23.73 21.95 17.17
C PHE A 992 23.60 21.06 18.41
N ASP A 993 22.60 20.17 18.41
CA ASP A 993 22.45 19.25 19.54
C ASP A 993 23.66 18.33 19.68
N PHE A 994 24.16 17.83 18.56
CA PHE A 994 25.34 16.94 18.62
C PHE A 994 26.54 17.66 19.20
N ILE A 995 26.78 18.90 18.76
CA ILE A 995 27.95 19.62 19.25
C ILE A 995 27.79 19.95 20.73
N GLN A 996 26.58 20.34 21.15
CA GLN A 996 26.37 20.64 22.56
C GLN A 996 26.57 19.39 23.42
N LEU A 997 26.03 18.25 22.98
CA LEU A 997 26.13 17.02 23.76
C LEU A 997 27.57 16.54 23.85
N LEU A 998 28.29 16.56 22.72
CA LEU A 998 29.70 16.16 22.73
C LEU A 998 30.52 17.09 23.60
N LEU A 999 30.22 18.39 23.55
CA LEU A 999 30.95 19.35 24.38
C LEU A 999 30.70 19.07 25.86
N ILE A 1000 29.46 18.79 26.22
CA ILE A 1000 29.13 18.47 27.61
C ILE A 1000 29.88 17.22 28.05
N VAL A 1001 29.87 16.18 27.20
CA VAL A 1001 30.51 14.92 27.56
C VAL A 1001 32.00 15.12 27.76
N ILE A 1002 32.66 15.81 26.81
CA ILE A 1002 34.10 15.97 26.92
C ILE A 1002 34.47 16.84 28.11
N GLY A 1003 33.72 17.90 28.36
CA GLY A 1003 34.00 18.73 29.52
C GLY A 1003 33.85 17.98 30.82
N ALA A 1004 32.77 17.21 30.96
CA ALA A 1004 32.55 16.47 32.20
C ALA A 1004 33.62 15.40 32.38
N ILE A 1005 33.98 14.68 31.32
CA ILE A 1005 34.98 13.63 31.49
C ILE A 1005 36.35 14.24 31.79
N ALA A 1006 36.68 15.38 31.18
CA ALA A 1006 37.92 16.06 31.53
C ALA A 1006 37.92 16.51 32.98
N VAL A 1007 36.80 17.03 33.46
CA VAL A 1007 36.70 17.44 34.86
C VAL A 1007 36.93 16.26 35.78
N VAL A 1008 36.31 15.11 35.46
CA VAL A 1008 36.50 13.91 36.29
C VAL A 1008 37.95 13.47 36.25
N ALA A 1009 38.56 13.47 35.06
CA ALA A 1009 39.92 12.97 34.92
C ALA A 1009 40.93 13.86 35.63
N VAL A 1010 40.76 15.18 35.58
CA VAL A 1010 41.71 16.07 36.23
C VAL A 1010 41.69 15.88 37.74
N LEU A 1011 40.50 15.76 38.33
CA LEU A 1011 40.38 15.64 39.78
C LEU A 1011 41.05 14.37 40.30
N GLN A 1012 41.23 13.37 39.46
CA GLN A 1012 41.91 12.13 39.83
C GLN A 1012 42.66 11.62 38.62
N PRO A 1013 44.00 11.76 38.60
CA PRO A 1013 44.74 11.59 37.34
C PRO A 1013 44.81 10.16 36.83
N TYR A 1014 44.39 9.19 37.64
CA TYR A 1014 44.39 7.80 37.21
C TYR A 1014 43.14 7.42 36.41
N ILE A 1015 42.18 8.32 36.27
CA ILE A 1015 41.00 8.04 35.45
C ILE A 1015 41.36 8.03 33.97
N PHE A 1016 42.37 8.80 33.57
CA PHE A 1016 42.68 8.99 32.15
C PHE A 1016 43.05 7.67 31.48
N VAL A 1017 43.84 6.85 32.18
CA VAL A 1017 44.25 5.56 31.63
C VAL A 1017 43.07 4.62 31.44
N ALA A 1018 41.97 4.84 32.17
CA ALA A 1018 40.77 4.06 31.95
C ALA A 1018 39.87 4.68 30.88
N THR A 1019 39.88 6.00 30.75
CA THR A 1019 39.02 6.66 29.77
C THR A 1019 39.54 6.49 28.35
N VAL A 1020 40.86 6.45 28.14
CA VAL A 1020 41.38 6.34 26.78
C VAL A 1020 40.90 5.07 26.07
N PRO A 1021 41.01 3.87 26.65
CA PRO A 1021 40.44 2.69 25.98
C PRO A 1021 38.95 2.78 25.78
N VAL A 1022 38.22 3.48 26.66
CA VAL A 1022 36.79 3.65 26.47
C VAL A 1022 36.50 4.42 25.19
N ILE A 1023 37.24 5.51 24.95
CA ILE A 1023 37.06 6.28 23.72
C ILE A 1023 37.46 5.44 22.50
N VAL A 1024 38.56 4.69 22.62
CA VAL A 1024 39.00 3.86 21.50
C VAL A 1024 37.92 2.85 21.13
N ALA A 1025 37.37 2.17 22.13
CA ALA A 1025 36.32 1.18 21.88
C ALA A 1025 35.05 1.83 21.37
N PHE A 1026 34.71 3.02 21.87
CA PHE A 1026 33.56 3.76 21.34
C PHE A 1026 33.70 3.97 19.84
N ILE A 1027 34.85 4.52 19.43
CA ILE A 1027 35.05 4.80 18.01
C ILE A 1027 35.03 3.50 17.20
N MET A 1028 35.70 2.46 17.70
CA MET A 1028 35.76 1.20 16.96
C MET A 1028 34.36 0.61 16.78
N LEU A 1029 33.57 0.57 17.85
CA LEU A 1029 32.24 -0.02 17.77
C LEU A 1029 31.33 0.79 16.86
N ARG A 1030 31.39 2.13 16.94
CA ARG A 1030 30.55 2.95 16.07
C ARG A 1030 30.90 2.73 14.61
N ALA A 1031 32.20 2.71 14.29
CA ALA A 1031 32.63 2.49 12.92
C ALA A 1031 32.21 1.10 12.44
N TYR A 1032 32.29 0.11 13.32
CA TYR A 1032 31.89 -1.24 12.94
C TYR A 1032 30.40 -1.31 12.63
N PHE A 1033 29.57 -0.65 13.45
CA PHE A 1033 28.13 -0.77 13.28
C PHE A 1033 27.63 0.07 12.10
N LEU A 1034 28.33 1.16 11.78
CA LEU A 1034 27.83 2.10 10.77
C LEU A 1034 27.66 1.45 9.41
N GLN A 1035 28.61 0.60 9.00
CA GLN A 1035 28.54 -0.02 7.68
C GLN A 1035 27.26 -0.82 7.52
N THR A 1036 27.01 -1.75 8.45
CA THR A 1036 25.83 -2.58 8.36
C THR A 1036 24.56 -1.75 8.51
N SER A 1037 24.58 -0.74 9.39
CA SER A 1037 23.39 0.08 9.58
C SER A 1037 23.02 0.80 8.28
N GLN A 1038 24.00 1.41 7.62
CA GLN A 1038 23.71 2.14 6.39
C GLN A 1038 23.30 1.19 5.27
N GLN A 1039 23.97 0.04 5.15
CA GLN A 1039 23.59 -0.90 4.10
C GLN A 1039 22.15 -1.39 4.28
N LEU A 1040 21.78 -1.73 5.52
CA LEU A 1040 20.42 -2.18 5.78
C LEU A 1040 19.41 -1.05 5.57
N LYS A 1041 19.79 0.18 5.92
CA LYS A 1041 18.91 1.32 5.67
C LYS A 1041 18.61 1.46 4.19
N GLN A 1042 19.65 1.41 3.35
CA GLN A 1042 19.46 1.55 1.91
C GLN A 1042 18.66 0.38 1.34
N LEU A 1043 18.94 -0.83 1.81
CA LEU A 1043 18.17 -1.99 1.33
C LEU A 1043 16.70 -1.87 1.68
N GLU A 1044 16.39 -1.44 2.91
CA GLU A 1044 15.00 -1.26 3.31
C GLU A 1044 14.35 -0.15 2.48
N SER A 1045 15.07 0.94 2.23
CA SER A 1045 14.51 2.04 1.45
C SER A 1045 14.19 1.60 0.03
N GLU A 1046 15.08 0.81 -0.59
CA GLU A 1046 14.81 0.35 -1.94
C GLU A 1046 13.81 -0.80 -1.97
N GLY A 1047 13.56 -1.42 -0.81
CA GLY A 1047 12.58 -2.50 -0.74
C GLY A 1047 11.16 -2.07 -0.48
N ARG A 1048 10.87 -0.77 -0.56
CA ARG A 1048 9.55 -0.26 -0.22
C ARG A 1048 8.77 0.22 -1.44
N SER A 1049 9.46 0.53 -2.54
CA SER A 1049 8.77 0.96 -3.76
C SER A 1049 7.78 -0.07 -4.31
N PRO A 1050 8.09 -1.37 -4.38
CA PRO A 1050 7.14 -2.31 -5.00
C PRO A 1050 5.78 -2.33 -4.34
N ILE A 1051 5.68 -2.08 -3.04
CA ILE A 1051 4.38 -2.07 -2.37
C ILE A 1051 3.48 -1.00 -2.98
N PHE A 1052 3.98 0.23 -3.05
CA PHE A 1052 3.19 1.32 -3.62
C PHE A 1052 2.95 1.12 -5.11
N THR A 1053 3.95 0.62 -5.83
CA THR A 1053 3.77 0.36 -7.26
C THR A 1053 2.65 -0.63 -7.50
N HIS A 1054 2.63 -1.72 -6.74
CA HIS A 1054 1.58 -2.73 -6.89
C HIS A 1054 0.24 -2.18 -6.46
N LEU A 1055 0.22 -1.36 -5.40
CA LEU A 1055 -1.04 -0.75 -4.98
C LEU A 1055 -1.63 0.12 -6.07
N VAL A 1056 -0.80 0.95 -6.70
CA VAL A 1056 -1.28 1.82 -7.78
C VAL A 1056 -1.73 0.99 -8.98
N THR A 1057 -0.96 -0.05 -9.32
CA THR A 1057 -1.33 -0.90 -10.45
C THR A 1057 -2.67 -1.58 -10.21
N SER A 1058 -2.89 -2.11 -9.00
CA SER A 1058 -4.18 -2.72 -8.68
C SER A 1058 -5.31 -1.70 -8.68
N LEU A 1059 -5.05 -0.49 -8.17
CA LEU A 1059 -6.10 0.53 -8.19
C LEU A 1059 -6.47 0.91 -9.61
N LYS A 1060 -5.51 0.89 -10.53
CA LYS A 1060 -5.84 1.16 -11.93
C LYS A 1060 -6.58 0.00 -12.58
N GLY A 1061 -6.15 -1.23 -12.32
CA GLY A 1061 -6.74 -2.40 -12.94
C GLY A 1061 -7.96 -2.99 -12.25
N LEU A 1062 -8.43 -2.37 -11.17
CA LEU A 1062 -9.51 -2.91 -10.36
C LEU A 1062 -10.67 -3.49 -11.19
N TRP A 1063 -11.09 -2.76 -12.23
CA TRP A 1063 -12.26 -3.21 -12.99
C TRP A 1063 -12.01 -4.56 -13.65
N THR A 1064 -10.90 -4.68 -14.40
CA THR A 1064 -10.58 -5.95 -15.05
C THR A 1064 -10.28 -7.03 -14.02
N LEU A 1065 -9.61 -6.66 -12.93
CA LEU A 1065 -9.26 -7.64 -11.89
C LEU A 1065 -10.50 -8.27 -11.29
N ARG A 1066 -11.51 -7.45 -10.96
CA ARG A 1066 -12.73 -7.98 -10.37
C ARG A 1066 -13.62 -8.67 -11.38
N ALA A 1067 -13.70 -8.16 -12.62
CA ALA A 1067 -14.51 -8.81 -13.63
C ALA A 1067 -13.97 -10.20 -13.94
N PHE A 1068 -12.63 -10.32 -14.05
CA PHE A 1068 -12.02 -11.63 -14.27
C PHE A 1068 -12.25 -12.55 -13.09
N GLY A 1069 -12.06 -12.05 -11.87
CA GLY A 1069 -12.21 -12.86 -10.68
C GLY A 1069 -10.94 -13.60 -10.29
N ARG A 1070 -9.85 -12.86 -10.10
CA ARG A 1070 -8.57 -13.43 -9.70
C ARG A 1070 -7.92 -12.60 -8.59
N GLN A 1071 -8.72 -12.22 -7.60
CA GLN A 1071 -8.19 -11.48 -6.45
C GLN A 1071 -7.12 -12.23 -5.65
N PRO A 1072 -7.27 -13.52 -5.33
CA PRO A 1072 -6.27 -14.16 -4.48
C PRO A 1072 -4.85 -14.10 -5.03
N TYR A 1073 -4.69 -14.12 -6.36
CA TYR A 1073 -3.36 -13.96 -6.94
C TYR A 1073 -2.73 -12.65 -6.50
N PHE A 1074 -3.46 -11.55 -6.63
CA PHE A 1074 -2.96 -10.25 -6.19
C PHE A 1074 -2.73 -10.19 -4.69
N GLU A 1075 -3.61 -10.81 -3.91
CA GLU A 1075 -3.42 -10.81 -2.46
C GLU A 1075 -2.13 -11.53 -2.08
N THR A 1076 -1.86 -12.68 -2.69
CA THR A 1076 -0.62 -13.39 -2.42
C THR A 1076 0.59 -12.60 -2.89
N LEU A 1077 0.50 -11.91 -4.02
CA LEU A 1077 1.62 -11.09 -4.47
C LEU A 1077 1.92 -9.98 -3.46
N PHE A 1078 0.87 -9.31 -2.95
CA PHE A 1078 1.08 -8.26 -1.97
C PHE A 1078 1.68 -8.82 -0.68
N HIS A 1079 1.22 -10.00 -0.25
CA HIS A 1079 1.79 -10.62 0.94
C HIS A 1079 3.27 -10.93 0.75
N LYS A 1080 3.63 -11.42 -0.44
CA LYS A 1080 5.03 -11.70 -0.73
C LYS A 1080 5.87 -10.42 -0.63
N ALA A 1081 5.38 -9.33 -1.22
CA ALA A 1081 6.12 -8.07 -1.14
C ALA A 1081 6.25 -7.59 0.30
N LEU A 1082 5.18 -7.72 1.08
CA LEU A 1082 5.22 -7.28 2.48
C LEU A 1082 6.25 -8.07 3.27
N ASN A 1083 6.29 -9.39 3.07
CA ASN A 1083 7.31 -10.20 3.73
C ASN A 1083 8.71 -9.78 3.32
N LEU A 1084 8.88 -9.47 2.02
CA LEU A 1084 10.18 -9.06 1.52
C LEU A 1084 10.67 -7.81 2.24
N HIS A 1085 9.79 -6.84 2.44
CA HIS A 1085 10.20 -5.61 3.14
C HIS A 1085 10.39 -5.86 4.63
N THR A 1086 9.53 -6.70 5.22
CA THR A 1086 9.58 -6.94 6.65
C THR A 1086 10.89 -7.60 7.07
N ALA A 1087 11.44 -8.49 6.22
CA ALA A 1087 12.73 -9.09 6.56
C ALA A 1087 13.78 -8.03 6.83
N ASN A 1088 13.94 -7.10 5.89
CA ASN A 1088 14.94 -6.03 6.05
C ASN A 1088 14.64 -5.18 7.29
N TRP A 1089 13.38 -4.78 7.46
CA TRP A 1089 13.06 -3.90 8.58
C TRP A 1089 13.38 -4.55 9.91
N PHE A 1090 12.94 -5.80 10.09
CA PHE A 1090 13.15 -6.49 11.36
C PHE A 1090 14.63 -6.71 11.63
N LEU A 1091 15.39 -7.08 10.59
CA LEU A 1091 16.82 -7.30 10.78
C LEU A 1091 17.52 -6.01 11.20
N TYR A 1092 17.18 -4.88 10.57
CA TYR A 1092 17.77 -3.61 10.95
C TYR A 1092 17.43 -3.24 12.38
N LEU A 1093 16.17 -3.47 12.78
CA LEU A 1093 15.77 -3.15 14.15
C LEU A 1093 16.57 -3.98 15.15
N SER A 1094 16.76 -5.27 14.87
CA SER A 1094 17.52 -6.13 15.77
C SER A 1094 18.96 -5.65 15.89
N THR A 1095 19.59 -5.30 14.77
CA THR A 1095 20.99 -4.87 14.88
C THR A 1095 21.10 -3.54 15.62
N LEU A 1096 20.13 -2.65 15.47
CA LEU A 1096 20.15 -1.39 16.21
C LEU A 1096 20.07 -1.65 17.72
N ARG A 1097 19.19 -2.56 18.13
CA ARG A 1097 19.10 -2.89 19.54
C ARG A 1097 20.40 -3.52 20.05
N TRP A 1098 21.01 -4.38 19.26
CA TRP A 1098 22.30 -4.96 19.64
C TRP A 1098 23.33 -3.86 19.90
N PHE A 1099 23.44 -2.89 19.00
CA PHE A 1099 24.41 -1.82 19.17
C PHE A 1099 24.13 -1.02 20.43
N GLN A 1100 22.86 -0.70 20.68
CA GLN A 1100 22.52 0.06 21.88
C GLN A 1100 22.92 -0.69 23.14
N MET A 1101 22.64 -1.99 23.20
CA MET A 1101 22.99 -2.75 24.39
C MET A 1101 24.50 -2.83 24.59
N ARG A 1102 25.28 -3.02 23.52
CA ARG A 1102 26.72 -3.05 23.67
C ARG A 1102 27.27 -1.72 24.18
N ILE A 1103 26.70 -0.61 23.69
CA ILE A 1103 27.17 0.69 24.18
C ILE A 1103 26.82 0.87 25.66
N GLU A 1104 25.66 0.37 26.08
CA GLU A 1104 25.34 0.41 27.51
C GLU A 1104 26.34 -0.40 28.32
N MET A 1105 26.72 -1.57 27.81
CA MET A 1105 27.65 -2.43 28.56
C MET A 1105 29.02 -1.78 28.70
N ILE A 1106 29.52 -1.13 27.63
CA ILE A 1106 30.83 -0.51 27.75
C ILE A 1106 30.78 0.67 28.71
N PHE A 1107 29.69 1.45 28.69
CA PHE A 1107 29.57 2.49 29.71
C PHE A 1107 29.56 1.87 31.11
N VAL A 1108 28.90 0.73 31.27
CA VAL A 1108 28.81 0.10 32.59
C VAL A 1108 30.18 -0.31 33.11
N ILE A 1109 31.01 -0.91 32.25
CA ILE A 1109 32.33 -1.32 32.72
C ILE A 1109 33.19 -0.09 33.03
N PHE A 1110 33.04 0.98 32.24
CA PHE A 1110 33.74 2.22 32.57
C PHE A 1110 33.32 2.73 33.95
N PHE A 1111 32.02 2.70 34.23
CA PHE A 1111 31.53 3.15 35.53
C PHE A 1111 32.08 2.28 36.65
N ILE A 1112 32.16 0.96 36.43
CA ILE A 1112 32.74 0.06 37.41
C ILE A 1112 34.15 0.51 37.74
N ALA A 1113 34.96 0.74 36.70
CA ALA A 1113 36.35 1.11 36.90
C ALA A 1113 36.46 2.41 37.69
N VAL A 1114 35.72 3.44 37.27
CA VAL A 1114 35.84 4.74 37.91
C VAL A 1114 35.36 4.68 39.37
N THR A 1115 34.24 4.00 39.61
CA THR A 1115 33.71 3.90 40.96
C THR A 1115 34.68 3.20 41.89
N PHE A 1116 35.24 2.07 41.45
CA PHE A 1116 36.15 1.33 42.33
C PHE A 1116 37.45 2.09 42.57
N ILE A 1117 38.01 2.72 41.53
CA ILE A 1117 39.25 3.46 41.76
C ILE A 1117 39.01 4.67 42.65
N SER A 1118 37.81 5.25 42.57
CA SER A 1118 37.49 6.39 43.43
C SER A 1118 37.34 5.95 44.89
N ILE A 1119 36.58 4.87 45.12
CA ILE A 1119 36.32 4.45 46.50
C ILE A 1119 37.59 3.92 47.16
N LEU A 1120 38.44 3.21 46.40
CA LEU A 1120 39.63 2.64 46.99
C LEU A 1120 40.57 3.72 47.52
N THR A 1121 40.73 4.80 46.77
CA THR A 1121 41.59 5.90 47.19
C THR A 1121 40.82 6.89 48.06
N GLY A 1125 38.80 12.81 51.29
CA GLY A 1125 38.00 14.01 51.31
C GLY A 1125 36.50 13.74 51.31
N GLU A 1126 35.72 14.79 51.11
CA GLU A 1126 34.26 14.65 51.08
C GLU A 1126 33.69 15.21 49.78
N GLY A 1127 34.29 16.28 49.27
CA GLY A 1127 33.85 16.81 47.99
C GLY A 1127 34.34 16.03 46.80
N ARG A 1128 35.54 15.43 46.91
CA ARG A 1128 36.15 14.70 45.81
C ARG A 1128 35.27 13.57 45.32
N VAL A 1129 35.05 12.58 46.19
CA VAL A 1129 34.28 11.40 45.82
C VAL A 1129 32.85 11.78 45.48
N GLY A 1130 32.28 12.73 46.22
CA GLY A 1130 30.91 13.15 45.94
C GLY A 1130 30.76 13.70 44.54
N ILE A 1131 31.65 14.61 44.15
CA ILE A 1131 31.58 15.20 42.82
C ILE A 1131 31.83 14.14 41.74
N ILE A 1132 32.86 13.31 41.95
CA ILE A 1132 33.20 12.31 40.94
C ILE A 1132 32.02 11.38 40.69
N LEU A 1133 31.45 10.82 41.76
CA LEU A 1133 30.34 9.91 41.60
C LEU A 1133 29.10 10.64 41.07
N THR A 1134 28.92 11.91 41.46
CA THR A 1134 27.75 12.65 41.03
C THR A 1134 27.73 12.82 39.52
N LEU A 1135 28.85 13.21 38.92
CA LEU A 1135 28.91 13.28 37.46
C LEU A 1135 28.90 11.88 36.84
N ALA A 1136 29.55 10.92 37.51
CA ALA A 1136 29.69 9.59 36.93
C ALA A 1136 28.35 8.92 36.71
N MET A 1137 27.41 9.06 37.65
CA MET A 1137 26.18 8.30 37.52
C MET A 1137 25.30 8.84 36.40
N ASN A 1138 25.33 10.16 36.18
CA ASN A 1138 24.36 10.79 35.29
C ASN A 1138 24.95 11.25 33.96
N ILE A 1139 26.22 10.99 33.70
CA ILE A 1139 26.73 11.25 32.34
C ILE A 1139 26.06 10.36 31.28
N MET A 1140 25.53 9.20 31.69
CA MET A 1140 25.10 8.17 30.74
C MET A 1140 24.02 8.64 29.77
N SER A 1141 23.02 9.36 30.28
CA SER A 1141 21.94 9.82 29.39
C SER A 1141 22.47 10.76 28.33
N THR A 1142 23.31 11.73 28.72
CA THR A 1142 23.89 12.64 27.74
C THR A 1142 24.80 11.90 26.76
N LEU A 1143 25.56 10.91 27.23
CA LEU A 1143 26.43 10.17 26.33
C LEU A 1143 25.62 9.40 25.29
N GLN A 1144 24.56 8.73 25.72
CA GLN A 1144 23.70 8.00 24.77
C GLN A 1144 23.04 8.96 23.79
N TRP A 1145 22.57 10.11 24.29
CA TRP A 1145 21.97 11.11 23.41
C TRP A 1145 22.97 11.59 22.37
N ALA A 1146 24.22 11.83 22.79
CA ALA A 1146 25.25 12.28 21.87
C ALA A 1146 25.53 11.25 20.80
N VAL A 1147 25.61 9.97 21.19
CA VAL A 1147 25.87 8.92 20.20
C VAL A 1147 24.72 8.83 19.20
N ASN A 1148 23.48 8.89 19.68
CA ASN A 1148 22.34 8.83 18.76
C ASN A 1148 22.31 10.03 17.83
N SER A 1149 22.61 11.22 18.36
CA SER A 1149 22.67 12.41 17.51
C SER A 1149 23.76 12.30 16.46
N SER A 1150 24.91 11.72 16.82
CA SER A 1150 25.97 11.51 15.84
C SER A 1150 25.52 10.58 14.73
N ILE A 1151 24.85 9.49 15.09
CA ILE A 1151 24.37 8.57 14.05
C ILE A 1151 23.33 9.27 13.17
N ASP A 1152 22.50 10.14 13.76
CA ASP A 1152 21.49 10.85 12.97
C ASP A 1152 22.14 11.85 12.02
N VAL A 1153 23.18 12.56 12.46
CA VAL A 1153 23.84 13.51 11.57
C VAL A 1153 24.59 12.78 10.46
N ASP A 1154 25.15 11.61 10.76
CA ASP A 1154 25.78 10.82 9.71
C ASP A 1154 24.74 10.35 8.70
N SER A 1155 23.54 10.01 9.17
CA SER A 1155 22.46 9.69 8.25
C SER A 1155 22.08 10.89 7.39
N LEU A 1156 22.03 12.08 7.97
CA LEU A 1156 21.60 13.27 7.26
C LEU A 1156 22.65 13.80 6.28
N MET A 1157 23.92 13.41 6.44
CA MET A 1157 24.97 13.94 5.57
C MET A 1157 24.77 13.59 4.10
N ARG A 1158 23.93 12.60 3.78
CA ARG A 1158 23.76 12.17 2.40
C ARG A 1158 23.16 13.28 1.53
N SER A 1159 22.28 14.11 2.09
CA SER A 1159 21.72 15.21 1.33
C SER A 1159 22.81 16.20 0.93
N VAL A 1160 23.71 16.52 1.85
CA VAL A 1160 24.83 17.40 1.54
C VAL A 1160 25.71 16.76 0.47
N SER A 1161 25.95 15.46 0.59
CA SER A 1161 26.79 14.77 -0.39
C SER A 1161 26.18 14.87 -1.79
N ARG A 1162 24.87 14.63 -1.89
CA ARG A 1162 24.21 14.71 -3.19
C ARG A 1162 24.20 16.12 -3.74
N VAL A 1163 23.95 17.12 -2.89
CA VAL A 1163 23.95 18.51 -3.36
C VAL A 1163 25.33 18.89 -3.87
N PHE A 1164 26.39 18.45 -3.17
CA PHE A 1164 27.73 18.72 -3.64
C PHE A 1164 28.05 17.95 -4.92
N LYS A 1165 27.47 16.77 -5.10
CA LYS A 1165 27.57 16.10 -6.39
C LYS A 1165 26.90 16.92 -7.48
N PHE A 1166 25.83 17.63 -7.15
CA PHE A 1166 25.18 18.49 -8.13
C PHE A 1166 25.98 19.76 -8.43
N ILE A 1167 26.62 20.36 -7.43
CA ILE A 1167 27.24 21.67 -7.62
C ILE A 1167 28.42 21.58 -8.58
N ASP A 1168 29.21 20.49 -8.50
CA ASP A 1168 30.43 20.39 -9.29
C ASP A 1168 30.14 19.85 -10.68
N MET A 1169 29.24 20.50 -11.42
CA MET A 1169 28.93 20.14 -12.78
C MET A 1169 29.38 21.24 -13.72
N PRO A 1170 30.26 20.95 -14.69
CA PRO A 1170 30.84 22.01 -15.51
C PRO A 1170 29.83 22.66 -16.43
N THR A 1171 30.13 23.89 -16.82
CA THR A 1171 29.30 24.64 -17.75
C THR A 1171 29.53 24.14 -19.18
N GLU A 1172 28.66 24.58 -20.09
CA GLU A 1172 28.78 24.17 -21.48
C GLU A 1172 30.07 24.67 -22.10
N GLY A 1173 30.45 25.91 -21.80
CA GLY A 1173 31.67 26.49 -22.33
C GLY A 1173 31.59 27.99 -22.53
N GLY A 1207 24.70 41.94 -40.38
CA GLY A 1207 24.80 40.88 -41.37
C GLY A 1207 23.75 39.80 -41.19
N GLY A 1208 23.15 39.37 -42.31
CA GLY A 1208 22.12 38.36 -42.27
C GLY A 1208 22.52 37.06 -42.94
N GLN A 1209 23.50 37.12 -43.84
CA GLN A 1209 23.96 35.92 -44.52
C GLN A 1209 24.68 35.00 -43.53
N MET A 1210 24.38 33.71 -43.64
CA MET A 1210 24.98 32.72 -42.74
C MET A 1210 25.46 31.53 -43.56
N THR A 1211 26.50 30.87 -43.05
CA THR A 1211 27.08 29.71 -43.71
C THR A 1211 27.26 28.58 -42.70
N VAL A 1212 26.97 27.36 -43.15
CA VAL A 1212 27.11 26.16 -42.32
C VAL A 1212 27.90 25.13 -43.10
N LYS A 1213 28.74 24.39 -42.39
CA LYS A 1213 29.58 23.36 -43.01
C LYS A 1213 30.10 22.42 -41.94
N ASP A 1214 30.42 21.19 -42.35
CA ASP A 1214 30.99 20.18 -41.46
C ASP A 1214 30.11 19.91 -40.25
N LEU A 1215 28.79 19.93 -40.43
CA LEU A 1215 27.86 19.78 -39.32
C LEU A 1215 27.81 18.32 -38.88
N THR A 1216 28.11 18.07 -37.61
CA THR A 1216 27.99 16.76 -37.00
C THR A 1216 27.33 16.91 -35.64
N ALA A 1217 26.19 16.24 -35.46
CA ALA A 1217 25.42 16.39 -34.23
C ALA A 1217 24.90 15.04 -33.78
N LYS A 1218 24.67 14.92 -32.48
CA LYS A 1218 24.11 13.70 -31.90
C LYS A 1218 23.47 14.06 -30.57
N TYR A 1219 22.55 13.19 -30.13
CA TYR A 1219 21.89 13.41 -28.85
C TYR A 1219 22.88 13.32 -27.69
N THR A 1220 23.79 12.35 -27.74
CA THR A 1220 24.81 12.16 -26.73
C THR A 1220 26.19 12.35 -27.36
N GLU A 1221 27.22 12.10 -26.54
CA GLU A 1221 28.59 12.21 -27.01
C GLU A 1221 29.03 10.92 -27.70
N GLY A 1222 28.83 10.84 -29.01
CA GLY A 1222 29.20 9.68 -29.78
C GLY A 1222 28.06 8.83 -30.29
N GLY A 1223 26.85 9.39 -30.38
CA GLY A 1223 25.71 8.65 -30.86
C GLY A 1223 25.56 8.74 -32.37
N ASN A 1224 24.33 8.51 -32.82
CA ASN A 1224 24.04 8.58 -34.25
C ASN A 1224 24.18 10.01 -34.76
N ALA A 1225 24.87 10.16 -35.89
CA ALA A 1225 25.11 11.48 -36.46
C ALA A 1225 23.82 12.02 -37.06
N ILE A 1226 23.25 13.04 -36.42
CA ILE A 1226 22.06 13.67 -36.97
C ILE A 1226 22.38 14.34 -38.30
N LEU A 1227 23.52 15.02 -38.39
CA LEU A 1227 23.97 15.63 -39.63
C LEU A 1227 25.38 15.14 -39.93
N GLU A 1228 25.64 14.90 -41.21
CA GLU A 1228 26.95 14.41 -41.68
C GLU A 1228 27.52 15.46 -42.64
N ASN A 1229 28.24 16.43 -42.07
CA ASN A 1229 28.87 17.51 -42.84
C ASN A 1229 27.87 18.25 -43.70
N ILE A 1230 26.65 18.45 -43.18
CA ILE A 1230 25.62 19.16 -43.95
C ILE A 1230 26.02 20.62 -44.10
N SER A 1231 25.94 21.12 -45.32
CA SER A 1231 26.33 22.49 -45.65
C SER A 1231 25.19 23.22 -46.32
N PHE A 1232 25.04 24.50 -45.98
CA PHE A 1232 24.00 25.33 -46.56
C PHE A 1232 24.42 26.79 -46.47
N SER A 1233 23.82 27.61 -47.34
CA SER A 1233 24.07 29.04 -47.36
C SER A 1233 22.74 29.76 -47.14
N ILE A 1234 22.76 30.75 -46.25
CA ILE A 1234 21.54 31.48 -45.87
C ILE A 1234 21.45 32.74 -46.71
N SER A 1235 20.35 32.84 -47.48
CA SER A 1235 20.10 34.04 -48.26
C SER A 1235 19.65 35.19 -47.35
N PRO A 1236 19.94 36.44 -47.74
CA PRO A 1236 19.60 37.58 -46.89
C PRO A 1236 18.11 37.92 -46.98
N GLY A 1237 17.38 37.60 -45.92
CA GLY A 1237 15.97 37.94 -45.85
C GLY A 1237 15.05 37.07 -46.69
N GLN A 1238 15.54 35.96 -47.22
CA GLN A 1238 14.75 35.08 -48.06
C GLN A 1238 14.38 33.82 -47.28
N ARG A 1239 13.09 33.48 -47.29
CA ARG A 1239 12.62 32.31 -46.56
C ARG A 1239 13.13 31.03 -47.21
N VAL A 1240 13.57 30.09 -46.37
CA VAL A 1240 14.06 28.79 -46.81
C VAL A 1240 13.20 27.75 -46.12
N GLY A 1241 12.30 27.12 -46.86
CA GLY A 1241 11.41 26.13 -46.26
C GLY A 1241 12.18 24.90 -45.82
N LEU A 1242 11.65 24.24 -44.78
CA LEU A 1242 12.24 23.01 -44.24
C LEU A 1242 11.47 21.84 -44.84
N LEU A 1243 11.97 21.34 -45.98
CA LEU A 1243 11.32 20.23 -46.66
C LEU A 1243 12.24 19.02 -46.74
N GLY A 1244 11.85 18.01 -47.47
CA GLY A 1244 12.66 16.80 -47.62
C GLY A 1244 12.21 15.70 -46.66
N ARG A 1245 13.04 15.41 -45.66
CA ARG A 1245 12.74 14.39 -44.67
C ARG A 1245 11.75 14.91 -43.62
N THR A 1246 10.54 15.19 -44.09
CA THR A 1246 9.47 15.66 -43.22
C THR A 1246 8.88 14.48 -42.47
N GLY A 1247 8.83 14.58 -41.14
CA GLY A 1247 8.37 13.51 -40.30
C GLY A 1247 9.46 12.62 -39.74
N SER A 1248 10.68 12.74 -40.25
CA SER A 1248 11.81 11.98 -39.72
C SER A 1248 12.41 12.61 -38.47
N GLY A 1249 11.96 13.79 -38.08
CA GLY A 1249 12.48 14.48 -36.91
C GLY A 1249 13.42 15.61 -37.27
N LYS A 1250 12.90 16.83 -37.23
CA LYS A 1250 13.70 18.02 -37.52
C LYS A 1250 14.02 18.85 -36.29
N SER A 1251 13.52 18.45 -35.11
CA SER A 1251 13.80 19.19 -33.89
C SER A 1251 15.30 19.18 -33.57
N THR A 1252 16.00 18.09 -33.93
CA THR A 1252 17.43 18.03 -33.68
C THR A 1252 18.18 19.10 -34.47
N LEU A 1253 17.82 19.29 -35.74
CA LEU A 1253 18.47 20.32 -36.54
C LEU A 1253 18.19 21.71 -36.00
N LEU A 1254 16.95 21.97 -35.60
CA LEU A 1254 16.60 23.28 -35.04
C LEU A 1254 17.37 23.54 -33.75
N SER A 1255 17.47 22.53 -32.88
CA SER A 1255 18.21 22.69 -31.64
C SER A 1255 19.70 22.90 -31.90
N ALA A 1256 20.26 22.16 -32.86
CA ALA A 1256 21.68 22.32 -33.18
C ALA A 1256 21.96 23.67 -33.83
N PHE A 1257 20.98 24.25 -34.51
CA PHE A 1257 21.16 25.59 -35.07
C PHE A 1257 21.46 26.61 -33.98
N LEU A 1258 20.91 26.41 -32.78
CA LEU A 1258 21.23 27.23 -31.63
C LEU A 1258 22.31 26.60 -30.75
N ARG A 1259 22.89 25.48 -31.17
CA ARG A 1259 23.93 24.77 -30.43
C ARG A 1259 23.43 24.38 -29.03
N LEU A 1260 22.24 23.77 -29.00
CA LEU A 1260 21.62 23.33 -27.75
C LEU A 1260 21.67 21.81 -27.62
N LEU A 1261 22.67 21.18 -28.23
CA LEU A 1261 22.84 19.74 -28.16
C LEU A 1261 24.30 19.41 -28.43
N ASN A 1262 24.61 18.11 -28.35
CA ASN A 1262 25.98 17.62 -28.58
C ASN A 1262 26.25 17.67 -30.08
N THR A 1263 26.79 18.80 -30.53
CA THR A 1263 27.05 19.03 -31.94
C THR A 1263 28.45 19.62 -32.12
N GLU A 1264 29.01 19.40 -33.30
CA GLU A 1264 30.33 19.93 -33.63
C GLU A 1264 30.36 20.26 -35.11
N GLY A 1265 31.08 21.32 -35.44
CA GLY A 1265 31.19 21.76 -36.82
C GLY A 1265 31.62 23.21 -36.90
N GLU A 1266 31.35 23.82 -38.06
CA GLU A 1266 31.71 25.20 -38.33
C GLU A 1266 30.46 25.97 -38.74
N ILE A 1267 30.25 27.13 -38.13
CA ILE A 1267 29.12 28.00 -38.42
C ILE A 1267 29.67 29.40 -38.68
N GLN A 1268 29.24 30.02 -39.79
CA GLN A 1268 29.70 31.36 -40.18
C GLN A 1268 28.47 32.20 -40.51
N ILE A 1269 27.95 32.88 -39.49
CA ILE A 1269 26.78 33.74 -39.63
C ILE A 1269 27.24 35.19 -39.60
N ASP A 1270 26.85 35.95 -40.62
CA ASP A 1270 27.23 37.36 -40.76
C ASP A 1270 28.74 37.53 -40.80
N GLY A 1271 29.45 36.52 -41.30
CA GLY A 1271 30.90 36.56 -41.38
C GLY A 1271 31.62 36.26 -40.10
N VAL A 1272 30.90 35.91 -39.03
CA VAL A 1272 31.49 35.63 -37.72
C VAL A 1272 31.37 34.15 -37.43
N SER A 1273 32.46 33.56 -36.96
CA SER A 1273 32.48 32.15 -36.62
C SER A 1273 31.77 31.90 -35.28
N TRP A 1274 31.30 30.67 -35.10
CA TRP A 1274 30.60 30.29 -33.87
C TRP A 1274 31.53 30.17 -32.68
N ASP A 1275 32.85 30.18 -32.88
CA ASP A 1275 33.81 30.04 -31.80
C ASP A 1275 34.11 31.36 -31.11
N SER A 1276 34.43 32.40 -31.88
CA SER A 1276 34.77 33.69 -31.30
C SER A 1276 33.58 34.31 -30.57
N ILE A 1277 32.39 34.20 -31.15
CA ILE A 1277 31.20 34.79 -30.55
C ILE A 1277 30.78 33.97 -29.33
N THR A 1278 30.58 34.65 -28.21
CA THR A 1278 30.13 33.98 -26.99
C THR A 1278 28.73 33.41 -27.18
N LEU A 1279 28.49 32.23 -26.60
CA LEU A 1279 27.20 31.58 -26.75
C LEU A 1279 26.07 32.44 -26.19
N GLN A 1280 26.33 33.15 -25.10
CA GLN A 1280 25.32 34.06 -24.55
C GLN A 1280 24.98 35.16 -25.55
N GLN A 1281 26.00 35.72 -26.21
CA GLN A 1281 25.77 36.73 -27.23
C GLN A 1281 25.29 36.15 -28.55
N TRP A 1282 25.78 34.96 -28.92
CA TRP A 1282 25.41 34.37 -30.21
C TRP A 1282 23.97 33.88 -30.21
N ARG A 1283 23.52 33.24 -29.13
CA ARG A 1283 22.17 32.70 -29.08
C ARG A 1283 21.11 33.78 -29.10
N LYS A 1284 21.44 35.01 -28.72
CA LYS A 1284 20.45 36.08 -28.71
C LYS A 1284 20.06 36.50 -30.12
N ALA A 1285 21.00 36.45 -31.07
CA ALA A 1285 20.70 36.87 -32.44
C ALA A 1285 19.68 35.95 -33.09
N PHE A 1286 19.77 34.65 -32.84
CA PHE A 1286 18.86 33.70 -33.46
C PHE A 1286 17.54 33.65 -32.69
N GLY A 1287 16.43 33.61 -33.41
CA GLY A 1287 15.11 33.52 -32.83
C GLY A 1287 14.47 32.18 -33.19
N VAL A 1288 13.74 31.61 -32.24
CA VAL A 1288 13.11 30.31 -32.40
C VAL A 1288 11.65 30.40 -32.03
N ILE A 1289 10.86 29.46 -32.55
CA ILE A 1289 9.44 29.35 -32.24
C ILE A 1289 9.14 27.92 -31.82
N PRO A 1290 9.37 27.56 -30.56
CA PRO A 1290 9.17 26.16 -30.15
C PRO A 1290 7.70 25.77 -30.21
N GLN A 1291 7.46 24.46 -30.30
CA GLN A 1291 6.10 23.95 -30.36
C GLN A 1291 5.31 24.30 -29.10
N LYS A 1292 5.96 24.19 -27.94
CA LYS A 1292 5.35 24.53 -26.66
C LYS A 1292 5.89 25.90 -26.24
N VAL A 1293 4.98 26.84 -26.02
CA VAL A 1293 5.37 28.19 -25.63
C VAL A 1293 5.43 28.28 -24.11
N PHE A 1294 6.55 28.77 -23.59
CA PHE A 1294 6.75 28.92 -22.16
C PHE A 1294 6.48 30.37 -21.77
N ILE A 1295 5.54 30.58 -20.86
CA ILE A 1295 5.17 31.90 -20.36
C ILE A 1295 5.39 31.88 -18.86
N PHE A 1296 6.21 32.81 -18.37
CA PHE A 1296 6.48 32.88 -16.93
C PHE A 1296 5.21 33.23 -16.17
N SER A 1297 5.03 32.58 -15.02
CA SER A 1297 3.85 32.81 -14.21
C SER A 1297 3.92 34.16 -13.52
N GLY A 1298 3.33 35.18 -14.14
CA GLY A 1298 3.38 36.51 -13.60
C GLY A 1298 2.64 37.48 -14.48
N THR A 1299 2.80 38.77 -14.17
CA THR A 1299 2.16 39.82 -14.95
C THR A 1299 2.66 39.80 -16.39
N PHE A 1300 1.88 40.42 -17.27
CA PHE A 1300 2.22 40.43 -18.69
C PHE A 1300 3.56 41.10 -18.96
N ARG A 1301 3.84 42.21 -18.27
CA ARG A 1301 5.11 42.88 -18.44
C ARG A 1301 6.27 41.96 -18.04
N LYS A 1302 6.13 41.25 -16.93
CA LYS A 1302 7.16 40.32 -16.50
C LYS A 1302 7.19 39.07 -17.39
N ASN A 1303 6.02 38.58 -17.79
CA ASN A 1303 5.97 37.37 -18.61
C ASN A 1303 6.53 37.60 -20.00
N LEU A 1304 6.52 38.85 -20.48
CA LEU A 1304 7.04 39.16 -21.80
C LEU A 1304 8.39 39.85 -21.77
N ASP A 1305 8.74 40.51 -20.68
CA ASP A 1305 10.02 41.20 -20.53
C ASP A 1305 10.66 40.77 -19.22
N PRO A 1306 11.21 39.55 -19.18
CA PRO A 1306 11.88 39.10 -17.95
C PRO A 1306 13.03 39.99 -17.53
N TYR A 1307 13.80 40.52 -18.50
CA TYR A 1307 14.88 41.44 -18.15
C TYR A 1307 14.36 42.81 -17.76
N GLU A 1308 13.16 43.17 -18.23
CA GLU A 1308 12.54 44.47 -17.95
C GLU A 1308 13.46 45.61 -18.38
N GLN A 1309 14.10 45.45 -19.54
CA GLN A 1309 15.03 46.44 -20.07
C GLN A 1309 14.42 47.31 -21.15
N TRP A 1310 13.10 47.25 -21.33
CA TRP A 1310 12.42 48.03 -22.35
C TRP A 1310 11.41 48.97 -21.71
N SER A 1311 11.13 50.07 -22.40
CA SER A 1311 10.19 51.06 -21.92
C SER A 1311 8.76 50.52 -22.00
N ASP A 1312 7.93 50.93 -21.03
CA ASP A 1312 6.54 50.48 -21.00
C ASP A 1312 5.78 50.97 -22.22
N GLN A 1313 6.00 52.23 -22.61
CA GLN A 1313 5.35 52.76 -23.81
C GLN A 1313 5.78 52.01 -25.06
N GLU A 1314 7.08 51.72 -25.17
CA GLU A 1314 7.57 50.93 -26.31
C GLU A 1314 6.97 49.54 -26.32
N ILE A 1315 6.85 48.91 -25.15
CA ILE A 1315 6.24 47.59 -25.06
C ILE A 1315 4.78 47.64 -25.50
N TRP A 1316 4.05 48.65 -25.06
CA TRP A 1316 2.65 48.79 -25.47
C TRP A 1316 2.54 49.02 -26.97
N LYS A 1317 3.41 49.84 -27.54
CA LYS A 1317 3.40 50.07 -28.98
C LYS A 1317 3.70 48.78 -29.74
N VAL A 1318 4.66 47.99 -29.26
CA VAL A 1318 5.00 46.73 -29.91
C VAL A 1318 3.82 45.77 -29.84
N ALA A 1319 3.16 45.70 -28.67
CA ALA A 1319 2.00 44.83 -28.52
C ALA A 1319 0.87 45.26 -29.46
N ASP A 1320 0.66 46.56 -29.60
CA ASP A 1320 -0.34 47.04 -30.55
C ASP A 1320 0.04 46.67 -31.97
N GLU A 1321 1.33 46.78 -32.31
CA GLU A 1321 1.79 46.41 -33.65
C GLU A 1321 1.74 44.91 -33.88
N VAL A 1322 1.76 44.10 -32.82
CA VAL A 1322 1.71 42.65 -32.95
C VAL A 1322 0.28 42.13 -33.02
N GLY A 1323 -0.72 43.00 -32.93
CA GLY A 1323 -2.10 42.55 -32.99
C GLY A 1323 -2.61 41.92 -31.71
N LEU A 1324 -1.83 41.97 -30.63
CA LEU A 1324 -2.22 41.39 -29.35
C LEU A 1324 -2.86 42.43 -28.42
N ARG A 1325 -3.02 43.67 -28.86
CA ARG A 1325 -3.65 44.68 -28.01
C ARG A 1325 -5.09 44.31 -27.71
N SER A 1326 -5.83 43.82 -28.70
CA SER A 1326 -7.20 43.40 -28.46
C SER A 1326 -7.26 42.20 -27.52
N VAL A 1327 -6.34 41.25 -27.68
CA VAL A 1327 -6.31 40.09 -26.81
C VAL A 1327 -5.99 40.51 -25.37
N ILE A 1328 -5.01 41.41 -25.21
CA ILE A 1328 -4.66 41.88 -23.87
C ILE A 1328 -5.74 42.77 -23.27
N GLU A 1329 -6.61 43.36 -24.10
CA GLU A 1329 -7.67 44.22 -23.59
C GLU A 1329 -8.66 43.46 -22.72
N GLN A 1330 -8.85 42.16 -22.96
CA GLN A 1330 -9.78 41.34 -22.18
C GLN A 1330 -9.19 40.87 -20.87
N PHE A 1331 -7.89 41.10 -20.64
CA PHE A 1331 -7.25 40.70 -19.40
C PHE A 1331 -7.59 41.65 -18.27
N PRO A 1332 -7.56 41.18 -17.03
CA PRO A 1332 -7.82 42.07 -15.90
C PRO A 1332 -6.77 43.18 -15.82
N GLY A 1333 -7.21 44.36 -15.39
CA GLY A 1333 -6.31 45.50 -15.36
C GLY A 1333 -5.90 45.87 -16.77
N LYS A 1334 -4.64 46.29 -16.92
CA LYS A 1334 -4.08 46.61 -18.23
C LYS A 1334 -3.03 45.57 -18.62
N LEU A 1335 -2.02 45.36 -17.77
CA LEU A 1335 -1.02 44.33 -18.02
C LEU A 1335 -0.58 43.60 -16.76
N ASP A 1336 -1.22 43.85 -15.62
CA ASP A 1336 -0.81 43.24 -14.37
C ASP A 1336 -1.48 41.89 -14.10
N PHE A 1337 -2.34 41.42 -15.00
CA PHE A 1337 -2.98 40.13 -14.83
C PHE A 1337 -1.95 39.01 -14.81
N VAL A 1338 -1.76 38.38 -13.66
CA VAL A 1338 -0.72 37.37 -13.51
C VAL A 1338 -1.14 36.11 -14.27
N LEU A 1339 -0.23 35.60 -15.11
CA LEU A 1339 -0.50 34.39 -15.86
C LEU A 1339 -0.30 33.16 -14.99
N VAL A 1340 -1.18 32.97 -14.00
CA VAL A 1340 -1.05 31.84 -13.10
C VAL A 1340 -1.31 30.53 -13.85
N ASP A 1341 -0.91 29.42 -13.23
CA ASP A 1341 -1.05 28.08 -13.80
C ASP A 1341 -0.32 27.96 -15.14
N GLY A 1342 0.83 28.62 -15.26
CA GLY A 1342 1.62 28.54 -16.48
C GLY A 1342 0.97 29.18 -17.69
N GLY A 1343 0.25 30.29 -17.50
CA GLY A 1343 -0.38 30.95 -18.62
C GLY A 1343 -1.46 30.15 -19.31
N CYS A 1344 -2.28 29.43 -18.55
CA CYS A 1344 -3.33 28.61 -19.16
C CYS A 1344 -4.50 29.45 -19.67
N VAL A 1345 -4.60 30.71 -19.25
CA VAL A 1345 -5.70 31.55 -19.69
C VAL A 1345 -5.63 31.80 -21.19
N LEU A 1346 -4.43 32.12 -21.69
CA LEU A 1346 -4.26 32.40 -23.12
C LEU A 1346 -4.39 31.12 -23.93
N SER A 1347 -4.90 31.27 -25.15
CA SER A 1347 -5.06 30.14 -26.05
C SER A 1347 -3.72 29.78 -26.68
N HIS A 1348 -3.69 28.62 -27.35
CA HIS A 1348 -2.48 28.18 -28.03
C HIS A 1348 -2.06 29.19 -29.11
N GLY A 1349 -3.03 29.66 -29.90
CA GLY A 1349 -2.73 30.71 -30.86
C GLY A 1349 -2.31 31.99 -30.20
N HIS A 1350 -2.98 32.36 -29.10
CA HIS A 1350 -2.58 33.54 -28.35
C HIS A 1350 -1.17 33.38 -27.78
N LYS A 1351 -0.84 32.20 -27.27
CA LYS A 1351 0.50 31.96 -26.75
C LYS A 1351 1.54 32.06 -27.86
N GLN A 1352 1.24 31.50 -29.04
CA GLN A 1352 2.16 31.61 -30.17
C GLN A 1352 2.35 33.07 -30.59
N LEU A 1353 1.26 33.85 -30.61
CA LEU A 1353 1.36 35.26 -30.94
C LEU A 1353 2.21 36.01 -29.91
N MET A 1354 2.03 35.68 -28.63
CA MET A 1354 2.84 36.32 -27.58
C MET A 1354 4.32 35.96 -27.75
N CYS A 1355 4.61 34.71 -28.08
CA CYS A 1355 6.00 34.30 -28.32
C CYS A 1355 6.58 35.04 -29.51
N LEU A 1356 5.79 35.18 -30.59
CA LEU A 1356 6.26 35.93 -31.75
C LEU A 1356 6.52 37.39 -31.41
N ALA A 1357 5.64 38.00 -30.61
CA ALA A 1357 5.85 39.39 -30.19
C ALA A 1357 7.09 39.52 -29.33
N ARG A 1358 7.32 38.56 -28.44
CA ARG A 1358 8.54 38.59 -27.62
C ARG A 1358 9.78 38.46 -28.49
N SER A 1359 9.74 37.58 -29.50
CA SER A 1359 10.86 37.47 -30.42
C SER A 1359 11.09 38.77 -31.18
N VAL A 1360 10.00 39.42 -31.60
CA VAL A 1360 10.11 40.71 -32.30
C VAL A 1360 10.72 41.76 -31.38
N LEU A 1361 10.39 41.72 -30.09
CA LEU A 1361 10.97 42.66 -29.13
C LEU A 1361 12.48 42.47 -29.04
N SER A 1362 12.95 41.22 -29.05
CA SER A 1362 14.39 40.96 -29.02
C SER A 1362 15.07 41.34 -30.32
N LYS A 1363 14.30 41.58 -31.38
CA LYS A 1363 14.84 41.97 -32.69
C LYS A 1363 15.83 40.92 -33.21
N ALA A 1364 15.42 39.65 -33.16
CA ALA A 1364 16.26 38.57 -33.65
C ALA A 1364 16.42 38.66 -35.16
N LYS A 1365 17.64 38.37 -35.63
CA LYS A 1365 17.94 38.42 -37.05
C LYS A 1365 17.31 37.28 -37.83
N ILE A 1366 16.96 36.18 -37.18
CA ILE A 1366 16.32 35.04 -37.83
C ILE A 1366 15.13 34.60 -37.00
N LEU A 1367 14.19 33.91 -37.66
CA LEU A 1367 12.97 33.41 -37.02
C LEU A 1367 12.71 32.00 -37.53
N LEU A 1368 13.23 31.01 -36.80
CA LEU A 1368 13.08 29.60 -37.18
C LEU A 1368 11.72 29.10 -36.68
N LEU A 1369 10.67 29.51 -37.39
CA LEU A 1369 9.32 29.11 -37.02
C LEU A 1369 9.13 27.62 -37.29
N ASP A 1370 8.58 26.91 -36.32
CA ASP A 1370 8.35 25.48 -36.42
C ASP A 1370 6.90 25.17 -36.05
N GLU A 1371 6.28 24.26 -36.81
CA GLU A 1371 4.90 23.83 -36.60
C GLU A 1371 3.97 25.02 -36.57
N PRO A 1372 3.92 25.84 -37.63
CA PRO A 1372 3.04 27.02 -37.60
C PRO A 1372 1.56 26.67 -37.51
N SER A 1373 1.07 25.84 -38.43
CA SER A 1373 -0.36 25.51 -38.46
C SER A 1373 -0.71 24.27 -37.66
N ALA A 1374 0.28 23.56 -37.11
CA ALA A 1374 -0.03 22.37 -36.32
C ALA A 1374 -0.79 22.71 -35.05
N HIS A 1375 -0.40 23.78 -34.37
CA HIS A 1375 -1.06 24.19 -33.13
C HIS A 1375 -1.99 25.37 -33.32
N LEU A 1376 -1.92 26.06 -34.46
CA LEU A 1376 -2.74 27.24 -34.69
C LEU A 1376 -4.08 26.87 -35.32
N ASP A 1377 -5.13 27.56 -34.89
CA ASP A 1377 -6.46 27.40 -35.47
C ASP A 1377 -6.48 28.07 -36.83
N PRO A 1378 -7.46 27.76 -37.69
CA PRO A 1378 -7.47 28.36 -39.04
C PRO A 1378 -7.48 29.88 -39.01
N VAL A 1379 -8.28 30.49 -38.14
CA VAL A 1379 -8.23 31.94 -37.97
C VAL A 1379 -6.90 32.35 -37.36
N THR A 1380 -6.43 31.61 -36.36
CA THR A 1380 -5.15 31.92 -35.75
C THR A 1380 -4.00 31.72 -36.72
N TYR A 1381 -4.04 30.64 -37.51
CA TYR A 1381 -2.97 30.40 -38.48
C TYR A 1381 -2.94 31.49 -39.55
N GLN A 1382 -4.10 31.90 -40.05
CA GLN A 1382 -4.14 32.96 -41.05
C GLN A 1382 -3.63 34.28 -40.49
N ILE A 1383 -4.03 34.61 -39.26
CA ILE A 1383 -3.56 35.85 -38.64
C ILE A 1383 -2.06 35.80 -38.42
N ILE A 1384 -1.54 34.66 -37.98
CA ILE A 1384 -0.11 34.52 -37.76
C ILE A 1384 0.65 34.66 -39.07
N ARG A 1385 0.15 34.03 -40.14
CA ARG A 1385 0.80 34.15 -41.43
C ARG A 1385 0.79 35.58 -41.94
N ARG A 1386 -0.35 36.28 -41.78
CA ARG A 1386 -0.42 37.67 -42.20
C ARG A 1386 0.55 38.55 -41.41
N THR A 1387 0.64 38.33 -40.09
CA THR A 1387 1.56 39.09 -39.27
C THR A 1387 3.01 38.82 -39.67
N LEU A 1388 3.35 37.55 -39.94
CA LEU A 1388 4.70 37.22 -40.36
C LEU A 1388 5.02 37.86 -41.71
N LYS A 1389 4.06 37.87 -42.63
CA LYS A 1389 4.27 38.50 -43.92
C LYS A 1389 4.43 40.01 -43.80
N GLN A 1390 3.68 40.66 -42.92
CA GLN A 1390 3.71 42.12 -42.81
C GLN A 1390 4.91 42.61 -42.00
N ALA A 1391 5.04 42.15 -40.76
CA ALA A 1391 6.07 42.67 -39.85
C ALA A 1391 7.38 41.89 -39.95
N PHE A 1392 7.31 40.57 -40.12
CA PHE A 1392 8.50 39.72 -40.14
C PHE A 1392 9.00 39.43 -41.55
N ALA A 1393 8.78 40.36 -42.49
CA ALA A 1393 9.19 40.12 -43.87
C ALA A 1393 10.69 40.20 -44.04
N ASP A 1394 11.37 40.97 -43.19
CA ASP A 1394 12.80 41.21 -43.31
C ASP A 1394 13.66 40.19 -42.57
N CYS A 1395 13.04 39.19 -41.95
CA CYS A 1395 13.75 38.17 -41.20
C CYS A 1395 13.93 36.91 -42.04
N THR A 1396 15.14 36.34 -41.98
CA THR A 1396 15.45 35.11 -42.73
C THR A 1396 14.80 33.92 -42.02
N VAL A 1397 13.49 33.80 -42.23
CA VAL A 1397 12.71 32.78 -41.54
C VAL A 1397 12.86 31.44 -42.25
N ILE A 1398 12.67 30.37 -41.48
CA ILE A 1398 12.67 29.02 -42.03
C ILE A 1398 11.52 28.24 -41.42
N LEU A 1399 10.42 28.13 -42.17
CA LEU A 1399 9.22 27.44 -41.68
C LEU A 1399 9.44 25.94 -41.72
N CYS A 1400 9.11 25.26 -40.63
CA CYS A 1400 9.22 23.81 -40.53
C CYS A 1400 7.82 23.22 -40.42
N GLU A 1401 7.47 22.35 -41.36
CA GLU A 1401 6.17 21.70 -41.38
C GLU A 1401 6.26 20.38 -42.13
N HIS A 1402 5.49 19.39 -41.68
CA HIS A 1402 5.49 18.10 -42.34
C HIS A 1402 4.91 18.19 -43.74
N ARG A 1403 3.85 18.97 -43.92
CA ARG A 1403 3.20 19.12 -45.21
C ARG A 1403 4.06 19.95 -46.15
N ILE A 1404 4.28 19.45 -47.36
CA ILE A 1404 5.08 20.17 -48.35
C ILE A 1404 4.36 21.44 -48.80
N GLU A 1405 3.04 21.39 -48.90
CA GLU A 1405 2.28 22.55 -49.38
C GLU A 1405 2.42 23.74 -48.44
N ALA A 1406 2.44 23.49 -47.12
CA ALA A 1406 2.56 24.58 -46.16
C ALA A 1406 3.88 25.33 -46.33
N MET A 1407 4.98 24.60 -46.53
CA MET A 1407 6.28 25.21 -46.71
C MET A 1407 6.54 25.65 -48.15
N LEU A 1408 5.61 25.38 -49.07
CA LEU A 1408 5.80 25.77 -50.47
C LEU A 1408 5.80 27.28 -50.67
N GLU A 1409 5.26 28.04 -49.70
CA GLU A 1409 5.23 29.49 -49.85
C GLU A 1409 6.62 30.10 -49.69
N CYS A 1410 7.52 29.42 -48.99
CA CYS A 1410 8.87 29.92 -48.80
C CYS A 1410 9.62 29.94 -50.12
N GLN A 1411 10.50 30.92 -50.29
CA GLN A 1411 11.27 31.04 -51.53
C GLN A 1411 12.17 29.83 -51.73
N GLN A 1412 13.12 29.62 -50.81
CA GLN A 1412 14.00 28.47 -50.90
C GLN A 1412 13.37 27.25 -50.24
N PHE A 1413 13.84 26.06 -50.64
CA PHE A 1413 13.34 24.80 -50.12
C PHE A 1413 14.55 23.96 -49.71
N LEU A 1414 14.95 24.09 -48.44
CA LEU A 1414 16.06 23.30 -47.91
C LEU A 1414 15.62 21.86 -47.67
N VAL A 1415 15.95 20.97 -48.60
CA VAL A 1415 15.53 19.59 -48.48
C VAL A 1415 16.27 18.91 -47.34
N ILE A 1416 15.71 17.81 -46.85
CA ILE A 1416 16.30 17.03 -45.77
C ILE A 1416 16.24 15.56 -46.11
N GLU A 1417 17.23 14.81 -45.65
CA GLU A 1417 17.28 13.37 -45.84
C GLU A 1417 18.12 12.76 -44.74
N GLU A 1418 18.02 11.44 -44.59
CA GLU A 1418 18.74 10.73 -43.53
C GLU A 1418 20.25 10.89 -43.71
N ASN A 1419 20.88 11.54 -42.75
CA ASN A 1419 22.33 11.74 -42.68
C ASN A 1419 22.87 12.58 -43.84
N LYS A 1420 22.01 13.28 -44.57
CA LYS A 1420 22.46 14.10 -45.70
C LYS A 1420 21.38 15.14 -45.99
N VAL A 1421 21.73 16.42 -45.85
CA VAL A 1421 20.78 17.50 -46.13
C VAL A 1421 20.80 17.81 -47.61
N ARG A 1422 19.79 17.32 -48.34
CA ARG A 1422 19.69 17.60 -49.76
C ARG A 1422 19.31 19.07 -49.97
N GLN A 1423 19.33 19.49 -51.24
CA GLN A 1423 19.06 20.89 -51.56
C GLN A 1423 18.36 20.97 -52.90
N TYR A 1424 17.26 21.72 -52.93
CA TYR A 1424 16.54 22.04 -54.17
C TYR A 1424 15.93 23.43 -53.97
N ASP A 1425 16.65 24.45 -54.43
CA ASP A 1425 16.25 25.83 -54.17
C ASP A 1425 15.01 26.23 -54.95
N SER A 1426 14.64 25.49 -55.99
CA SER A 1426 13.51 25.83 -56.83
C SER A 1426 12.50 24.70 -56.82
N ILE A 1427 11.21 25.08 -56.80
CA ILE A 1427 10.14 24.10 -56.83
C ILE A 1427 10.07 23.39 -58.17
N GLN A 1428 10.67 23.96 -59.22
CA GLN A 1428 10.72 23.31 -60.52
C GLN A 1428 11.44 21.97 -60.47
N LYS A 1429 12.39 21.82 -59.55
CA LYS A 1429 13.08 20.55 -59.34
C LYS A 1429 12.83 19.93 -57.98
N LEU A 1430 12.37 20.69 -56.99
CA LEU A 1430 12.12 20.11 -55.67
C LEU A 1430 10.97 19.12 -55.71
N LEU A 1431 9.87 19.50 -56.37
CA LEU A 1431 8.71 18.61 -56.45
C LEU A 1431 8.96 17.41 -57.37
N ASN A 1432 9.98 17.48 -58.22
CA ASN A 1432 10.27 16.40 -59.15
C ASN A 1432 11.37 15.45 -58.67
N GLU A 1433 12.29 15.93 -57.85
CA GLU A 1433 13.41 15.10 -57.41
C GLU A 1433 13.38 14.86 -55.90
N ARG A 1434 13.29 15.95 -55.13
CA ARG A 1434 13.31 15.82 -53.67
C ARG A 1434 12.08 15.07 -53.16
N SER A 1435 10.89 15.50 -53.59
CA SER A 1435 9.67 14.81 -53.19
C SER A 1435 9.28 13.70 -54.15
N LEU A 1436 9.96 13.57 -55.28
CA LEU A 1436 9.65 12.55 -56.26
C LEU A 1436 10.91 12.02 -56.94
N GLN B 13 -38.77 -20.57 23.84
CA GLN B 13 -38.91 -21.53 24.93
C GLN B 13 -40.36 -21.95 25.10
N GLU B 14 -40.66 -22.53 26.27
CA GLU B 14 -42.02 -22.95 26.62
C GLU B 14 -42.55 -23.99 25.64
N SER B 15 -43.10 -23.51 24.52
CA SER B 15 -43.70 -24.41 23.53
C SER B 15 -42.65 -25.36 22.96
N VAL B 16 -41.45 -24.86 22.70
CA VAL B 16 -40.40 -25.72 22.12
C VAL B 16 -40.01 -26.82 23.09
N LYS B 17 -39.83 -26.48 24.37
CA LYS B 17 -39.48 -27.50 25.36
C LYS B 17 -40.58 -28.54 25.52
N GLU B 18 -41.83 -28.10 25.55
CA GLU B 18 -42.95 -29.02 25.67
C GLU B 18 -43.03 -29.95 24.45
N PHE B 19 -42.82 -29.39 23.26
CA PHE B 19 -42.83 -30.20 22.04
C PHE B 19 -41.70 -31.23 22.07
N LEU B 20 -40.51 -30.81 22.50
CA LEU B 20 -39.40 -31.75 22.60
C LEU B 20 -39.67 -32.86 23.61
N ALA B 21 -40.25 -32.51 24.77
CA ALA B 21 -40.57 -33.52 25.76
C ALA B 21 -41.62 -34.49 25.25
N LYS B 22 -42.65 -33.99 24.57
CA LYS B 22 -43.67 -34.87 24.00
C LYS B 22 -43.08 -35.77 22.94
N ALA B 23 -42.19 -35.23 22.10
CA ALA B 23 -41.55 -36.05 21.07
C ALA B 23 -40.70 -37.15 21.69
N LYS B 24 -39.95 -36.81 22.75
CA LYS B 24 -39.14 -37.82 23.43
C LYS B 24 -40.02 -38.90 24.06
N GLU B 25 -41.12 -38.49 24.70
CA GLU B 25 -42.01 -39.46 25.31
C GLU B 25 -42.64 -40.39 24.26
N ASP B 26 -43.04 -39.84 23.12
CA ASP B 26 -43.59 -40.67 22.05
C ASP B 26 -42.53 -41.58 21.46
N PHE B 27 -41.30 -41.10 21.29
CA PHE B 27 -40.25 -41.91 20.69
C PHE B 27 -39.82 -43.04 21.63
N LEU B 28 -39.94 -42.84 22.94
CA LEU B 28 -39.61 -43.91 23.88
C LEU B 28 -40.51 -45.12 23.67
N LYS B 29 -41.81 -44.90 23.52
CA LYS B 29 -42.73 -46.00 23.28
C LYS B 29 -42.44 -46.70 21.95
N LYS B 30 -42.13 -45.91 20.91
CA LYS B 30 -41.81 -46.51 19.62
C LYS B 30 -40.54 -47.35 19.68
N TRP B 31 -39.52 -46.88 20.40
CA TRP B 31 -38.31 -47.67 20.58
C TRP B 31 -38.58 -48.91 21.42
N GLU B 32 -39.56 -48.83 22.32
CA GLU B 32 -39.91 -49.97 23.17
C GLU B 32 -40.54 -51.13 22.40
N ASN B 33 -41.33 -50.86 21.36
CA ASN B 33 -42.07 -51.89 20.64
C ASN B 33 -41.84 -51.75 19.13
N PRO B 34 -40.68 -52.18 18.64
CA PRO B 34 -40.45 -52.15 17.19
C PRO B 34 -41.11 -53.34 16.50
N ALA B 35 -41.51 -53.13 15.26
CA ALA B 35 -42.14 -54.19 14.47
C ALA B 35 -41.10 -54.92 13.62
N GLN B 36 -41.55 -55.99 12.97
CA GLN B 36 -40.67 -56.80 12.13
C GLN B 36 -41.49 -57.59 11.14
N ASN B 37 -40.95 -57.79 9.93
CA ASN B 37 -41.58 -58.58 8.87
C ASN B 37 -42.99 -58.08 8.57
N THR B 38 -43.09 -56.79 8.27
CA THR B 38 -44.39 -56.17 8.01
C THR B 38 -44.88 -56.40 6.59
N ALA B 39 -44.04 -56.91 5.70
CA ALA B 39 -44.45 -57.09 4.31
C ALA B 39 -43.62 -58.19 3.66
N HIS B 40 -44.14 -58.75 2.58
CA HIS B 40 -43.45 -59.74 1.77
C HIS B 40 -43.14 -59.18 0.39
N LEU B 41 -42.14 -59.76 -0.26
CA LEU B 41 -41.69 -59.30 -1.58
C LEU B 41 -42.62 -59.86 -2.66
N ASP B 42 -43.90 -59.49 -2.54
CA ASP B 42 -44.89 -59.93 -3.53
C ASP B 42 -45.88 -58.83 -3.91
N GLN B 43 -45.65 -57.59 -3.52
CA GLN B 43 -46.58 -56.49 -3.82
C GLN B 43 -45.82 -55.25 -4.24
N PHE B 44 -44.78 -55.42 -5.05
CA PHE B 44 -43.96 -54.30 -5.51
C PHE B 44 -43.62 -54.53 -6.97
N GLU B 45 -42.88 -53.57 -7.55
CA GLU B 45 -42.47 -53.62 -8.94
C GLU B 45 -40.96 -53.39 -9.03
N ARG B 46 -40.45 -53.41 -10.26
CA ARG B 46 -39.04 -53.23 -10.56
C ARG B 46 -38.87 -52.26 -11.72
N ILE B 47 -39.57 -51.11 -11.63
CA ILE B 47 -39.58 -50.16 -12.75
C ILE B 47 -38.18 -49.64 -13.04
N LYS B 48 -37.45 -49.22 -12.00
CA LYS B 48 -36.11 -48.69 -12.20
C LYS B 48 -35.33 -48.78 -10.90
N THR B 49 -34.02 -48.75 -11.02
CA THR B 49 -33.11 -48.76 -9.87
C THR B 49 -32.74 -47.31 -9.56
N LEU B 50 -33.23 -46.80 -8.43
CA LEU B 50 -32.94 -45.41 -8.06
C LEU B 50 -31.45 -45.19 -7.84
N GLY B 51 -30.79 -46.14 -7.17
CA GLY B 51 -29.37 -46.01 -6.90
C GLY B 51 -28.83 -47.15 -6.07
N THR B 52 -27.55 -47.47 -6.24
CA THR B 52 -26.93 -48.55 -5.49
C THR B 52 -26.53 -48.09 -4.10
N GLY B 53 -25.62 -47.12 -4.02
CA GLY B 53 -25.16 -46.61 -2.75
C GLY B 53 -23.85 -47.21 -2.28
N SER B 54 -23.66 -47.30 -0.97
CA SER B 54 -22.41 -47.80 -0.40
C SER B 54 -22.14 -49.24 -0.79
N PHE B 55 -23.01 -50.16 -0.39
CA PHE B 55 -22.82 -51.59 -0.65
C PHE B 55 -24.14 -52.29 -0.93
N GLY B 56 -25.20 -51.52 -1.21
CA GLY B 56 -26.51 -52.07 -1.45
C GLY B 56 -27.08 -51.62 -2.80
N ARG B 57 -28.40 -51.69 -2.88
CA ARG B 57 -29.14 -51.25 -4.06
C ARG B 57 -30.52 -50.79 -3.64
N VAL B 58 -31.04 -49.81 -4.39
CA VAL B 58 -32.38 -49.27 -4.14
C VAL B 58 -33.09 -49.14 -5.48
N MET B 59 -34.33 -49.61 -5.53
CA MET B 59 -35.12 -49.59 -6.75
C MET B 59 -36.47 -48.93 -6.48
N LEU B 60 -36.97 -48.23 -7.50
CA LEU B 60 -38.26 -47.56 -7.40
C LEU B 60 -39.37 -48.54 -7.70
N VAL B 61 -40.35 -48.63 -6.79
CA VAL B 61 -41.47 -49.55 -6.93
C VAL B 61 -42.76 -48.79 -6.61
N LYS B 62 -43.88 -49.40 -6.99
CA LYS B 62 -45.20 -48.84 -6.73
C LYS B 62 -46.05 -49.87 -6.01
N HIS B 63 -46.95 -49.39 -5.15
CA HIS B 63 -47.83 -50.28 -4.40
C HIS B 63 -48.80 -50.97 -5.35
N MET B 64 -48.75 -52.31 -5.38
CA MET B 64 -49.64 -53.05 -6.26
C MET B 64 -51.09 -52.87 -5.86
N GLU B 65 -51.39 -52.90 -4.56
CA GLU B 65 -52.77 -52.76 -4.12
C GLU B 65 -53.26 -51.32 -4.17
N THR B 66 -52.37 -50.36 -3.91
CA THR B 66 -52.75 -48.95 -3.83
C THR B 66 -52.41 -48.19 -5.10
N GLY B 67 -51.16 -48.21 -5.53
CA GLY B 67 -50.76 -47.47 -6.71
C GLY B 67 -49.70 -46.43 -6.40
N ASN B 68 -49.57 -46.04 -5.13
CA ASN B 68 -48.57 -45.07 -4.73
C ASN B 68 -47.18 -45.65 -4.86
N HIS B 69 -46.24 -44.84 -5.34
CA HIS B 69 -44.87 -45.28 -5.52
C HIS B 69 -44.12 -45.21 -4.19
N TYR B 70 -43.31 -46.24 -3.92
CA TYR B 70 -42.52 -46.29 -2.69
C TYR B 70 -41.13 -46.84 -3.01
N ALA B 71 -40.13 -46.27 -2.37
CA ALA B 71 -38.75 -46.70 -2.56
C ALA B 71 -38.47 -47.94 -1.72
N MET B 72 -37.75 -48.90 -2.30
CA MET B 72 -37.45 -50.17 -1.66
C MET B 72 -35.93 -50.33 -1.58
N LYS B 73 -35.42 -50.63 -0.38
CA LYS B 73 -34.00 -50.87 -0.21
C LYS B 73 -33.69 -52.37 -0.24
N ILE B 74 -32.48 -52.69 -0.67
CA ILE B 74 -32.03 -54.09 -0.76
C ILE B 74 -30.62 -54.16 -0.19
N LEU B 75 -30.38 -55.14 0.69
CA LEU B 75 -29.09 -55.36 1.29
C LEU B 75 -28.76 -56.84 1.27
N ASP B 76 -27.53 -57.17 0.90
CA ASP B 76 -27.10 -58.56 0.84
C ASP B 76 -26.74 -59.06 2.23
N LYS B 77 -27.26 -60.24 2.59
CA LYS B 77 -26.96 -60.81 3.91
C LYS B 77 -25.50 -61.18 4.04
N GLN B 78 -24.89 -61.73 2.99
CA GLN B 78 -23.49 -62.13 3.06
C GLN B 78 -22.58 -60.92 3.23
N LYS B 79 -22.91 -59.82 2.55
CA LYS B 79 -22.06 -58.62 2.62
C LYS B 79 -22.03 -58.04 4.04
N VAL B 80 -23.17 -58.08 4.74
CA VAL B 80 -23.24 -57.52 6.09
C VAL B 80 -22.28 -58.27 7.01
N VAL B 81 -22.28 -59.60 6.93
CA VAL B 81 -21.39 -60.40 7.77
C VAL B 81 -19.95 -60.22 7.33
N LYS B 82 -19.71 -60.22 6.02
CA LYS B 82 -18.34 -60.09 5.51
C LYS B 82 -17.73 -58.75 5.89
N LEU B 83 -18.51 -57.67 5.80
CA LEU B 83 -18.02 -56.34 6.16
C LEU B 83 -18.08 -56.06 7.65
N LYS B 84 -18.52 -57.05 8.45
CA LYS B 84 -18.67 -56.89 9.90
C LYS B 84 -19.60 -55.73 10.24
N GLN B 85 -20.63 -55.55 9.41
CA GLN B 85 -21.63 -54.49 9.59
C GLN B 85 -22.98 -55.15 9.80
N ILE B 86 -23.28 -55.49 11.06
CA ILE B 86 -24.54 -56.14 11.42
C ILE B 86 -25.32 -55.32 12.43
N GLU B 87 -24.66 -54.79 13.47
CA GLU B 87 -25.36 -54.01 14.47
C GLU B 87 -25.83 -52.66 13.92
N HIS B 88 -25.07 -52.09 12.97
CA HIS B 88 -25.41 -50.77 12.45
C HIS B 88 -26.75 -50.78 11.73
N THR B 89 -26.98 -51.77 10.86
CA THR B 89 -28.26 -51.84 10.15
C THR B 89 -29.40 -52.18 11.11
N LEU B 90 -29.14 -53.03 12.10
CA LEU B 90 -30.16 -53.35 13.09
C LEU B 90 -30.60 -52.11 13.85
N ASN B 91 -29.63 -51.27 14.25
CA ASN B 91 -29.98 -50.03 14.95
C ASN B 91 -30.62 -49.03 14.01
N GLU B 92 -30.19 -48.99 12.75
CA GLU B 92 -30.78 -48.06 11.78
C GLU B 92 -32.24 -48.38 11.52
N LYS B 93 -32.59 -49.67 11.48
CA LYS B 93 -33.98 -50.05 11.30
C LYS B 93 -34.85 -49.53 12.45
N ARG B 94 -34.38 -49.70 13.69
CA ARG B 94 -35.13 -49.19 14.84
C ARG B 94 -35.21 -47.67 14.81
N ILE B 95 -34.12 -47.00 14.43
CA ILE B 95 -34.12 -45.54 14.37
C ILE B 95 -35.12 -45.05 13.35
N LEU B 96 -35.17 -45.68 12.17
CA LEU B 96 -36.15 -45.31 11.16
C LEU B 96 -37.57 -45.60 11.62
N GLN B 97 -37.78 -46.73 12.30
CA GLN B 97 -39.11 -47.06 12.80
C GLN B 97 -39.54 -46.18 13.98
N ALA B 98 -38.60 -45.48 14.59
CA ALA B 98 -38.91 -44.62 15.75
C ALA B 98 -38.85 -43.13 15.45
N VAL B 99 -38.07 -42.72 14.45
CA VAL B 99 -37.95 -41.30 14.14
C VAL B 99 -39.24 -40.79 13.53
N ASN B 100 -39.64 -39.58 13.92
CA ASN B 100 -40.87 -38.97 13.41
C ASN B 100 -40.66 -37.47 13.37
N PHE B 101 -40.37 -36.93 12.19
CA PHE B 101 -40.17 -35.50 12.01
C PHE B 101 -40.41 -35.13 10.55
N PRO B 102 -40.78 -33.88 10.26
CA PRO B 102 -41.09 -33.51 8.87
C PRO B 102 -39.94 -33.67 7.90
N PHE B 103 -38.70 -33.64 8.36
CA PHE B 103 -37.53 -33.60 7.48
C PHE B 103 -36.84 -34.95 7.34
N LEU B 104 -37.51 -36.04 7.68
CA LEU B 104 -36.93 -37.38 7.61
C LEU B 104 -37.79 -38.28 6.73
N VAL B 105 -37.13 -39.18 6.01
CA VAL B 105 -37.85 -40.11 5.15
C VAL B 105 -38.68 -41.06 6.00
N LYS B 106 -39.94 -41.22 5.63
CA LYS B 106 -40.85 -42.07 6.39
C LYS B 106 -40.88 -43.47 5.82
N LEU B 107 -40.71 -44.46 6.69
CA LEU B 107 -40.73 -45.86 6.30
C LEU B 107 -42.12 -46.44 6.54
N GLU B 108 -42.63 -47.18 5.56
CA GLU B 108 -43.98 -47.73 5.61
C GLU B 108 -44.00 -49.19 6.04
N PHE B 109 -43.27 -50.06 5.35
CA PHE B 109 -43.28 -51.48 5.63
C PHE B 109 -41.88 -52.05 5.50
N SER B 110 -41.65 -53.17 6.17
CA SER B 110 -40.36 -53.85 6.14
C SER B 110 -40.57 -55.30 5.69
N PHE B 111 -39.55 -55.85 5.04
CA PHE B 111 -39.59 -57.21 4.53
C PHE B 111 -38.33 -57.96 4.96
N LYS B 112 -38.49 -59.27 5.16
CA LYS B 112 -37.37 -60.13 5.55
C LYS B 112 -37.46 -61.41 4.74
N ASP B 113 -36.46 -61.63 3.89
CA ASP B 113 -36.39 -62.81 3.03
C ASP B 113 -35.10 -63.56 3.29
N ASN B 114 -35.08 -64.83 2.90
CA ASN B 114 -33.91 -65.68 3.09
C ASN B 114 -32.74 -65.26 2.22
N SER B 115 -32.95 -64.40 1.24
CA SER B 115 -31.89 -63.94 0.34
C SER B 115 -31.44 -62.52 0.67
N ASN B 116 -32.37 -61.59 0.85
CA ASN B 116 -32.04 -60.21 1.13
C ASN B 116 -33.17 -59.57 1.94
N LEU B 117 -32.85 -58.46 2.59
CA LEU B 117 -33.81 -57.71 3.38
C LEU B 117 -34.31 -56.51 2.60
N TYR B 118 -35.59 -56.18 2.80
CA TYR B 118 -36.22 -55.09 2.07
C TYR B 118 -37.02 -54.22 3.03
N MET B 119 -37.19 -52.96 2.65
CA MET B 119 -37.97 -52.01 3.44
C MET B 119 -38.53 -50.95 2.51
N VAL B 120 -39.73 -50.47 2.82
CA VAL B 120 -40.42 -49.50 1.98
C VAL B 120 -40.28 -48.12 2.61
N MET B 121 -39.82 -47.16 1.82
CA MET B 121 -39.65 -45.78 2.27
C MET B 121 -40.28 -44.83 1.26
N GLU B 122 -40.72 -43.68 1.75
CA GLU B 122 -41.34 -42.68 0.89
C GLU B 122 -40.34 -42.14 -0.12
N TYR B 123 -40.82 -41.87 -1.33
CA TYR B 123 -39.95 -41.42 -2.42
C TYR B 123 -40.02 -39.91 -2.57
N VAL B 124 -38.86 -39.29 -2.74
CA VAL B 124 -38.73 -37.86 -3.00
C VAL B 124 -38.36 -37.68 -4.47
N PRO B 125 -39.20 -37.05 -5.29
CA PRO B 125 -38.90 -36.98 -6.72
C PRO B 125 -37.90 -35.90 -7.12
N GLY B 126 -37.39 -35.13 -6.16
CA GLY B 126 -36.46 -34.07 -6.49
C GLY B 126 -35.05 -34.49 -6.82
N GLY B 127 -34.65 -35.70 -6.44
CA GLY B 127 -33.31 -36.15 -6.71
C GLY B 127 -32.30 -35.67 -5.66
N GLU B 128 -31.06 -36.10 -5.86
CA GLU B 128 -29.99 -35.78 -4.94
C GLU B 128 -29.61 -34.30 -5.04
N MET B 129 -29.41 -33.67 -3.88
CA MET B 129 -28.98 -32.28 -3.86
C MET B 129 -27.54 -32.13 -4.33
N PHE B 130 -26.76 -33.21 -4.27
CA PHE B 130 -25.38 -33.15 -4.75
C PHE B 130 -25.33 -32.84 -6.24
N SER B 131 -26.21 -33.45 -7.02
CA SER B 131 -26.26 -33.17 -8.45
C SER B 131 -26.63 -31.72 -8.72
N HIS B 132 -27.60 -31.18 -7.97
CA HIS B 132 -27.99 -29.79 -8.14
C HIS B 132 -26.83 -28.86 -7.80
N LEU B 133 -26.13 -29.13 -6.70
CA LEU B 133 -24.98 -28.30 -6.34
C LEU B 133 -23.89 -28.38 -7.40
N ARG B 134 -23.63 -29.57 -7.93
CA ARG B 134 -22.56 -29.74 -8.91
C ARG B 134 -22.91 -29.05 -10.23
N ARG B 135 -24.15 -29.19 -10.70
CA ARG B 135 -24.54 -28.52 -11.93
C ARG B 135 -24.57 -27.01 -11.76
N ILE B 136 -25.19 -26.53 -10.69
CA ILE B 136 -25.24 -25.09 -10.42
C ILE B 136 -23.89 -24.55 -9.98
N GLY B 137 -23.04 -25.38 -9.39
CA GLY B 137 -21.74 -24.92 -8.94
C GLY B 137 -21.72 -24.40 -7.51
N ARG B 138 -22.50 -23.35 -7.24
CA ARG B 138 -22.57 -22.81 -5.89
C ARG B 138 -23.87 -22.05 -5.74
N PHE B 139 -24.34 -21.95 -4.50
CA PHE B 139 -25.57 -21.26 -4.18
C PHE B 139 -25.28 -19.83 -3.71
N SER B 140 -26.34 -19.01 -3.72
CA SER B 140 -26.27 -17.71 -3.08
C SER B 140 -26.38 -17.87 -1.55
N GLU B 141 -26.05 -16.80 -0.84
CA GLU B 141 -26.07 -16.87 0.62
C GLU B 141 -27.47 -17.14 1.19
N PRO B 142 -28.54 -16.44 0.79
CA PRO B 142 -29.86 -16.80 1.31
C PRO B 142 -30.27 -18.23 0.98
N HIS B 143 -29.91 -18.72 -0.21
CA HIS B 143 -30.23 -20.10 -0.57
C HIS B 143 -29.55 -21.09 0.36
N ALA B 144 -28.28 -20.85 0.69
CA ALA B 144 -27.57 -21.72 1.62
C ALA B 144 -28.17 -21.62 3.03
N ARG B 145 -28.55 -20.41 3.44
CA ARG B 145 -29.16 -20.23 4.75
C ARG B 145 -30.48 -21.00 4.85
N PHE B 146 -31.23 -21.04 3.75
CA PHE B 146 -32.52 -21.73 3.75
C PHE B 146 -32.34 -23.22 4.04
N TYR B 147 -31.24 -23.81 3.59
CA TYR B 147 -30.98 -25.21 3.87
C TYR B 147 -30.35 -25.39 5.24
N ALA B 148 -29.49 -24.45 5.64
CA ALA B 148 -28.83 -24.53 6.94
C ALA B 148 -29.86 -24.49 8.07
N ALA B 149 -30.92 -23.71 7.90
CA ALA B 149 -31.96 -23.66 8.93
C ALA B 149 -32.61 -25.01 9.14
N GLN B 150 -32.98 -25.69 8.05
CA GLN B 150 -33.59 -27.01 8.17
C GLN B 150 -32.62 -28.02 8.77
N ILE B 151 -31.36 -27.98 8.34
CA ILE B 151 -30.37 -28.91 8.87
C ILE B 151 -30.20 -28.70 10.37
N VAL B 152 -30.15 -27.44 10.81
CA VAL B 152 -30.00 -27.14 12.23
C VAL B 152 -31.22 -27.62 13.00
N LEU B 153 -32.42 -27.44 12.44
CA LEU B 153 -33.62 -27.91 13.13
C LEU B 153 -33.63 -29.42 13.29
N THR B 154 -33.32 -30.18 12.23
CA THR B 154 -33.34 -31.62 12.38
C THR B 154 -32.23 -32.11 13.29
N PHE B 155 -31.09 -31.42 13.31
CA PHE B 155 -30.03 -31.76 14.25
C PHE B 155 -30.45 -31.48 15.69
N GLU B 156 -31.19 -30.38 15.90
CA GLU B 156 -31.79 -30.13 17.21
C GLU B 156 -32.68 -31.28 17.65
N TYR B 157 -33.60 -31.70 16.78
CA TYR B 157 -34.52 -32.76 17.17
C TYR B 157 -33.77 -34.06 17.43
N LEU B 158 -32.77 -34.37 16.59
CA LEU B 158 -32.05 -35.62 16.72
C LEU B 158 -31.19 -35.64 17.98
N HIS B 159 -30.57 -34.51 18.32
CA HIS B 159 -29.82 -34.44 19.57
C HIS B 159 -30.75 -34.51 20.78
N SER B 160 -31.94 -33.93 20.67
CA SER B 160 -32.93 -34.07 21.74
C SER B 160 -33.36 -35.53 21.93
N LEU B 161 -33.15 -36.37 20.93
CA LEU B 161 -33.46 -37.80 21.01
C LEU B 161 -32.28 -38.63 21.48
N ASP B 162 -31.20 -37.99 21.91
CA ASP B 162 -30.01 -38.68 22.41
C ASP B 162 -29.43 -39.64 21.38
N LEU B 163 -29.30 -39.16 20.15
CA LEU B 163 -28.70 -39.93 19.06
C LEU B 163 -27.65 -39.10 18.33
N ILE B 164 -26.84 -39.78 17.53
CA ILE B 164 -25.75 -39.16 16.79
C ILE B 164 -25.87 -39.58 15.33
N TYR B 165 -25.84 -38.60 14.42
CA TYR B 165 -25.96 -38.89 13.00
C TYR B 165 -24.62 -39.34 12.42
N ARG B 166 -23.58 -38.51 12.57
CA ARG B 166 -22.19 -38.88 12.32
C ARG B 166 -21.88 -39.01 10.83
N ASP B 167 -22.90 -38.91 9.97
CA ASP B 167 -22.71 -39.07 8.52
C ASP B 167 -23.60 -38.03 7.82
N LEU B 168 -23.02 -36.89 7.49
CA LEU B 168 -23.73 -35.80 6.82
C LEU B 168 -22.90 -35.31 5.64
N LYS B 169 -23.23 -35.78 4.45
CA LYS B 169 -22.60 -35.37 3.20
C LYS B 169 -23.70 -35.03 2.20
N PRO B 170 -23.42 -34.15 1.23
CA PRO B 170 -24.50 -33.62 0.38
C PRO B 170 -25.30 -34.68 -0.37
N GLU B 171 -24.68 -35.76 -0.85
CA GLU B 171 -25.42 -36.73 -1.65
C GLU B 171 -26.45 -37.50 -0.83
N ASN B 172 -26.40 -37.38 0.50
CA ASN B 172 -27.38 -38.01 1.36
C ASN B 172 -28.55 -37.10 1.69
N LEU B 173 -28.68 -35.97 1.01
CA LEU B 173 -29.80 -35.06 1.21
C LEU B 173 -30.64 -35.01 -0.06
N LEU B 174 -31.95 -35.10 0.10
CA LEU B 174 -32.89 -35.12 -1.03
C LEU B 174 -33.81 -33.92 -0.97
N ILE B 175 -34.48 -33.66 -2.08
CA ILE B 175 -35.43 -32.56 -2.22
C ILE B 175 -36.79 -33.15 -2.58
N ASP B 176 -37.84 -32.58 -1.99
CA ASP B 176 -39.20 -33.02 -2.27
C ASP B 176 -39.89 -32.05 -3.22
N GLN B 177 -41.18 -32.28 -3.50
CA GLN B 177 -41.91 -31.43 -4.43
C GLN B 177 -42.02 -30.00 -3.92
N GLN B 178 -42.31 -29.82 -2.63
CA GLN B 178 -42.39 -28.48 -2.05
C GLN B 178 -41.06 -27.77 -2.01
N GLY B 179 -39.95 -28.49 -2.17
CA GLY B 179 -38.63 -27.90 -2.20
C GLY B 179 -37.84 -27.98 -0.91
N TYR B 180 -38.33 -28.70 0.09
CA TYR B 180 -37.64 -28.80 1.37
C TYR B 180 -36.72 -30.02 1.37
N ILE B 181 -35.72 -29.98 2.26
CA ILE B 181 -34.77 -31.08 2.36
C ILE B 181 -35.38 -32.23 3.17
N GLN B 182 -35.23 -33.44 2.65
CA GLN B 182 -35.56 -34.66 3.39
C GLN B 182 -34.26 -35.41 3.61
N VAL B 183 -33.96 -35.74 4.86
CA VAL B 183 -32.70 -36.38 5.20
C VAL B 183 -32.88 -37.89 5.26
N THR B 184 -32.00 -38.62 4.58
CA THR B 184 -32.06 -40.07 4.51
C THR B 184 -30.71 -40.65 4.92
N ASP B 185 -30.55 -41.95 4.70
CA ASP B 185 -29.30 -42.67 4.97
C ASP B 185 -28.92 -42.61 6.45
N PHE B 186 -29.79 -43.16 7.29
CA PHE B 186 -29.53 -43.26 8.73
C PHE B 186 -28.77 -44.52 9.11
N GLY B 187 -28.06 -45.15 8.16
CA GLY B 187 -27.37 -46.39 8.46
C GLY B 187 -26.29 -46.24 9.52
N PHE B 188 -25.62 -45.10 9.54
CA PHE B 188 -24.55 -44.86 10.50
C PHE B 188 -25.03 -44.17 11.77
N ALA B 189 -26.33 -43.91 11.90
CA ALA B 189 -26.86 -43.27 13.09
C ALA B 189 -26.77 -44.23 14.28
N LYS B 190 -26.34 -43.70 15.42
CA LYS B 190 -26.22 -44.49 16.64
C LYS B 190 -26.79 -43.70 17.81
N ARG B 191 -27.58 -44.37 18.65
CA ARG B 191 -28.13 -43.77 19.86
C ARG B 191 -27.11 -43.97 20.97
N VAL B 192 -26.25 -42.97 21.16
CA VAL B 192 -25.16 -43.04 22.12
C VAL B 192 -25.41 -42.01 23.22
N LYS B 193 -25.39 -42.46 24.46
CA LYS B 193 -25.51 -41.58 25.63
C LYS B 193 -24.13 -41.50 26.28
N GLY B 194 -23.40 -40.43 25.96
CA GLY B 194 -22.05 -40.28 26.44
C GLY B 194 -21.03 -40.18 25.33
N ARG B 195 -19.86 -40.76 25.54
CA ARG B 195 -18.77 -40.70 24.58
C ARG B 195 -18.75 -41.96 23.71
N THR B 196 -18.75 -41.75 22.40
CA THR B 196 -18.66 -42.83 21.43
C THR B 196 -17.19 -43.22 21.25
N TRP B 197 -16.93 -44.05 20.25
CA TRP B 197 -15.57 -44.53 20.02
C TRP B 197 -15.36 -45.07 18.61
N LEU B 199 -15.00 -45.56 14.73
CA LEU B 199 -14.51 -44.73 13.63
C LEU B 199 -15.17 -45.12 12.31
N CYS B 200 -15.77 -44.15 11.65
CA CYS B 200 -16.47 -44.37 10.38
C CYS B 200 -16.75 -43.02 9.75
N GLY B 201 -17.50 -43.04 8.65
CA GLY B 201 -17.93 -41.82 8.01
C GLY B 201 -17.19 -41.52 6.72
N THR B 202 -17.21 -40.24 6.36
CA THR B 202 -16.61 -39.72 5.14
C THR B 202 -15.35 -38.92 5.47
N PRO B 203 -14.27 -39.12 4.71
CA PRO B 203 -13.03 -38.38 5.01
C PRO B 203 -13.18 -36.86 4.94
N GLU B 204 -14.03 -36.35 4.04
CA GLU B 204 -14.17 -34.90 3.89
C GLU B 204 -14.71 -34.27 5.16
N TYR B 205 -15.72 -34.88 5.78
CA TYR B 205 -16.36 -34.32 6.97
C TYR B 205 -15.89 -34.98 8.26
N LEU B 206 -14.81 -35.77 8.21
CA LEU B 206 -14.27 -36.40 9.40
C LEU B 206 -13.74 -35.31 10.33
N ALA B 207 -14.41 -35.15 11.47
CA ALA B 207 -14.05 -34.08 12.40
C ALA B 207 -12.68 -34.32 13.00
N PRO B 208 -12.00 -33.27 13.46
CA PRO B 208 -10.68 -33.45 14.06
C PRO B 208 -10.68 -34.37 15.27
N GLU B 209 -11.77 -34.40 16.04
CA GLU B 209 -11.85 -35.30 17.18
C GLU B 209 -11.85 -36.76 16.74
N ILE B 210 -12.62 -37.08 15.70
CA ILE B 210 -12.70 -38.46 15.21
C ILE B 210 -11.40 -38.85 14.52
N ILE B 211 -10.72 -37.90 13.87
CA ILE B 211 -9.49 -38.22 13.16
C ILE B 211 -8.40 -38.65 14.12
N LEU B 212 -8.37 -38.06 15.32
CA LEU B 212 -7.35 -38.38 16.31
C LEU B 212 -7.63 -39.70 17.02
N SER B 213 -8.70 -40.41 16.66
CA SER B 213 -9.06 -41.69 17.26
C SER B 213 -9.28 -41.54 18.78
N LYS B 214 -10.23 -40.67 19.12
CA LYS B 214 -10.59 -40.42 20.50
C LYS B 214 -12.10 -40.46 20.64
N GLY B 215 -12.56 -40.50 21.89
CA GLY B 215 -13.99 -40.55 22.16
C GLY B 215 -14.74 -39.36 21.61
N TYR B 216 -15.52 -39.58 20.56
CA TYR B 216 -16.30 -38.53 19.91
C TYR B 216 -17.47 -38.16 20.79
N ASN B 217 -17.68 -36.85 20.93
CA ASN B 217 -18.79 -36.31 21.70
C ASN B 217 -19.95 -36.00 20.75
N LYS B 218 -20.98 -35.34 21.28
CA LYS B 218 -22.12 -34.95 20.47
C LYS B 218 -21.79 -33.86 19.47
N ALA B 219 -20.60 -33.26 19.55
CA ALA B 219 -20.25 -32.17 18.65
C ALA B 219 -19.55 -32.65 17.39
N VAL B 220 -19.53 -33.96 17.16
CA VAL B 220 -18.91 -34.48 15.94
C VAL B 220 -19.69 -34.06 14.70
N ASP B 221 -21.03 -34.01 14.80
CA ASP B 221 -21.84 -33.63 13.65
C ASP B 221 -21.81 -32.13 13.41
N TRP B 222 -21.43 -31.34 14.42
CA TRP B 222 -21.32 -29.90 14.22
C TRP B 222 -20.26 -29.56 13.18
N TRP B 223 -19.12 -30.27 13.22
CA TRP B 223 -18.12 -30.08 12.17
C TRP B 223 -18.66 -30.48 10.81
N ALA B 224 -19.50 -31.52 10.76
CA ALA B 224 -20.12 -31.90 9.49
C ALA B 224 -21.01 -30.80 8.95
N LEU B 225 -21.81 -30.17 9.82
CA LEU B 225 -22.63 -29.05 9.37
C LEU B 225 -21.77 -27.86 8.94
N GLY B 226 -20.68 -27.60 9.66
CA GLY B 226 -19.81 -26.49 9.28
C GLY B 226 -19.05 -26.74 7.99
N VAL B 227 -18.85 -28.00 7.62
CA VAL B 227 -18.23 -28.30 6.35
C VAL B 227 -19.25 -28.26 5.23
N LEU B 228 -20.48 -28.73 5.50
CA LEU B 228 -21.53 -28.70 4.49
C LEU B 228 -21.92 -27.28 4.14
N ILE B 229 -21.93 -26.38 5.13
CA ILE B 229 -22.24 -24.98 4.85
C ILE B 229 -21.22 -24.38 3.90
N TYR B 230 -19.93 -24.63 4.15
CA TYR B 230 -18.88 -24.11 3.28
C TYR B 230 -18.97 -24.73 1.89
N GLU B 231 -19.25 -26.03 1.82
CA GLU B 231 -19.35 -26.70 0.51
C GLU B 231 -20.52 -26.15 -0.29
N MET B 232 -21.64 -25.84 0.37
CA MET B 232 -22.79 -25.31 -0.34
C MET B 232 -22.58 -23.86 -0.73
N ALA B 233 -21.87 -23.08 0.09
CA ALA B 233 -21.73 -21.67 -0.19
C ALA B 233 -20.50 -21.35 -1.05
N ALA B 234 -19.64 -22.32 -1.32
CA ALA B 234 -18.45 -22.07 -2.11
C ALA B 234 -18.43 -22.82 -3.43
N GLY B 235 -18.73 -24.12 -3.42
CA GLY B 235 -18.67 -24.94 -4.61
C GLY B 235 -17.55 -25.96 -4.61
N TYR B 236 -16.58 -25.83 -3.72
CA TYR B 236 -15.52 -26.80 -3.53
C TYR B 236 -15.42 -27.12 -2.05
N PRO B 237 -14.99 -28.33 -1.69
CA PRO B 237 -14.86 -28.67 -0.28
C PRO B 237 -13.85 -27.75 0.40
N PRO B 238 -14.20 -27.19 1.56
CA PRO B 238 -13.25 -26.29 2.24
C PRO B 238 -11.95 -26.98 2.62
N PHE B 239 -11.98 -28.29 2.85
CA PHE B 239 -10.79 -29.09 3.11
C PHE B 239 -10.71 -30.18 2.04
N PHE B 240 -9.72 -30.07 1.16
CA PHE B 240 -9.57 -31.02 0.06
C PHE B 240 -8.11 -31.36 -0.13
N ALA B 241 -7.84 -32.57 -0.60
CA ALA B 241 -6.47 -33.03 -0.82
C ALA B 241 -6.51 -34.22 -1.78
N ASP B 242 -5.32 -34.59 -2.25
CA ASP B 242 -5.22 -35.69 -3.22
C ASP B 242 -5.50 -37.04 -2.56
N GLN B 243 -4.93 -37.27 -1.37
CA GLN B 243 -5.07 -38.57 -0.72
C GLN B 243 -5.71 -38.42 0.65
N PRO B 244 -6.43 -39.46 1.11
CA PRO B 244 -7.03 -39.37 2.46
C PRO B 244 -6.01 -39.18 3.57
N ILE B 245 -4.82 -39.77 3.43
CA ILE B 245 -3.77 -39.54 4.43
C ILE B 245 -3.34 -38.08 4.41
N GLN B 246 -3.14 -37.52 3.22
CA GLN B 246 -2.85 -36.09 3.12
C GLN B 246 -4.03 -35.25 3.57
N ILE B 247 -5.26 -35.68 3.25
CA ILE B 247 -6.44 -34.97 3.73
C ILE B 247 -6.52 -35.01 5.24
N TYR B 248 -6.10 -36.13 5.85
CA TYR B 248 -6.06 -36.20 7.31
C TYR B 248 -5.09 -35.17 7.88
N GLU B 249 -3.90 -35.04 7.27
CA GLU B 249 -2.95 -34.04 7.73
C GLU B 249 -3.49 -32.63 7.56
N LYS B 250 -4.17 -32.36 6.43
CA LYS B 250 -4.75 -31.05 6.21
C LYS B 250 -5.83 -30.73 7.24
N ILE B 251 -6.67 -31.72 7.58
CA ILE B 251 -7.70 -31.51 8.59
C ILE B 251 -7.06 -31.30 9.96
N VAL B 252 -5.97 -32.02 10.24
CA VAL B 252 -5.26 -31.85 11.51
C VAL B 252 -4.66 -30.45 11.60
N SER B 253 -4.20 -29.89 10.47
CA SER B 253 -3.67 -28.54 10.48
C SER B 253 -4.72 -27.53 10.90
N GLY B 254 -5.95 -27.68 10.41
CA GLY B 254 -7.03 -26.81 10.83
C GLY B 254 -6.96 -25.39 10.32
N LYS B 255 -6.25 -25.16 9.21
CA LYS B 255 -6.12 -23.83 8.61
C LYS B 255 -7.01 -23.77 7.38
N VAL B 256 -7.92 -22.80 7.34
CA VAL B 256 -8.89 -22.66 6.27
C VAL B 256 -8.60 -21.36 5.53
N ARG B 257 -8.68 -21.43 4.20
CA ARG B 257 -8.48 -20.27 3.33
C ARG B 257 -9.82 -19.90 2.70
N PHE B 258 -10.48 -18.90 3.29
CA PHE B 258 -11.78 -18.48 2.81
C PHE B 258 -11.67 -17.79 1.45
N PRO B 259 -12.70 -17.90 0.62
CA PRO B 259 -12.71 -17.14 -0.64
C PRO B 259 -12.94 -15.67 -0.38
N SER B 260 -12.97 -14.90 -1.48
CA SER B 260 -13.07 -13.45 -1.36
C SER B 260 -14.52 -12.99 -1.24
N HIS B 261 -15.44 -13.68 -1.91
CA HIS B 261 -16.83 -13.24 -1.94
C HIS B 261 -17.62 -13.64 -0.71
N PHE B 262 -16.99 -14.25 0.28
CA PHE B 262 -17.69 -14.61 1.51
C PHE B 262 -17.94 -13.37 2.36
N SER B 263 -19.15 -13.27 2.90
CA SER B 263 -19.50 -12.12 3.74
C SER B 263 -18.83 -12.22 5.10
N SER B 264 -18.85 -11.11 5.84
CA SER B 264 -18.24 -11.09 7.16
C SER B 264 -19.00 -11.95 8.16
N ASP B 265 -20.34 -11.91 8.14
CA ASP B 265 -21.13 -12.68 9.09
C ASP B 265 -20.92 -14.17 8.89
N LEU B 266 -20.92 -14.63 7.64
CA LEU B 266 -20.64 -16.03 7.37
C LEU B 266 -19.21 -16.38 7.74
N LYS B 267 -18.28 -15.44 7.53
CA LYS B 267 -16.89 -15.68 7.92
C LYS B 267 -16.76 -15.85 9.42
N ASP B 268 -17.61 -15.17 10.20
CA ASP B 268 -17.59 -15.34 11.65
C ASP B 268 -18.25 -16.66 12.04
N LEU B 269 -19.40 -16.97 11.44
CA LEU B 269 -20.13 -18.18 11.82
C LEU B 269 -19.32 -19.44 11.51
N LEU B 270 -18.67 -19.46 10.34
CA LEU B 270 -17.94 -20.66 9.93
C LEU B 270 -16.74 -20.92 10.84
N ARG B 271 -16.12 -19.86 11.36
CA ARG B 271 -14.95 -20.03 12.21
C ARG B 271 -15.30 -20.79 13.48
N ASN B 272 -16.43 -20.45 14.11
CA ASN B 272 -16.82 -21.13 15.34
C ASN B 272 -17.27 -22.57 15.08
N LEU B 273 -17.98 -22.80 13.97
CA LEU B 273 -18.45 -24.15 13.65
C LEU B 273 -17.34 -25.10 13.25
N LEU B 274 -16.13 -24.60 13.02
CA LEU B 274 -15.02 -25.42 12.56
C LEU B 274 -13.79 -25.33 13.45
N GLN B 275 -13.90 -24.71 14.62
CA GLN B 275 -12.75 -24.57 15.51
C GLN B 275 -12.31 -25.94 16.02
N VAL B 276 -10.99 -26.12 16.11
CA VAL B 276 -10.44 -27.40 16.57
C VAL B 276 -10.75 -27.59 18.05
N ASP B 277 -10.71 -26.52 18.83
CA ASP B 277 -10.94 -26.62 20.27
C ASP B 277 -12.36 -27.10 20.55
N LEU B 278 -12.45 -28.26 21.20
CA LEU B 278 -13.76 -28.83 21.50
C LEU B 278 -14.52 -27.98 22.51
N THR B 279 -13.80 -27.37 23.46
CA THR B 279 -14.45 -26.58 24.48
C THR B 279 -15.13 -25.34 23.89
N LYS B 280 -14.46 -24.67 22.94
CA LYS B 280 -14.97 -23.43 22.38
C LYS B 280 -15.74 -23.66 21.07
N ARG B 281 -15.94 -24.91 20.67
CA ARG B 281 -16.73 -25.19 19.48
C ARG B 281 -18.15 -24.68 19.65
N PHE B 282 -18.68 -24.05 18.60
CA PHE B 282 -20.02 -23.51 18.67
C PHE B 282 -21.03 -24.62 18.85
N GLY B 283 -22.14 -24.30 19.52
CA GLY B 283 -23.17 -25.28 19.77
C GLY B 283 -22.78 -26.37 20.73
N ASN B 284 -21.71 -26.18 21.50
CA ASN B 284 -21.33 -27.14 22.52
C ASN B 284 -20.97 -26.52 23.86
N LEU B 285 -20.57 -25.25 23.91
CA LEU B 285 -20.08 -24.66 25.15
C LEU B 285 -21.16 -24.60 26.22
N LYS B 286 -22.20 -23.79 26.01
CA LYS B 286 -23.22 -23.61 27.02
C LYS B 286 -24.63 -23.78 26.48
N ASN B 287 -24.87 -23.34 25.24
CA ASN B 287 -26.23 -23.22 24.73
C ASN B 287 -26.72 -24.45 23.98
N GLY B 288 -25.83 -25.24 23.39
CA GLY B 288 -26.24 -26.39 22.59
C GLY B 288 -26.60 -26.11 21.15
N VAL B 289 -27.68 -25.37 20.91
CA VAL B 289 -27.97 -24.85 19.57
C VAL B 289 -28.40 -23.40 19.68
N ASN B 290 -28.71 -22.96 20.90
CA ASN B 290 -29.26 -21.62 21.10
C ASN B 290 -28.29 -20.53 20.71
N ASP B 291 -26.98 -20.79 20.76
CA ASP B 291 -26.02 -19.81 20.27
C ASP B 291 -26.10 -19.68 18.75
N ILE B 292 -26.12 -20.81 18.04
CA ILE B 292 -26.20 -20.81 16.59
C ILE B 292 -27.54 -20.26 16.10
N LYS B 293 -28.63 -20.64 16.74
CA LYS B 293 -29.96 -20.20 16.30
C LYS B 293 -30.13 -18.69 16.46
N ASN B 294 -29.40 -18.09 17.40
CA ASN B 294 -29.51 -16.66 17.65
C ASN B 294 -28.42 -15.85 16.95
N HIS B 295 -27.61 -16.48 16.11
CA HIS B 295 -26.50 -15.77 15.48
C HIS B 295 -27.03 -14.76 14.46
N LYS B 296 -26.17 -13.78 14.13
CA LYS B 296 -26.58 -12.72 13.20
C LYS B 296 -26.83 -13.27 11.80
N TRP B 297 -26.08 -14.29 11.38
CA TRP B 297 -26.28 -14.87 10.06
C TRP B 297 -27.65 -15.51 9.92
N PHE B 298 -28.27 -15.91 11.02
CA PHE B 298 -29.61 -16.49 11.02
C PHE B 298 -30.67 -15.50 11.46
N ALA B 299 -30.34 -14.21 11.54
CA ALA B 299 -31.29 -13.22 12.06
C ALA B 299 -32.54 -13.15 11.21
N THR B 300 -32.38 -13.18 9.89
CA THR B 300 -33.53 -13.10 8.98
C THR B 300 -34.00 -14.51 8.64
N THR B 301 -34.73 -15.10 9.59
CA THR B 301 -35.24 -16.45 9.43
C THR B 301 -36.46 -16.62 10.32
N ASP B 302 -37.57 -17.07 9.75
CA ASP B 302 -38.79 -17.34 10.51
C ASP B 302 -38.81 -18.82 10.86
N TRP B 303 -38.24 -19.16 12.02
CA TRP B 303 -38.13 -20.56 12.41
C TRP B 303 -39.49 -21.18 12.67
N ILE B 304 -40.43 -20.41 13.22
CA ILE B 304 -41.79 -20.91 13.39
C ILE B 304 -42.40 -21.27 12.04
N ALA B 305 -42.19 -20.42 11.04
CA ALA B 305 -42.67 -20.72 9.69
C ALA B 305 -41.88 -21.85 9.05
N ILE B 306 -40.59 -21.95 9.35
CA ILE B 306 -39.78 -23.03 8.80
C ILE B 306 -40.26 -24.39 9.30
N TYR B 307 -40.59 -24.48 10.59
CA TYR B 307 -41.13 -25.72 11.13
C TYR B 307 -42.48 -26.06 10.52
N GLN B 308 -43.30 -25.05 10.22
CA GLN B 308 -44.62 -25.26 9.64
C GLN B 308 -44.60 -25.24 8.11
N ARG B 309 -43.43 -25.08 7.49
CA ARG B 309 -43.30 -25.02 6.03
C ARG B 309 -44.19 -23.94 5.44
N LYS B 310 -44.20 -22.78 6.09
CA LYS B 310 -45.04 -21.65 5.68
C LYS B 310 -44.29 -20.64 4.83
N VAL B 311 -43.05 -20.91 4.45
CA VAL B 311 -42.24 -20.01 3.64
C VAL B 311 -41.97 -20.69 2.29
N GLU B 312 -42.14 -19.93 1.22
CA GLU B 312 -41.96 -20.48 -0.12
C GLU B 312 -40.50 -20.85 -0.35
N ALA B 313 -40.26 -22.01 -0.95
CA ALA B 313 -38.90 -22.45 -1.22
C ALA B 313 -38.32 -21.65 -2.39
N PRO B 314 -37.07 -21.19 -2.28
CA PRO B 314 -36.46 -20.46 -3.41
C PRO B 314 -36.03 -21.36 -4.56
N PHE B 315 -36.38 -22.65 -4.54
CA PHE B 315 -36.00 -23.56 -5.61
C PHE B 315 -37.05 -24.66 -5.67
N ILE B 316 -37.58 -24.90 -6.87
CA ILE B 316 -38.53 -25.99 -7.09
C ILE B 316 -38.04 -26.83 -8.25
N PRO B 317 -37.56 -28.05 -8.00
CA PRO B 317 -37.18 -28.93 -9.11
C PRO B 317 -38.38 -29.29 -9.97
N LYS B 318 -38.12 -29.51 -11.26
CA LYS B 318 -39.19 -29.81 -12.21
C LYS B 318 -39.76 -31.19 -11.98
N PHE B 319 -40.96 -31.26 -11.40
CA PHE B 319 -41.64 -32.53 -11.20
C PHE B 319 -42.53 -32.84 -12.40
N LYS B 320 -42.44 -34.06 -12.91
CA LYS B 320 -43.17 -34.48 -14.10
C LYS B 320 -43.98 -35.74 -13.84
N GLY B 321 -44.66 -35.80 -12.70
CA GLY B 321 -45.52 -36.92 -12.39
C GLY B 321 -44.92 -37.86 -11.36
N PRO B 322 -45.77 -38.68 -10.73
CA PRO B 322 -45.26 -39.62 -9.72
C PRO B 322 -44.25 -40.62 -10.28
N GLY B 323 -44.42 -41.06 -11.52
CA GLY B 323 -43.50 -42.01 -12.12
C GLY B 323 -42.30 -41.42 -12.80
N ASP B 324 -42.15 -40.09 -12.77
CA ASP B 324 -41.04 -39.44 -13.44
C ASP B 324 -39.73 -39.74 -12.73
N THR B 325 -38.68 -40.00 -13.51
CA THR B 325 -37.34 -40.21 -12.98
C THR B 325 -36.33 -39.31 -13.70
N SER B 326 -36.76 -38.11 -14.09
CA SER B 326 -35.89 -37.21 -14.85
C SER B 326 -34.71 -36.73 -14.01
N ASN B 327 -34.99 -36.27 -12.78
CA ASN B 327 -33.92 -35.77 -11.92
C ASN B 327 -32.94 -36.87 -11.52
N PHE B 328 -33.46 -38.06 -11.22
CA PHE B 328 -32.60 -39.17 -10.84
C PHE B 328 -31.78 -39.67 -12.03
N ASP B 329 -30.58 -40.16 -11.73
CA ASP B 329 -29.71 -40.71 -12.77
C ASP B 329 -30.28 -42.01 -13.31
N ASP B 330 -29.95 -42.30 -14.56
CA ASP B 330 -30.41 -43.50 -15.25
C ASP B 330 -29.19 -44.38 -15.53
N TYR B 331 -29.12 -45.54 -14.87
CA TYR B 331 -28.01 -46.46 -15.06
C TYR B 331 -28.53 -47.88 -14.88
N GLU B 332 -28.88 -48.53 -16.00
CA GLU B 332 -29.25 -49.94 -16.04
C GLU B 332 -30.40 -50.28 -15.09
N GLU B 333 -30.59 -51.56 -14.84
CA GLU B 333 -31.61 -52.05 -13.92
C GLU B 333 -31.07 -53.29 -13.22
N GLU B 334 -31.95 -54.02 -12.54
CA GLU B 334 -31.56 -55.22 -11.82
C GLU B 334 -32.65 -56.27 -11.95
N GLU B 335 -32.28 -57.52 -11.72
CA GLU B 335 -33.22 -58.64 -11.80
C GLU B 335 -33.02 -59.60 -10.64
N GLY B 345 -28.77 -67.10 10.04
CA GLY B 345 -30.15 -66.87 10.44
C GLY B 345 -30.28 -66.25 11.81
N LYS B 346 -29.43 -66.66 12.74
CA LYS B 346 -29.46 -66.12 14.09
C LYS B 346 -28.94 -64.70 14.16
N GLU B 347 -28.24 -64.23 13.13
CA GLU B 347 -27.72 -62.87 13.14
C GLU B 347 -28.85 -61.84 13.17
N PHE B 348 -29.88 -62.06 12.37
CA PHE B 348 -31.04 -61.17 12.30
C PHE B 348 -32.27 -61.90 12.85
N SER B 349 -32.92 -61.33 13.86
CA SER B 349 -34.11 -61.91 14.44
C SER B 349 -35.20 -60.89 14.74
N GLU B 350 -34.97 -59.61 14.45
CA GLU B 350 -35.96 -58.56 14.72
C GLU B 350 -36.28 -57.76 13.47
N PHE B 351 -35.97 -58.29 12.29
CA PHE B 351 -36.24 -57.61 11.04
C PHE B 351 -37.53 -58.14 10.40
#